data_7KZL
# 
_entry.id   7KZL 
# 
_audit_conform.dict_name       mmcif_pdbx.dic 
_audit_conform.dict_version    5.397 
_audit_conform.dict_location   http://mmcif.pdb.org/dictionaries/ascii/mmcif_pdbx.dic 
# 
loop_
_database_2.database_id 
_database_2.database_code 
_database_2.pdbx_database_accession 
_database_2.pdbx_DOI 
PDB   7KZL         pdb_00007kzl 10.2210/pdb7kzl/pdb 
WWPDB D_1000245291 ?            ?                   
# 
loop_
_pdbx_audit_revision_history.ordinal 
_pdbx_audit_revision_history.data_content_type 
_pdbx_audit_revision_history.major_revision 
_pdbx_audit_revision_history.minor_revision 
_pdbx_audit_revision_history.revision_date 
1 'Structure model' 1 0 2020-12-23 
2 'Structure model' 1 1 2021-01-20 
3 'Structure model' 1 2 2021-02-03 
4 'Structure model' 2 0 2023-11-15 
5 'Structure model' 2 1 2024-04-03 
6 'Structure model' 2 2 2024-10-09 
# 
_pdbx_audit_revision_details.ordinal             1 
_pdbx_audit_revision_details.revision_ordinal    1 
_pdbx_audit_revision_details.data_content_type   'Structure model' 
_pdbx_audit_revision_details.provider            repository 
_pdbx_audit_revision_details.type                'Initial release' 
_pdbx_audit_revision_details.description         ? 
_pdbx_audit_revision_details.details             ? 
# 
loop_
_pdbx_audit_revision_group.ordinal 
_pdbx_audit_revision_group.revision_ordinal 
_pdbx_audit_revision_group.data_content_type 
_pdbx_audit_revision_group.group 
1 2 'Structure model' 'Database references'    
2 3 'Structure model' 'Database references'    
3 4 'Structure model' 'Atomic model'           
4 4 'Structure model' 'Data collection'        
5 4 'Structure model' 'Database references'    
6 4 'Structure model' 'Derived calculations'   
7 5 'Structure model' 'Refinement description' 
8 6 'Structure model' 'Structure summary'      
# 
loop_
_pdbx_audit_revision_category.ordinal 
_pdbx_audit_revision_category.revision_ordinal 
_pdbx_audit_revision_category.data_content_type 
_pdbx_audit_revision_category.category 
1  2 'Structure model' citation                       
2  2 'Structure model' citation_author                
3  3 'Structure model' citation                       
4  4 'Structure model' atom_site                      
5  4 'Structure model' chem_comp_atom                 
6  4 'Structure model' chem_comp_bond                 
7  4 'Structure model' database_2                     
8  4 'Structure model' pdbx_validate_main_chain_plane 
9  4 'Structure model' pdbx_validate_peptide_omega    
10 4 'Structure model' pdbx_validate_rmsd_angle       
11 4 'Structure model' struct_conn                    
12 5 'Structure model' pdbx_initial_refinement_model  
13 6 'Structure model' pdbx_entry_details             
14 6 'Structure model' pdbx_modification_feature      
# 
loop_
_pdbx_audit_revision_item.ordinal 
_pdbx_audit_revision_item.revision_ordinal 
_pdbx_audit_revision_item.data_content_type 
_pdbx_audit_revision_item.item 
1  2 'Structure model' '_citation.country'                            
2  2 'Structure model' '_citation.journal_abbrev'                     
3  2 'Structure model' '_citation.journal_id_ASTM'                    
4  2 'Structure model' '_citation.journal_id_CSD'                     
5  2 'Structure model' '_citation.journal_id_ISSN'                    
6  2 'Structure model' '_citation.pdbx_database_id_DOI'               
7  2 'Structure model' '_citation.pdbx_database_id_PubMed'            
8  2 'Structure model' '_citation.title'                              
9  2 'Structure model' '_citation.year'                               
10 3 'Structure model' '_citation.journal_volume'                     
11 3 'Structure model' '_citation.page_first'                         
12 3 'Structure model' '_citation.page_last'                          
13 4 'Structure model' '_atom_site.auth_atom_id'                      
14 4 'Structure model' '_atom_site.label_atom_id'                     
15 4 'Structure model' '_database_2.pdbx_DOI'                         
16 4 'Structure model' '_database_2.pdbx_database_accession'          
17 4 'Structure model' '_struct_conn.pdbx_leaving_atom_flag'          
18 4 'Structure model' '_struct_conn.ptnr1_label_atom_id'             
19 4 'Structure model' '_struct_conn.ptnr2_label_atom_id'             
20 6 'Structure model' '_pdbx_entry_details.has_protein_modification' 
# 
_pdbx_database_status.status_code                     REL 
_pdbx_database_status.status_code_sf                  REL 
_pdbx_database_status.status_code_mr                  ? 
_pdbx_database_status.entry_id                        7KZL 
_pdbx_database_status.recvd_initial_deposition_date   2020-12-10 
_pdbx_database_status.SG_entry                        N 
_pdbx_database_status.deposit_site                    RCSB 
_pdbx_database_status.process_site                    RCSB 
_pdbx_database_status.status_code_cs                  ? 
_pdbx_database_status.status_code_nmr_data            ? 
_pdbx_database_status.methods_development_category    ? 
_pdbx_database_status.pdb_format_compatible           Y 
# 
loop_
_audit_author.name 
_audit_author.pdbx_ordinal 
_audit_author.identifier_ORCID 
'Botos, I.'     1 ? 
'Appella, D.H.' 2 ? 
# 
_citation.abstract                  ? 
_citation.abstract_id_CAS           ? 
_citation.book_id_ISBN              ? 
_citation.book_publisher            ? 
_citation.book_publisher_city       ? 
_citation.book_title                ? 
_citation.coordinate_linkage        ? 
_citation.country                   UK 
_citation.database_id_Medline       ? 
_citation.details                   ? 
_citation.id                        primary 
_citation.journal_abbrev            'Nucleic Acids Res.' 
_citation.journal_id_ASTM           NARHAD 
_citation.journal_id_CSD            0389 
_citation.journal_id_ISSN           1362-4962 
_citation.journal_full              ? 
_citation.journal_issue             ? 
_citation.journal_volume            49 
_citation.language                  ? 
_citation.page_first                713 
_citation.page_last                 725 
_citation.title                     
'Conformational constraints of cyclopentane peptide nucleic acids facilitate tunable binding to DNA.' 
_citation.year                      2021 
_citation.database_id_CSD           ? 
_citation.pdbx_database_id_DOI      10.1093/nar/gkaa1249 
_citation.pdbx_database_id_PubMed   33406227 
_citation.unpublished_flag          ? 
# 
loop_
_citation_author.citation_id 
_citation_author.name 
_citation_author.ordinal 
_citation_author.identifier_ORCID 
primary 'Zheng, H.'         1 ? 
primary 'Botos, I.'         2 ? 
primary 'Clausse, V.'       3 ? 
primary 'Nikolayevskiy, H.' 4 ? 
primary 'Rastede, E.E.'     5 ? 
primary 'Fouz, M.F.'        6 ? 
primary 'Mazur, S.J.'       7 ? 
primary 'Appella, D.H.'     8 ? 
# 
loop_
_entity.id 
_entity.type 
_entity.src_method 
_entity.pdbx_description 
_entity.formula_weight 
_entity.pdbx_number_of_molecules 
_entity.pdbx_ec 
_entity.pdbx_mutation 
_entity.pdbx_fragment 
_entity.details 
1 polymer     syn 
;DNA (5'-D(*TP*AP*TP*CP*AP*CP*AP*TP*C)-3')
;
2674.787 1  ? ? ? ? 
2 polymer     syn XDJ-XDD-XDY-XDJ-XDY-XDJ-XDD-XDY-XDD-XDV     3021.119 1  ? ? ? ? 
3 non-polymer syn 'IODIDE ION'                                126.904  1  ? ? ? ? 
4 non-polymer syn 'ZINC ION'                                  65.409   6  ? ? ? ? 
5 non-polymer nat METHANOL                                    32.042   3  ? ? ? ? 
6 non-polymer syn 1,2-ETHANEDIOL                              62.068   1  ? ? ? ? 
7 water       nat water                                       18.015   97 ? ? ? ? 
# 
loop_
_entity_poly.entity_id 
_entity_poly.type 
_entity_poly.nstd_linkage 
_entity_poly.nstd_monomer 
_entity_poly.pdbx_seq_one_letter_code 
_entity_poly.pdbx_seq_one_letter_code_can 
_entity_poly.pdbx_strand_id 
_entity_poly.pdbx_target_identifier 
1 polydeoxyribonucleotide no no  '(DT)(DA)(DT)(DC)(DA)(DC)(DA)(DT)(DC)'               TATCACATC  A ? 
2 'polypeptide(L)'        no yes '(XDJ)(XDD)(XDY)(XDJ)(XDY)(XDJ)(XDD)(XDY)(XDD)(XDV)' XXXXXXXXXX B ? 
# 
loop_
_pdbx_entity_nonpoly.entity_id 
_pdbx_entity_nonpoly.name 
_pdbx_entity_nonpoly.comp_id 
3 'IODIDE ION'   IOD 
4 'ZINC ION'     ZN  
5 METHANOL       MOH 
6 1,2-ETHANEDIOL EDO 
7 water          HOH 
# 
loop_
_entity_poly_seq.entity_id 
_entity_poly_seq.num 
_entity_poly_seq.mon_id 
_entity_poly_seq.hetero 
1 1  DT  n 
1 2  DA  n 
1 3  DT  n 
1 4  DC  n 
1 5  DA  n 
1 6  DC  n 
1 7  DA  n 
1 8  DT  n 
1 9  DC  n 
2 1  XDJ n 
2 2  XDD n 
2 3  XDY n 
2 4  XDJ n 
2 5  XDY n 
2 6  XDJ n 
2 7  XDD n 
2 8  XDY n 
2 9  XDD n 
2 10 XDV n 
# 
loop_
_pdbx_entity_src_syn.entity_id 
_pdbx_entity_src_syn.pdbx_src_id 
_pdbx_entity_src_syn.pdbx_alt_source_flag 
_pdbx_entity_src_syn.pdbx_beg_seq_num 
_pdbx_entity_src_syn.pdbx_end_seq_num 
_pdbx_entity_src_syn.organism_scientific 
_pdbx_entity_src_syn.organism_common_name 
_pdbx_entity_src_syn.ncbi_taxonomy_id 
_pdbx_entity_src_syn.details 
1 1 sample ? ? 'synthetic construct' ? '32630 ' ? 
2 2 sample ? ? 'synthetic construct' ? '32630 ' ? 
# 
loop_
_chem_comp.id 
_chem_comp.type 
_chem_comp.mon_nstd_flag 
_chem_comp.name 
_chem_comp.pdbx_synonyms 
_chem_comp.formula 
_chem_comp.formula_weight 
DA  'DNA linking' y "2'-DEOXYADENOSINE-5'-MONOPHOSPHATE"                                                                 ? 
'C10 H14 N5 O6 P' 331.222 
DC  'DNA linking' y "2'-DEOXYCYTIDINE-5'-MONOPHOSPHATE"                                                                  ? 
'C9 H14 N3 O7 P'  307.197 
DT  'DNA linking' y "THYMIDINE-5'-MONOPHOSPHATE"                                                                         ? 
'C10 H15 N2 O8 P' 322.208 
EDO non-polymer   . 1,2-ETHANEDIOL                                                                                       
'ETHYLENE GLYCOL' 'C2 H6 O2'        62.068  
HOH non-polymer   . WATER                                                                                                ? 'H2 O' 
18.015  
IOD non-polymer   . 'IODIDE ION'                                                                                         ? 'I -1' 
126.904 
MOH non-polymer   . METHANOL                                                                                             ? 
'C H4 O'          32.042  
XDD peptide-like  . 'N-[(1S,2S)-2-aminocyclopentyl]-N-[(6-amino-9H-purin-9-yl)acetyl]glycine'                            ? 
'C14 H19 N7 O3'   333.346 
XDJ peptide-like  . 'N-[(1S,2S)-2-aminocyclopentyl]-N-[(2-amino-6-oxo-1,6-dihydro-9H-purin-9-yl)acetyl]glycine'          ? 
'C14 H19 N7 O4'   349.345 
XDV non-polymer   . '2-[2-(2-aminoethoxy)ethoxy]acetamide'                                                               ? 
'C6 H14 N2 O3'    162.187 
XDY peptide-like  . 'N-[(1S,2S)-2-aminocyclopentyl]-N-[(5-methyl-2,4-dioxo-3,4-dihydropyrimidin-1(2H)-yl)acetyl]glycine' ? 
'C14 H20 N4 O5'   324.332 
ZN  non-polymer   . 'ZINC ION'                                                                                           ? 'Zn 2' 
65.409  
# 
loop_
_pdbx_poly_seq_scheme.asym_id 
_pdbx_poly_seq_scheme.entity_id 
_pdbx_poly_seq_scheme.seq_id 
_pdbx_poly_seq_scheme.mon_id 
_pdbx_poly_seq_scheme.ndb_seq_num 
_pdbx_poly_seq_scheme.pdb_seq_num 
_pdbx_poly_seq_scheme.auth_seq_num 
_pdbx_poly_seq_scheme.pdb_mon_id 
_pdbx_poly_seq_scheme.auth_mon_id 
_pdbx_poly_seq_scheme.pdb_strand_id 
_pdbx_poly_seq_scheme.pdb_ins_code 
_pdbx_poly_seq_scheme.hetero 
A 1 1  DT  1  1  1  DT  Td  A . n 
A 1 2  DA  2  2  2  DA  Ad  A . n 
A 1 3  DT  3  3  3  DT  Td  A . n 
A 1 4  DC  4  4  4  DC  Cd  A . n 
A 1 5  DA  5  5  5  DA  Ad  A . n 
A 1 6  DC  6  6  6  DC  Cd  A . n 
A 1 7  DA  7  7  7  DA  Ad  A . n 
A 1 8  DT  8  8  8  DT  Td  A . n 
A 1 9  DC  9  9  9  DC  Cd  A . n 
B 2 1  XDJ 1  1  1  XDJ GP9 B . n 
B 2 2  XDD 2  2  2  XDD AP9 B . n 
B 2 3  XDY 3  3  3  XDY TP9 B . n 
B 2 4  XDJ 4  4  4  XDJ GP9 B . n 
B 2 5  XDY 5  5  5  XDY TP9 B . n 
B 2 6  XDJ 6  6  6  XDJ GP9 B . n 
B 2 7  XDD 7  7  7  XDD AP9 B . n 
B 2 8  XDY 8  8  8  XDY TP9 B . n 
B 2 9  XDD 9  9  9  XDD AP9 B . n 
B 2 10 XDV 10 10 10 XDV MP9 B . n 
# 
loop_
_pdbx_entity_instance_feature.ordinal 
_pdbx_entity_instance_feature.comp_id 
_pdbx_entity_instance_feature.asym_id 
_pdbx_entity_instance_feature.seq_num 
_pdbx_entity_instance_feature.auth_comp_id 
_pdbx_entity_instance_feature.auth_asym_id 
_pdbx_entity_instance_feature.auth_seq_num 
_pdbx_entity_instance_feature.feature_type 
_pdbx_entity_instance_feature.details 
1 XDD ? ? XDD ? ? 'SUBJECT OF INVESTIGATION' ? 
2 XDJ ? ? XDJ ? ? 'SUBJECT OF INVESTIGATION' ? 
3 XDV ? ? XDV ? ? 'SUBJECT OF INVESTIGATION' ? 
4 XDY ? ? XDY ? ? 'SUBJECT OF INVESTIGATION' ? 
# 
loop_
_pdbx_nonpoly_scheme.asym_id 
_pdbx_nonpoly_scheme.entity_id 
_pdbx_nonpoly_scheme.mon_id 
_pdbx_nonpoly_scheme.ndb_seq_num 
_pdbx_nonpoly_scheme.pdb_seq_num 
_pdbx_nonpoly_scheme.auth_seq_num 
_pdbx_nonpoly_scheme.pdb_mon_id 
_pdbx_nonpoly_scheme.auth_mon_id 
_pdbx_nonpoly_scheme.pdb_strand_id 
_pdbx_nonpoly_scheme.pdb_ins_code 
C 3 IOD 1  101 1   IOD IOD A . 
D 4 ZN  1  102 7   ZN  ZN  A . 
E 4 ZN  1  103 8   ZN  ZN  A . 
F 5 MOH 1  101 1   MOH MOH B . 
G 5 MOH 1  102 2   MOH MOH B . 
H 5 MOH 1  103 4   MOH MOH B . 
I 6 EDO 1  104 6   EDO EDO B . 
J 4 ZN  1  105 2   ZN  ZN  B . 
K 4 ZN  1  106 3   ZN  ZN  B . 
L 4 ZN  1  107 5   ZN  ZN  B . 
M 4 ZN  1  108 6   ZN  ZN  B . 
N 7 HOH 1  201 18  HOH HOH A . 
N 7 HOH 2  202 73  HOH HOH A . 
N 7 HOH 3  203 16  HOH HOH A . 
N 7 HOH 4  204 20  HOH HOH A . 
N 7 HOH 5  205 53  HOH HOH A . 
N 7 HOH 6  206 17  HOH HOH A . 
N 7 HOH 7  207 6   HOH HOH A . 
N 7 HOH 8  208 4   HOH HOH A . 
N 7 HOH 9  209 13  HOH HOH A . 
N 7 HOH 10 210 15  HOH HOH A . 
N 7 HOH 11 211 7   HOH HOH A . 
N 7 HOH 12 212 3   HOH HOH A . 
N 7 HOH 13 213 10  HOH HOH A . 
N 7 HOH 14 214 59  HOH HOH A . 
N 7 HOH 15 215 9   HOH HOH A . 
N 7 HOH 16 216 5   HOH HOH A . 
N 7 HOH 17 217 66  HOH HOH A . 
N 7 HOH 18 218 8   HOH HOH A . 
N 7 HOH 19 219 95  HOH HOH A . 
N 7 HOH 20 220 45  HOH HOH A . 
N 7 HOH 21 221 32  HOH HOH A . 
N 7 HOH 22 222 112 HOH HOH A . 
N 7 HOH 23 223 65  HOH HOH A . 
N 7 HOH 24 224 109 HOH HOH A . 
N 7 HOH 25 225 72  HOH HOH A . 
N 7 HOH 26 226 55  HOH HOH A . 
N 7 HOH 27 227 83  HOH HOH A . 
N 7 HOH 28 228 74  HOH HOH A . 
N 7 HOH 29 229 54  HOH HOH A . 
N 7 HOH 30 230 125 HOH HOH A . 
N 7 HOH 31 231 80  HOH HOH A . 
N 7 HOH 32 232 31  HOH HOH A . 
N 7 HOH 33 233 70  HOH HOH A . 
N 7 HOH 34 234 81  HOH HOH A . 
N 7 HOH 35 235 98  HOH HOH A . 
N 7 HOH 36 236 97  HOH HOH A . 
N 7 HOH 37 237 71  HOH HOH A . 
N 7 HOH 38 238 22  HOH HOH A . 
N 7 HOH 39 239 50  HOH HOH A . 
N 7 HOH 40 240 104 HOH HOH A . 
N 7 HOH 41 241 78  HOH HOH A . 
N 7 HOH 42 242 61  HOH HOH A . 
N 7 HOH 43 243 115 HOH HOH A . 
N 7 HOH 44 244 76  HOH HOH A . 
N 7 HOH 45 245 88  HOH HOH A . 
N 7 HOH 46 246 102 HOH HOH A . 
N 7 HOH 47 247 121 HOH HOH A . 
O 7 HOH 1  201 40  HOH HOH B . 
O 7 HOH 2  202 43  HOH HOH B . 
O 7 HOH 3  203 51  HOH HOH B . 
O 7 HOH 4  204 46  HOH HOH B . 
O 7 HOH 5  205 57  HOH HOH B . 
O 7 HOH 6  206 14  HOH HOH B . 
O 7 HOH 7  207 2   HOH HOH B . 
O 7 HOH 8  208 27  HOH HOH B . 
O 7 HOH 9  209 69  HOH HOH B . 
O 7 HOH 10 210 118 HOH HOH B . 
O 7 HOH 11 211 36  HOH HOH B . 
O 7 HOH 12 212 11  HOH HOH B . 
O 7 HOH 13 213 42  HOH HOH B . 
O 7 HOH 14 214 64  HOH HOH B . 
O 7 HOH 15 215 33  HOH HOH B . 
O 7 HOH 16 216 29  HOH HOH B . 
O 7 HOH 17 217 56  HOH HOH B . 
O 7 HOH 18 218 94  HOH HOH B . 
O 7 HOH 19 219 37  HOH HOH B . 
O 7 HOH 20 220 34  HOH HOH B . 
O 7 HOH 21 221 39  HOH HOH B . 
O 7 HOH 22 222 48  HOH HOH B . 
O 7 HOH 23 223 1   HOH HOH B . 
O 7 HOH 24 224 28  HOH HOH B . 
O 7 HOH 25 225 38  HOH HOH B . 
O 7 HOH 26 226 19  HOH HOH B . 
O 7 HOH 27 227 26  HOH HOH B . 
O 7 HOH 28 228 41  HOH HOH B . 
O 7 HOH 29 229 47  HOH HOH B . 
O 7 HOH 30 230 87  HOH HOH B . 
O 7 HOH 31 231 119 HOH HOH B . 
O 7 HOH 32 232 35  HOH HOH B . 
O 7 HOH 33 233 12  HOH HOH B . 
O 7 HOH 34 234 67  HOH HOH B . 
O 7 HOH 35 235 23  HOH HOH B . 
O 7 HOH 36 236 21  HOH HOH B . 
O 7 HOH 37 237 96  HOH HOH B . 
O 7 HOH 38 238 44  HOH HOH B . 
O 7 HOH 39 239 90  HOH HOH B . 
O 7 HOH 40 240 52  HOH HOH B . 
O 7 HOH 41 241 107 HOH HOH B . 
O 7 HOH 42 242 30  HOH HOH B . 
O 7 HOH 43 243 117 HOH HOH B . 
O 7 HOH 44 244 77  HOH HOH B . 
O 7 HOH 45 245 91  HOH HOH B . 
O 7 HOH 46 246 25  HOH HOH B . 
O 7 HOH 47 247 49  HOH HOH B . 
O 7 HOH 48 248 85  HOH HOH B . 
O 7 HOH 49 249 79  HOH HOH B . 
O 7 HOH 50 250 62  HOH HOH B . 
# 
_pdbx_unobs_or_zero_occ_atoms.id               1 
_pdbx_unobs_or_zero_occ_atoms.PDB_model_num    1 
_pdbx_unobs_or_zero_occ_atoms.polymer_flag     Y 
_pdbx_unobs_or_zero_occ_atoms.occupancy_flag   1 
_pdbx_unobs_or_zero_occ_atoms.auth_asym_id     A 
_pdbx_unobs_or_zero_occ_atoms.auth_comp_id     DT 
_pdbx_unobs_or_zero_occ_atoms.auth_seq_id      1 
_pdbx_unobs_or_zero_occ_atoms.PDB_ins_code     ? 
_pdbx_unobs_or_zero_occ_atoms.auth_atom_id     C7 
_pdbx_unobs_or_zero_occ_atoms.label_alt_id     ? 
_pdbx_unobs_or_zero_occ_atoms.label_asym_id    A 
_pdbx_unobs_or_zero_occ_atoms.label_comp_id    DT 
_pdbx_unobs_or_zero_occ_atoms.label_seq_id     1 
_pdbx_unobs_or_zero_occ_atoms.label_atom_id    C7 
# 
loop_
_software.citation_id 
_software.classification 
_software.compiler_name 
_software.compiler_version 
_software.contact_author 
_software.contact_author_email 
_software.date 
_software.description 
_software.dependencies 
_software.hardware 
_software.language 
_software.location 
_software.mods 
_software.name 
_software.os 
_software.os_version 
_software.type 
_software.version 
_software.pdbx_ordinal 
? refinement       ? ? ? ? ? ? ? ? ? ? ? PHENIX   ? ? ? 1.13_2998 1 
? 'data reduction' ? ? ? ? ? ? ? ? ? ? ? HKL-2000 ? ? ? .         2 
? 'data scaling'   ? ? ? ? ? ? ? ? ? ? ? HKL-2000 ? ? ? .         3 
? phasing          ? ? ? ? ? ? ? ? ? ? ? PHENIX   ? ? ? .         4 
# 
_cell.angle_alpha                  90.000 
_cell.angle_alpha_esd              ? 
_cell.angle_beta                   90.000 
_cell.angle_beta_esd               ? 
_cell.angle_gamma                  90.000 
_cell.angle_gamma_esd              ? 
_cell.entry_id                     7KZL 
_cell.details                      ? 
_cell.formula_units_Z              ? 
_cell.length_a                     54.704 
_cell.length_a_esd                 ? 
_cell.length_b                     54.704 
_cell.length_b_esd                 ? 
_cell.length_c                     39.633 
_cell.length_c_esd                 ? 
_cell.volume                       118602.847 
_cell.volume_esd                   ? 
_cell.Z_PDB                        8 
_cell.reciprocal_angle_alpha       ? 
_cell.reciprocal_angle_beta        ? 
_cell.reciprocal_angle_gamma       ? 
_cell.reciprocal_angle_alpha_esd   ? 
_cell.reciprocal_angle_beta_esd    ? 
_cell.reciprocal_angle_gamma_esd   ? 
_cell.reciprocal_length_a          ? 
_cell.reciprocal_length_b          ? 
_cell.reciprocal_length_c          ? 
_cell.reciprocal_length_a_esd      ? 
_cell.reciprocal_length_b_esd      ? 
_cell.reciprocal_length_c_esd      ? 
_cell.pdbx_unique_axis             ? 
# 
_symmetry.entry_id                         7KZL 
_symmetry.cell_setting                     ? 
_symmetry.Int_Tables_number                96 
_symmetry.space_group_name_Hall            'P 4nw 2abw' 
_symmetry.space_group_name_H-M             'P 43 21 2' 
_symmetry.pdbx_full_space_group_name_H-M   ? 
# 
_exptl.absorpt_coefficient_mu     ? 
_exptl.absorpt_correction_T_max   ? 
_exptl.absorpt_correction_T_min   ? 
_exptl.absorpt_correction_type    ? 
_exptl.absorpt_process_details    ? 
_exptl.entry_id                   7KZL 
_exptl.crystals_number            1 
_exptl.details                    ? 
_exptl.method                     'X-RAY DIFFRACTION' 
_exptl.method_details             ? 
# 
_exptl_crystal.colour                      ? 
_exptl_crystal.density_diffrn              ? 
_exptl_crystal.density_Matthews            2.60 
_exptl_crystal.density_method              ? 
_exptl_crystal.density_percent_sol         52.74 
_exptl_crystal.description                 ? 
_exptl_crystal.F_000                       ? 
_exptl_crystal.id                          1 
_exptl_crystal.preparation                 ? 
_exptl_crystal.size_max                    ? 
_exptl_crystal.size_mid                    ? 
_exptl_crystal.size_min                    ? 
_exptl_crystal.size_rad                    ? 
_exptl_crystal.colour_lustre               ? 
_exptl_crystal.colour_modifier             ? 
_exptl_crystal.colour_primary              ? 
_exptl_crystal.density_meas                ? 
_exptl_crystal.density_meas_esd            ? 
_exptl_crystal.density_meas_gt             ? 
_exptl_crystal.density_meas_lt             ? 
_exptl_crystal.density_meas_temp           ? 
_exptl_crystal.density_meas_temp_esd       ? 
_exptl_crystal.density_meas_temp_gt        ? 
_exptl_crystal.density_meas_temp_lt        ? 
_exptl_crystal.pdbx_crystal_image_url      ? 
_exptl_crystal.pdbx_crystal_image_format   ? 
_exptl_crystal.pdbx_mosaicity              ? 
_exptl_crystal.pdbx_mosaicity_esd          ? 
# 
_exptl_crystal_grow.apparatus       ? 
_exptl_crystal_grow.atmosphere      ? 
_exptl_crystal_grow.crystal_id      1 
_exptl_crystal_grow.details         ? 
_exptl_crystal_grow.method          'VAPOR DIFFUSION, HANGING DROP' 
_exptl_crystal_grow.method_ref      ? 
_exptl_crystal_grow.pH              6.0 
_exptl_crystal_grow.pressure        ? 
_exptl_crystal_grow.pressure_esd    ? 
_exptl_crystal_grow.seeding         ? 
_exptl_crystal_grow.seeding_ref     ? 
_exptl_crystal_grow.temp            295 
_exptl_crystal_grow.temp_details    ? 
_exptl_crystal_grow.temp_esd        ? 
_exptl_crystal_grow.time            ? 
_exptl_crystal_grow.pdbx_details    '100mM MES, 15% ethanol, 200mM Zinc acetate' 
_exptl_crystal_grow.pdbx_pH_range   ? 
# 
_diffrn.ambient_environment              ? 
_diffrn.ambient_temp                     90 
_diffrn.ambient_temp_details             ? 
_diffrn.ambient_temp_esd                 ? 
_diffrn.crystal_id                       1 
_diffrn.crystal_support                  ? 
_diffrn.crystal_treatment                ? 
_diffrn.details                          ? 
_diffrn.id                               1 
_diffrn.ambient_pressure                 ? 
_diffrn.ambient_pressure_esd             ? 
_diffrn.ambient_pressure_gt              ? 
_diffrn.ambient_pressure_lt              ? 
_diffrn.ambient_temp_gt                  ? 
_diffrn.ambient_temp_lt                  ? 
_diffrn.pdbx_serial_crystal_experiment   N 
# 
_diffrn_detector.details                      ? 
_diffrn_detector.detector                     CCD 
_diffrn_detector.diffrn_id                    1 
_diffrn_detector.type                         'RAYONIX MX300-HS' 
_diffrn_detector.area_resol_mean              ? 
_diffrn_detector.dtime                        ? 
_diffrn_detector.pdbx_frames_total            ? 
_diffrn_detector.pdbx_collection_time_total   ? 
_diffrn_detector.pdbx_collection_date         2017-12-16 
_diffrn_detector.pdbx_frequency               ? 
# 
_diffrn_radiation.collimation                      ? 
_diffrn_radiation.diffrn_id                        1 
_diffrn_radiation.filter_edge                      ? 
_diffrn_radiation.inhomogeneity                    ? 
_diffrn_radiation.monochromator                    ? 
_diffrn_radiation.polarisn_norm                    ? 
_diffrn_radiation.polarisn_ratio                   ? 
_diffrn_radiation.probe                            ? 
_diffrn_radiation.type                             ? 
_diffrn_radiation.xray_symbol                      ? 
_diffrn_radiation.wavelength_id                    1 
_diffrn_radiation.pdbx_monochromatic_or_laue_m_l   M 
_diffrn_radiation.pdbx_wavelength_list             ? 
_diffrn_radiation.pdbx_wavelength                  ? 
_diffrn_radiation.pdbx_diffrn_protocol             'SINGLE WAVELENGTH' 
_diffrn_radiation.pdbx_analyzer                    ? 
_diffrn_radiation.pdbx_scattering_type             x-ray 
# 
_diffrn_radiation_wavelength.id           1 
_diffrn_radiation_wavelength.wavelength   1.0000 
_diffrn_radiation_wavelength.wt           1.0 
# 
_diffrn_source.current                     ? 
_diffrn_source.details                     ? 
_diffrn_source.diffrn_id                   1 
_diffrn_source.power                       ? 
_diffrn_source.size                        ? 
_diffrn_source.source                      SYNCHROTRON 
_diffrn_source.target                      ? 
_diffrn_source.type                        'APS BEAMLINE 22-ID' 
_diffrn_source.voltage                     ? 
_diffrn_source.take-off_angle              ? 
_diffrn_source.pdbx_wavelength_list        1.0000 
_diffrn_source.pdbx_wavelength             ? 
_diffrn_source.pdbx_synchrotron_beamline   22-ID 
_diffrn_source.pdbx_synchrotron_site       APS 
# 
_reflns.B_iso_Wilson_estimate            13.48 
_reflns.entry_id                         7KZL 
_reflns.data_reduction_details           ? 
_reflns.data_reduction_method            ? 
_reflns.d_resolution_high                1.3 
_reflns.d_resolution_low                 32.09 
_reflns.details                          ? 
_reflns.limit_h_max                      ? 
_reflns.limit_h_min                      ? 
_reflns.limit_k_max                      ? 
_reflns.limit_k_min                      ? 
_reflns.limit_l_max                      ? 
_reflns.limit_l_min                      ? 
_reflns.number_all                       ? 
_reflns.number_obs                       28269 
_reflns.observed_criterion               ? 
_reflns.observed_criterion_F_max         ? 
_reflns.observed_criterion_F_min         ? 
_reflns.observed_criterion_I_max         ? 
_reflns.observed_criterion_I_min         ? 
_reflns.observed_criterion_sigma_F       ? 
_reflns.observed_criterion_sigma_I       ? 
_reflns.percent_possible_obs             99.8 
_reflns.R_free_details                   ? 
_reflns.Rmerge_F_all                     ? 
_reflns.Rmerge_F_obs                     ? 
_reflns.Friedel_coverage                 ? 
_reflns.number_gt                        ? 
_reflns.threshold_expression             ? 
_reflns.pdbx_redundancy                  18.4 
_reflns.pdbx_Rmerge_I_obs                0.07 
_reflns.pdbx_Rmerge_I_all                ? 
_reflns.pdbx_Rsym_value                  ? 
_reflns.pdbx_netI_over_av_sigmaI         ? 
_reflns.pdbx_netI_over_sigmaI            35.4 
_reflns.pdbx_res_netI_over_av_sigmaI_2   ? 
_reflns.pdbx_res_netI_over_sigmaI_2      ? 
_reflns.pdbx_chi_squared                 ? 
_reflns.pdbx_scaling_rejects             ? 
_reflns.pdbx_d_res_high_opt              ? 
_reflns.pdbx_d_res_low_opt               ? 
_reflns.pdbx_d_res_opt_method            ? 
_reflns.phase_calculation_details        ? 
_reflns.pdbx_Rrim_I_all                  ? 
_reflns.pdbx_Rpim_I_all                  ? 
_reflns.pdbx_d_opt                       ? 
_reflns.pdbx_number_measured_all         ? 
_reflns.pdbx_diffrn_id                   1 
_reflns.pdbx_ordinal                     1 
_reflns.pdbx_CC_half                     0.99 
_reflns.pdbx_CC_star                     ? 
_reflns.pdbx_R_split                     ? 
# 
_reflns_shell.d_res_high                  1.3 
_reflns_shell.d_res_low                   1.34 
_reflns_shell.meanI_over_sigI_all         ? 
_reflns_shell.meanI_over_sigI_obs         8.2 
_reflns_shell.number_measured_all         ? 
_reflns_shell.number_measured_obs         ? 
_reflns_shell.number_possible             ? 
_reflns_shell.number_unique_all           ? 
_reflns_shell.number_unique_obs           2597 
_reflns_shell.percent_possible_all        ? 
_reflns_shell.percent_possible_obs        ? 
_reflns_shell.Rmerge_F_all                ? 
_reflns_shell.Rmerge_F_obs                ? 
_reflns_shell.Rmerge_I_all                ? 
_reflns_shell.Rmerge_I_obs                0.40 
_reflns_shell.meanI_over_sigI_gt          ? 
_reflns_shell.meanI_over_uI_all           ? 
_reflns_shell.meanI_over_uI_gt            ? 
_reflns_shell.number_measured_gt          ? 
_reflns_shell.number_unique_gt            ? 
_reflns_shell.percent_possible_gt         ? 
_reflns_shell.Rmerge_F_gt                 ? 
_reflns_shell.Rmerge_I_gt                 ? 
_reflns_shell.pdbx_redundancy             ? 
_reflns_shell.pdbx_Rsym_value             ? 
_reflns_shell.pdbx_chi_squared            ? 
_reflns_shell.pdbx_netI_over_sigmaI_all   ? 
_reflns_shell.pdbx_netI_over_sigmaI_obs   ? 
_reflns_shell.pdbx_Rrim_I_all             ? 
_reflns_shell.pdbx_Rpim_I_all             ? 
_reflns_shell.pdbx_rejects                ? 
_reflns_shell.pdbx_ordinal                1 
_reflns_shell.pdbx_diffrn_id              1 
_reflns_shell.pdbx_CC_half                0.96 
_reflns_shell.pdbx_CC_star                ? 
_reflns_shell.pdbx_R_split                ? 
# 
_refine.aniso_B[1][1]                            ? 
_refine.aniso_B[1][2]                            ? 
_refine.aniso_B[1][3]                            ? 
_refine.aniso_B[2][2]                            ? 
_refine.aniso_B[2][3]                            ? 
_refine.aniso_B[3][3]                            ? 
_refine.B_iso_max                                ? 
_refine.B_iso_mean                               18.38 
_refine.B_iso_min                                ? 
_refine.correlation_coeff_Fo_to_Fc               ? 
_refine.correlation_coeff_Fo_to_Fc_free          ? 
_refine.details                                  ? 
_refine.diff_density_max                         ? 
_refine.diff_density_max_esd                     ? 
_refine.diff_density_min                         ? 
_refine.diff_density_min_esd                     ? 
_refine.diff_density_rms                         ? 
_refine.diff_density_rms_esd                     ? 
_refine.entry_id                                 7KZL 
_refine.pdbx_refine_id                           'X-RAY DIFFRACTION' 
_refine.ls_abs_structure_details                 ? 
_refine.ls_abs_structure_Flack                   ? 
_refine.ls_abs_structure_Flack_esd               ? 
_refine.ls_abs_structure_Rogers                  ? 
_refine.ls_abs_structure_Rogers_esd              ? 
_refine.ls_d_res_high                            1.30 
_refine.ls_d_res_low                             32.09 
_refine.ls_extinction_coef                       ? 
_refine.ls_extinction_coef_esd                   ? 
_refine.ls_extinction_expression                 ? 
_refine.ls_extinction_method                     ? 
_refine.ls_goodness_of_fit_all                   ? 
_refine.ls_goodness_of_fit_all_esd               ? 
_refine.ls_goodness_of_fit_obs                   ? 
_refine.ls_goodness_of_fit_obs_esd               ? 
_refine.ls_hydrogen_treatment                    ? 
_refine.ls_matrix_type                           ? 
_refine.ls_number_constraints                    ? 
_refine.ls_number_parameters                     ? 
_refine.ls_number_reflns_all                     ? 
_refine.ls_number_reflns_obs                     28269 
_refine.ls_number_reflns_R_free                  1420 
_refine.ls_number_reflns_R_work                  26849 
_refine.ls_number_restraints                     ? 
_refine.ls_percent_reflns_obs                    99.66 
_refine.ls_percent_reflns_R_free                 5.02 
_refine.ls_R_factor_all                          ? 
_refine.ls_R_factor_obs                          0.1728 
_refine.ls_R_factor_R_free                       0.1885 
_refine.ls_R_factor_R_free_error                 ? 
_refine.ls_R_factor_R_free_error_details         ? 
_refine.ls_R_factor_R_work                       0.1719 
_refine.ls_R_Fsqd_factor_obs                     ? 
_refine.ls_R_I_factor_obs                        ? 
_refine.ls_redundancy_reflns_all                 ? 
_refine.ls_redundancy_reflns_obs                 ? 
_refine.ls_restrained_S_all                      ? 
_refine.ls_restrained_S_obs                      ? 
_refine.ls_shift_over_esd_max                    ? 
_refine.ls_shift_over_esd_mean                   ? 
_refine.ls_structure_factor_coef                 ? 
_refine.ls_weighting_details                     ? 
_refine.ls_weighting_scheme                      ? 
_refine.ls_wR_factor_all                         ? 
_refine.ls_wR_factor_obs                         ? 
_refine.ls_wR_factor_R_free                      ? 
_refine.ls_wR_factor_R_work                      ? 
_refine.occupancy_max                            ? 
_refine.occupancy_min                            ? 
_refine.solvent_model_details                    'FLAT BULK SOLVENT MODEL' 
_refine.solvent_model_param_bsol                 ? 
_refine.solvent_model_param_ksol                 ? 
_refine.pdbx_R_complete                          ? 
_refine.ls_R_factor_gt                           ? 
_refine.ls_goodness_of_fit_gt                    ? 
_refine.ls_goodness_of_fit_ref                   ? 
_refine.ls_shift_over_su_max                     ? 
_refine.ls_shift_over_su_max_lt                  ? 
_refine.ls_shift_over_su_mean                    ? 
_refine.ls_shift_over_su_mean_lt                 ? 
_refine.pdbx_ls_sigma_I                          ? 
_refine.pdbx_ls_sigma_F                          1.35 
_refine.pdbx_ls_sigma_Fsqd                       ? 
_refine.pdbx_data_cutoff_high_absF               ? 
_refine.pdbx_data_cutoff_high_rms_absF           ? 
_refine.pdbx_data_cutoff_low_absF                ? 
_refine.pdbx_isotropic_thermal_model             ? 
_refine.pdbx_ls_cross_valid_method               'FREE R-VALUE' 
_refine.pdbx_method_to_determine_struct          'MOLECULAR REPLACEMENT' 
_refine.pdbx_starting_model                      I-SAD 
_refine.pdbx_stereochemistry_target_values       'GeoStd + Monomer Library' 
_refine.pdbx_R_Free_selection_details            ? 
_refine.pdbx_stereochem_target_val_spec_case     ? 
_refine.pdbx_overall_ESU_R                       ? 
_refine.pdbx_overall_ESU_R_Free                  ? 
_refine.pdbx_solvent_vdw_probe_radii             1.1100 
_refine.pdbx_solvent_ion_probe_radii             ? 
_refine.pdbx_solvent_shrinkage_radii             0.9000 
_refine.pdbx_real_space_R                        ? 
_refine.pdbx_density_correlation                 ? 
_refine.pdbx_pd_number_of_powder_patterns        ? 
_refine.pdbx_pd_number_of_points                 ? 
_refine.pdbx_pd_meas_number_of_points            ? 
_refine.pdbx_pd_proc_ls_prof_R_factor            ? 
_refine.pdbx_pd_proc_ls_prof_wR_factor           ? 
_refine.pdbx_pd_Marquardt_correlation_coeff      ? 
_refine.pdbx_pd_Fsqrd_R_factor                   ? 
_refine.pdbx_pd_ls_matrix_band_width             ? 
_refine.pdbx_overall_phase_error                 17.3569 
_refine.pdbx_overall_SU_R_free_Cruickshank_DPI   ? 
_refine.pdbx_overall_SU_R_free_Blow_DPI          ? 
_refine.pdbx_overall_SU_R_Blow_DPI               ? 
_refine.pdbx_TLS_residual_ADP_flag               ? 
_refine.pdbx_diffrn_id                           1 
_refine.overall_SU_B                             ? 
_refine.overall_SU_ML                            0.0955 
_refine.overall_SU_R_Cruickshank_DPI             ? 
_refine.overall_SU_R_free                        ? 
_refine.overall_FOM_free_R_set                   ? 
_refine.overall_FOM_work_R_set                   ? 
_refine.pdbx_average_fsc_overall                 ? 
_refine.pdbx_average_fsc_work                    ? 
_refine.pdbx_average_fsc_free                    ? 
# 
_refine_hist.pdbx_refine_id                   'X-RAY DIFFRACTION' 
_refine_hist.cycle_id                         LAST 
_refine_hist.details                          ? 
_refine_hist.d_res_high                       1.30 
_refine_hist.d_res_low                        32.09 
_refine_hist.number_atoms_solvent             97 
_refine_hist.number_atoms_total               508 
_refine_hist.number_reflns_all                ? 
_refine_hist.number_reflns_obs                ? 
_refine_hist.number_reflns_R_free             ? 
_refine_hist.number_reflns_R_work             ? 
_refine_hist.R_factor_all                     ? 
_refine_hist.R_factor_obs                     ? 
_refine_hist.R_factor_R_free                  ? 
_refine_hist.R_factor_R_work                  ? 
_refine_hist.pdbx_number_residues_total       ? 
_refine_hist.pdbx_B_iso_mean_ligand           ? 
_refine_hist.pdbx_B_iso_mean_solvent          ? 
_refine_hist.pdbx_number_atoms_protein        0 
_refine_hist.pdbx_number_atoms_nucleic_acid   0 
_refine_hist.pdbx_number_atoms_ligand         411 
_refine_hist.pdbx_number_atoms_lipid          ? 
_refine_hist.pdbx_number_atoms_carb           ? 
_refine_hist.pdbx_pseudo_atom_details         ? 
# 
loop_
_refine_ls_restr.pdbx_refine_id 
_refine_ls_restr.criterion 
_refine_ls_restr.dev_ideal 
_refine_ls_restr.dev_ideal_target 
_refine_ls_restr.number 
_refine_ls_restr.rejects 
_refine_ls_restr.type 
_refine_ls_restr.weight 
_refine_ls_restr.pdbx_restraint_function 
'X-RAY DIFFRACTION' ? 0.0245  ? 443 ? f_bond_d           ? ? 
'X-RAY DIFFRACTION' ? 2.3581  ? 623 ? f_angle_d          ? ? 
'X-RAY DIFFRACTION' ? 0.0617  ? 53  ? f_chiral_restr     ? ? 
'X-RAY DIFFRACTION' ? 0.0193  ? 28  ? f_plane_restr      ? ? 
'X-RAY DIFFRACTION' ? 38.5684 ? 143 ? f_dihedral_angle_d ? ? 
# 
loop_
_refine_ls_shell.pdbx_refine_id 
_refine_ls_shell.d_res_high 
_refine_ls_shell.d_res_low 
_refine_ls_shell.number_reflns_all 
_refine_ls_shell.number_reflns_obs 
_refine_ls_shell.number_reflns_R_free 
_refine_ls_shell.number_reflns_R_work 
_refine_ls_shell.percent_reflns_obs 
_refine_ls_shell.percent_reflns_R_free 
_refine_ls_shell.R_factor_all 
_refine_ls_shell.R_factor_obs 
_refine_ls_shell.R_factor_R_free 
_refine_ls_shell.R_factor_R_free_error 
_refine_ls_shell.R_factor_R_work 
_refine_ls_shell.redundancy_reflns_all 
_refine_ls_shell.redundancy_reflns_obs 
_refine_ls_shell.wR_factor_all 
_refine_ls_shell.wR_factor_obs 
_refine_ls_shell.wR_factor_R_free 
_refine_ls_shell.wR_factor_R_work 
_refine_ls_shell.pdbx_R_complete 
_refine_ls_shell.pdbx_total_number_of_bins_used 
_refine_ls_shell.pdbx_phase_error 
_refine_ls_shell.pdbx_fsc_work 
_refine_ls_shell.pdbx_fsc_free 
'X-RAY DIFFRACTION' 1.30 1.34  . . 164 2597 98.33  . . . 0.2106 . 0.1996 . . . . . . . . . . . 
'X-RAY DIFFRACTION' 1.34 1.40  . . 134 2733 100.00 . . . 0.2353 . 0.1936 . . . . . . . . . . . 
'X-RAY DIFFRACTION' 1.40 1.46  . . 161 2660 100.00 . . . 0.2264 . 0.1866 . . . . . . . . . . . 
'X-RAY DIFFRACTION' 1.46 1.54  . . 134 2699 100.00 . . . 0.2096 . 0.1738 . . . . . . . . . . . 
'X-RAY DIFFRACTION' 1.54 1.64  . . 120 2722 100.00 . . . 0.1852 . 0.1592 . . . . . . . . . . . 
'X-RAY DIFFRACTION' 1.64 1.76  . . 124 2710 100.00 . . . 0.1554 . 0.1577 . . . . . . . . . . . 
'X-RAY DIFFRACTION' 1.76 1.94  . . 151 2687 100.00 . . . 0.1984 . 0.1634 . . . . . . . . . . . 
'X-RAY DIFFRACTION' 1.94 2.22  . . 142 2700 99.96  . . . 0.1922 . 0.1756 . . . . . . . . . . . 
'X-RAY DIFFRACTION' 2.22 2.80  . . 167 2674 100.00 . . . 0.2285 . 0.1797 . . . . . . . . . . . 
'X-RAY DIFFRACTION' 2.80 32.09 . . 123 2667 98.27  . . . 0.1530 . 0.1687 . . . . . . . . . . . 
# 
_struct.entry_id                     7KZL 
_struct.title                        'Cyclopentane peptide nucleic acid in complex with DNA' 
_struct.pdbx_model_details           ? 
_struct.pdbx_formula_weight          ? 
_struct.pdbx_formula_weight_method   ? 
_struct.pdbx_model_type_details      ? 
_struct.pdbx_CASP_flag               N 
# 
_struct_keywords.entry_id        7KZL 
_struct_keywords.text            'peptide nucleic acid, PNA, PEPTIDE NUCLEIC ACID-DNA complex' 
_struct_keywords.pdbx_keywords   'PEPTIDE NUCLEIC ACID/DNA' 
# 
loop_
_struct_asym.id 
_struct_asym.pdbx_blank_PDB_chainid_flag 
_struct_asym.pdbx_modified 
_struct_asym.entity_id 
_struct_asym.details 
A N N 1 ? 
B N N 2 ? 
C N N 3 ? 
D N N 4 ? 
E N N 4 ? 
F N N 5 ? 
G N N 5 ? 
H N N 5 ? 
I N N 6 ? 
J N N 4 ? 
K N N 4 ? 
L N N 4 ? 
M N N 4 ? 
N N N 7 ? 
O N N 7 ? 
# 
loop_
_struct_ref.id 
_struct_ref.db_name 
_struct_ref.db_code 
_struct_ref.pdbx_db_accession 
_struct_ref.pdbx_db_isoform 
_struct_ref.entity_id 
_struct_ref.pdbx_seq_one_letter_code 
_struct_ref.pdbx_align_begin 
1 PDB 7KZL 7KZL ? 1 ? 1 
2 PDB 7KZL 7KZL ? 2 ? 1 
# 
loop_
_struct_ref_seq.align_id 
_struct_ref_seq.ref_id 
_struct_ref_seq.pdbx_PDB_id_code 
_struct_ref_seq.pdbx_strand_id 
_struct_ref_seq.seq_align_beg 
_struct_ref_seq.pdbx_seq_align_beg_ins_code 
_struct_ref_seq.seq_align_end 
_struct_ref_seq.pdbx_seq_align_end_ins_code 
_struct_ref_seq.pdbx_db_accession 
_struct_ref_seq.db_align_beg 
_struct_ref_seq.pdbx_db_align_beg_ins_code 
_struct_ref_seq.db_align_end 
_struct_ref_seq.pdbx_db_align_end_ins_code 
_struct_ref_seq.pdbx_auth_seq_align_beg 
_struct_ref_seq.pdbx_auth_seq_align_end 
1 1 7KZL A 1 ? 9  ? 7KZL 1 ? 9  ? 1 9  
2 2 7KZL B 1 ? 10 ? 7KZL 1 ? 10 ? 1 10 
# 
_pdbx_struct_assembly.id                   1 
_pdbx_struct_assembly.details              author_defined_assembly 
_pdbx_struct_assembly.method_details       ? 
_pdbx_struct_assembly.oligomeric_details   dimeric 
_pdbx_struct_assembly.oligomeric_count     2 
# 
_pdbx_struct_assembly_gen.assembly_id       1 
_pdbx_struct_assembly_gen.oper_expression   1 
_pdbx_struct_assembly_gen.asym_id_list      A,B,C,D,E,F,G,H,I,J,K,L,M,N,O 
# 
_pdbx_struct_assembly_auth_evidence.id                     1 
_pdbx_struct_assembly_auth_evidence.assembly_id            1 
_pdbx_struct_assembly_auth_evidence.experimental_support   'mass spectrometry' 
_pdbx_struct_assembly_auth_evidence.details                ? 
# 
_pdbx_struct_oper_list.id                   1 
_pdbx_struct_oper_list.type                 'identity operation' 
_pdbx_struct_oper_list.name                 1_555 
_pdbx_struct_oper_list.symmetry_operation   x,y,z 
_pdbx_struct_oper_list.matrix[1][1]         1.0000000000 
_pdbx_struct_oper_list.matrix[1][2]         0.0000000000 
_pdbx_struct_oper_list.matrix[1][3]         0.0000000000 
_pdbx_struct_oper_list.vector[1]            0.0000000000 
_pdbx_struct_oper_list.matrix[2][1]         0.0000000000 
_pdbx_struct_oper_list.matrix[2][2]         1.0000000000 
_pdbx_struct_oper_list.matrix[2][3]         0.0000000000 
_pdbx_struct_oper_list.vector[2]            0.0000000000 
_pdbx_struct_oper_list.matrix[3][1]         0.0000000000 
_pdbx_struct_oper_list.matrix[3][2]         0.0000000000 
_pdbx_struct_oper_list.matrix[3][3]         1.0000000000 
_pdbx_struct_oper_list.vector[3]            0.0000000000 
# 
loop_
_struct_conn.id 
_struct_conn.conn_type_id 
_struct_conn.pdbx_leaving_atom_flag 
_struct_conn.pdbx_PDB_id 
_struct_conn.ptnr1_label_asym_id 
_struct_conn.ptnr1_label_comp_id 
_struct_conn.ptnr1_label_seq_id 
_struct_conn.ptnr1_label_atom_id 
_struct_conn.pdbx_ptnr1_label_alt_id 
_struct_conn.pdbx_ptnr1_PDB_ins_code 
_struct_conn.pdbx_ptnr1_standard_comp_id 
_struct_conn.ptnr1_symmetry 
_struct_conn.ptnr2_label_asym_id 
_struct_conn.ptnr2_label_comp_id 
_struct_conn.ptnr2_label_seq_id 
_struct_conn.ptnr2_label_atom_id 
_struct_conn.pdbx_ptnr2_label_alt_id 
_struct_conn.pdbx_ptnr2_PDB_ins_code 
_struct_conn.ptnr1_auth_asym_id 
_struct_conn.ptnr1_auth_comp_id 
_struct_conn.ptnr1_auth_seq_id 
_struct_conn.ptnr2_auth_asym_id 
_struct_conn.ptnr2_auth_comp_id 
_struct_conn.ptnr2_auth_seq_id 
_struct_conn.ptnr2_symmetry 
_struct_conn.pdbx_ptnr3_label_atom_id 
_struct_conn.pdbx_ptnr3_label_seq_id 
_struct_conn.pdbx_ptnr3_label_comp_id 
_struct_conn.pdbx_ptnr3_label_asym_id 
_struct_conn.pdbx_ptnr3_label_alt_id 
_struct_conn.pdbx_ptnr3_PDB_ins_code 
_struct_conn.details 
_struct_conn.pdbx_dist_value 
_struct_conn.pdbx_value_order 
_struct_conn.pdbx_role 
covale1  covale both ? B XDJ 1 C   ? ? ? 1_555 B XDD 2  N   ? ? B XDJ 1   B XDD 2   1_555 ? ? ? ? ? ? ? 1.404 ? ? 
covale2  covale both ? B XDD 2 C   ? ? ? 1_555 B XDY 3  N   ? ? B XDD 2   B XDY 3   1_555 ? ? ? ? ? ? ? 1.427 ? ? 
covale3  covale both ? B XDY 3 C   ? ? ? 1_555 B XDJ 4  N   ? ? B XDY 3   B XDJ 4   1_555 ? ? ? ? ? ? ? 1.433 ? ? 
covale4  covale both ? B XDJ 4 C   ? ? ? 1_555 B XDY 5  N   ? ? B XDJ 4   B XDY 5   1_555 ? ? ? ? ? ? ? 1.425 ? ? 
covale5  covale both ? B XDY 5 C   ? ? ? 1_555 B XDJ 6  N   ? ? B XDY 5   B XDJ 6   1_555 ? ? ? ? ? ? ? 1.431 ? ? 
covale6  covale both ? B XDJ 6 C   ? ? ? 1_555 B XDD 7  N   ? ? B XDJ 6   B XDD 7   1_555 ? ? ? ? ? ? ? 1.409 ? ? 
covale7  covale both ? B XDD 7 C   ? ? ? 1_555 B XDY 8  N   ? ? B XDD 7   B XDY 8   1_555 ? ? ? ? ? ? ? 1.403 ? ? 
covale8  covale both ? B XDY 8 C   ? ? ? 1_555 B XDD 9  N   ? ? B XDY 8   B XDD 9   1_555 ? ? ? ? ? ? ? 1.428 ? ? 
covale9  covale both ? B XDD 9 C   ? ? ? 1_555 B XDV 10 N01 ? ? B XDD 9   B XDV 10  1_555 ? ? ? ? ? ? ? 1.428 ? ? 
metalc1  metalc ?    ? A DA  5 N7  ? ? ? 1_555 D ZN  .  ZN  ? ? A DA  5   A ZN  102 1_555 ? ? ? ? ? ? ? 2.318 ? ? 
metalc2  metalc ?    ? A DC  6 OP1 ? ? ? 1_555 J ZN  .  ZN  ? ? A DC  6   B ZN  105 4_445 ? ? ? ? ? ? ? 1.967 ? ? 
metalc3  metalc ?    ? D ZN  . ZN  ? ? ? 1_555 N HOH .  O   ? ? A ZN  102 A HOH 228 1_555 ? ? ? ? ? ? ? 1.921 ? ? 
metalc4  metalc ?    ? D ZN  . ZN  ? ? ? 1_555 N HOH .  O   ? ? A ZN  102 A HOH 232 1_555 ? ? ? ? ? ? ? 2.147 ? ? 
metalc5  metalc ?    ? E ZN  . ZN  ? ? ? 1_555 N HOH .  O   ? ? A ZN  103 A HOH 238 1_555 ? ? ? ? ? ? ? 2.209 ? ? 
metalc6  metalc ?    ? E ZN  . ZN  ? ? ? 1_555 O HOH .  O   ? ? A ZN  103 B HOH 235 4_444 ? ? ? ? ? ? ? 2.579 ? ? 
metalc7  metalc ?    ? E ZN  . ZN  ? ? ? 1_555 O HOH .  O   ? ? A ZN  103 B HOH 238 4_444 ? ? ? ? ? ? ? 2.296 ? ? 
metalc8  metalc ?    ? N HOH . O   ? ? ? 5_354 M ZN  .  ZN  ? ? A HOH 223 B ZN  108 1_555 ? ? ? ? ? ? ? 2.332 ? ? 
metalc9  metalc ?    ? N HOH . O   ? ? ? 3_454 J ZN  .  ZN  ? ? A HOH 234 B ZN  105 1_555 ? ? ? ? ? ? ? 2.120 ? ? 
metalc10 metalc ?    ? B XDJ 1 N15 ? ? ? 1_555 K ZN  .  ZN  ? ? B XDJ 1   B ZN  106 1_555 ? ? ? ? ? ? ? 2.126 ? ? 
metalc11 metalc ?    ? B XDJ 1 N15 ? ? ? 1_555 M ZN  .  ZN  ? ? B XDJ 1   B ZN  108 1_555 ? ? ? ? ? ? ? 2.264 ? ? 
metalc12 metalc ?    ? B XDJ 6 N15 ? ? ? 1_555 J ZN  .  ZN  ? ? B XDJ 6   B ZN  105 1_555 ? ? ? ? ? ? ? 2.059 ? ? 
metalc13 metalc ?    ? F MOH . O   ? ? ? 1_555 L ZN  .  ZN  ? ? B MOH 101 B ZN  107 1_555 ? ? ? ? ? ? ? 2.416 ? ? 
metalc14 metalc ?    ? G MOH . O   ? ? ? 1_555 L ZN  .  ZN  ? ? B MOH 102 B ZN  107 1_555 ? ? ? ? ? ? ? 2.065 ? ? 
metalc15 metalc ?    ? H MOH . O   ? ? ? 1_555 L ZN  .  ZN  ? ? B MOH 103 B ZN  107 1_555 ? ? ? ? ? ? ? 2.100 ? ? 
metalc16 metalc ?    ? I EDO . O2  ? ? ? 1_555 L ZN  .  ZN  ? ? B EDO 104 B ZN  107 1_555 ? ? ? ? ? ? ? 2.156 ? ? 
metalc17 metalc ?    ? J ZN  . ZN  ? ? ? 1_555 O HOH .  O   ? ? B ZN  105 B HOH 211 1_555 ? ? ? ? ? ? ? 2.058 ? ? 
metalc18 metalc ?    ? K ZN  . ZN  ? ? ? 1_555 O HOH .  O   ? ? B ZN  106 B HOH 202 1_555 ? ? ? ? ? ? ? 2.070 ? ? 
metalc19 metalc ?    ? K ZN  . ZN  ? ? ? 1_555 O HOH .  O   ? ? B ZN  106 B HOH 204 1_555 ? ? ? ? ? ? ? 2.094 ? ? 
metalc20 metalc ?    ? K ZN  . ZN  ? ? ? 1_555 O HOH .  O   ? ? B ZN  106 B HOH 229 1_555 ? ? ? ? ? ? ? 1.963 ? ? 
metalc21 metalc ?    ? K ZN  . ZN  ? ? ? 1_555 O HOH .  O   ? ? B ZN  106 B HOH 247 1_555 ? ? ? ? ? ? ? 2.072 ? ? 
metalc22 metalc ?    ? M ZN  . ZN  ? ? ? 1_555 O HOH .  O   ? ? B ZN  108 B HOH 202 1_555 ? ? ? ? ? ? ? 1.920 ? ? 
metalc23 metalc ?    ? M ZN  . ZN  ? ? ? 1_555 O HOH .  O   ? ? B ZN  108 B HOH 247 1_555 ? ? ? ? ? ? ? 2.400 ? ? 
# 
loop_
_struct_conn_type.id 
_struct_conn_type.criteria 
_struct_conn_type.reference 
covale ? ? 
metalc ? ? 
# 
loop_
_pdbx_struct_conn_angle.id 
_pdbx_struct_conn_angle.ptnr1_label_atom_id 
_pdbx_struct_conn_angle.ptnr1_label_alt_id 
_pdbx_struct_conn_angle.ptnr1_label_asym_id 
_pdbx_struct_conn_angle.ptnr1_label_comp_id 
_pdbx_struct_conn_angle.ptnr1_label_seq_id 
_pdbx_struct_conn_angle.ptnr1_auth_atom_id 
_pdbx_struct_conn_angle.ptnr1_auth_asym_id 
_pdbx_struct_conn_angle.ptnr1_auth_comp_id 
_pdbx_struct_conn_angle.ptnr1_auth_seq_id 
_pdbx_struct_conn_angle.ptnr1_PDB_ins_code 
_pdbx_struct_conn_angle.ptnr1_symmetry 
_pdbx_struct_conn_angle.ptnr2_label_atom_id 
_pdbx_struct_conn_angle.ptnr2_label_alt_id 
_pdbx_struct_conn_angle.ptnr2_label_asym_id 
_pdbx_struct_conn_angle.ptnr2_label_comp_id 
_pdbx_struct_conn_angle.ptnr2_label_seq_id 
_pdbx_struct_conn_angle.ptnr2_auth_atom_id 
_pdbx_struct_conn_angle.ptnr2_auth_asym_id 
_pdbx_struct_conn_angle.ptnr2_auth_comp_id 
_pdbx_struct_conn_angle.ptnr2_auth_seq_id 
_pdbx_struct_conn_angle.ptnr2_PDB_ins_code 
_pdbx_struct_conn_angle.ptnr2_symmetry 
_pdbx_struct_conn_angle.ptnr3_label_atom_id 
_pdbx_struct_conn_angle.ptnr3_label_alt_id 
_pdbx_struct_conn_angle.ptnr3_label_asym_id 
_pdbx_struct_conn_angle.ptnr3_label_comp_id 
_pdbx_struct_conn_angle.ptnr3_label_seq_id 
_pdbx_struct_conn_angle.ptnr3_auth_atom_id 
_pdbx_struct_conn_angle.ptnr3_auth_asym_id 
_pdbx_struct_conn_angle.ptnr3_auth_comp_id 
_pdbx_struct_conn_angle.ptnr3_auth_seq_id 
_pdbx_struct_conn_angle.ptnr3_PDB_ins_code 
_pdbx_struct_conn_angle.ptnr3_symmetry 
_pdbx_struct_conn_angle.value 
_pdbx_struct_conn_angle.value_esd 
1  N7  ? A DA  5 ? A DA  5   ? 1_555 ZN ? D ZN . ? A ZN 102 ? 1_555 O   ? N HOH . ? A HOH 228 ? 1_555 94.4  ? 
2  N7  ? A DA  5 ? A DA  5   ? 1_555 ZN ? D ZN . ? A ZN 102 ? 1_555 O   ? N HOH . ? A HOH 232 ? 1_555 113.4 ? 
3  O   ? N HOH . ? A HOH 228 ? 1_555 ZN ? D ZN . ? A ZN 102 ? 1_555 O   ? N HOH . ? A HOH 232 ? 1_555 109.3 ? 
4  OP1 ? A DC  6 ? A DC  6   ? 1_555 ZN ? J ZN . ? B ZN 105 ? 4_445 O   ? N HOH . ? A HOH 234 ? 3_454 46.9  ? 
5  OP1 ? A DC  6 ? A DC  6   ? 1_555 ZN ? J ZN . ? B ZN 105 ? 4_445 N15 ? B XDJ 6 ? B XDJ 6   ? 1_555 42.5  ? 
6  O   ? N HOH . ? A HOH 234 ? 3_454 ZN ? J ZN . ? B ZN 105 ? 4_445 N15 ? B XDJ 6 ? B XDJ 6   ? 1_555 9.6   ? 
7  OP1 ? A DC  6 ? A DC  6   ? 1_555 ZN ? J ZN . ? B ZN 105 ? 4_445 O   ? O HOH . ? B HOH 211 ? 1_555 49.3  ? 
8  O   ? N HOH . ? A HOH 234 ? 3_454 ZN ? J ZN . ? B ZN 105 ? 4_445 O   ? O HOH . ? B HOH 211 ? 1_555 10.9  ? 
9  N15 ? B XDJ 6 ? B XDJ 6   ? 1_555 ZN ? J ZN . ? B ZN 105 ? 4_445 O   ? O HOH . ? B HOH 211 ? 1_555 6.9   ? 
10 O   ? N HOH . ? A HOH 238 ? 1_555 ZN ? E ZN . ? A ZN 103 ? 1_555 O   ? O HOH . ? B HOH 235 ? 4_444 99.9  ? 
11 O   ? N HOH . ? A HOH 238 ? 1_555 ZN ? E ZN . ? A ZN 103 ? 1_555 O   ? O HOH . ? B HOH 238 ? 4_444 132.8 ? 
12 O   ? O HOH . ? B HOH 235 ? 4_444 ZN ? E ZN . ? A ZN 103 ? 1_555 O   ? O HOH . ? B HOH 238 ? 4_444 105.3 ? 
13 O   ? N HOH . ? A HOH 223 ? 5_354 ZN ? M ZN . ? B ZN 108 ? 1_555 N15 ? B XDJ 1 ? B XDJ 1   ? 1_555 99.1  ? 
14 O   ? N HOH . ? A HOH 223 ? 5_354 ZN ? M ZN . ? B ZN 108 ? 1_555 O   ? O HOH . ? B HOH 202 ? 1_555 82.6  ? 
15 N15 ? B XDJ 1 ? B XDJ 1   ? 1_555 ZN ? M ZN . ? B ZN 108 ? 1_555 O   ? O HOH . ? B HOH 202 ? 1_555 93.7  ? 
16 O   ? N HOH . ? A HOH 223 ? 5_354 ZN ? M ZN . ? B ZN 108 ? 1_555 O   ? O HOH . ? B HOH 247 ? 1_555 130.0 ? 
17 N15 ? B XDJ 1 ? B XDJ 1   ? 1_555 ZN ? M ZN . ? B ZN 108 ? 1_555 O   ? O HOH . ? B HOH 247 ? 1_555 127.9 ? 
18 O   ? O HOH . ? B HOH 202 ? 1_555 ZN ? M ZN . ? B ZN 108 ? 1_555 O   ? O HOH . ? B HOH 247 ? 1_555 78.8  ? 
19 N15 ? B XDJ 1 ? B XDJ 1   ? 1_555 ZN ? K ZN . ? B ZN 106 ? 1_555 O   ? O HOH . ? B HOH 202 ? 1_555 93.7  ? 
20 N15 ? B XDJ 1 ? B XDJ 1   ? 1_555 ZN ? K ZN . ? B ZN 106 ? 1_555 O   ? O HOH . ? B HOH 204 ? 1_555 93.4  ? 
21 O   ? O HOH . ? B HOH 202 ? 1_555 ZN ? K ZN . ? B ZN 106 ? 1_555 O   ? O HOH . ? B HOH 204 ? 1_555 80.8  ? 
22 N15 ? B XDJ 1 ? B XDJ 1   ? 1_555 ZN ? K ZN . ? B ZN 106 ? 1_555 O   ? O HOH . ? B HOH 229 ? 1_555 96.7  ? 
23 O   ? O HOH . ? B HOH 202 ? 1_555 ZN ? K ZN . ? B ZN 106 ? 1_555 O   ? O HOH . ? B HOH 229 ? 1_555 168.1 ? 
24 O   ? O HOH . ? B HOH 204 ? 1_555 ZN ? K ZN . ? B ZN 106 ? 1_555 O   ? O HOH . ? B HOH 229 ? 1_555 92.8  ? 
25 N15 ? B XDJ 1 ? B XDJ 1   ? 1_555 ZN ? K ZN . ? B ZN 106 ? 1_555 O   ? O HOH . ? B HOH 247 ? 1_555 173.0 ? 
26 O   ? O HOH . ? B HOH 202 ? 1_555 ZN ? K ZN . ? B ZN 106 ? 1_555 O   ? O HOH . ? B HOH 247 ? 1_555 83.8  ? 
27 O   ? O HOH . ? B HOH 204 ? 1_555 ZN ? K ZN . ? B ZN 106 ? 1_555 O   ? O HOH . ? B HOH 247 ? 1_555 92.7  ? 
28 O   ? O HOH . ? B HOH 229 ? 1_555 ZN ? K ZN . ? B ZN 106 ? 1_555 O   ? O HOH . ? B HOH 247 ? 1_555 86.5  ? 
29 O   ? F MOH . ? B MOH 101 ? 1_555 ZN ? L ZN . ? B ZN 107 ? 1_555 O   ? G MOH . ? B MOH 102 ? 1_555 99.2  ? 
30 O   ? F MOH . ? B MOH 101 ? 1_555 ZN ? L ZN . ? B ZN 107 ? 1_555 O   ? H MOH . ? B MOH 103 ? 1_555 111.1 ? 
31 O   ? G MOH . ? B MOH 102 ? 1_555 ZN ? L ZN . ? B ZN 107 ? 1_555 O   ? H MOH . ? B MOH 103 ? 1_555 113.3 ? 
32 O   ? F MOH . ? B MOH 101 ? 1_555 ZN ? L ZN . ? B ZN 107 ? 1_555 O2  ? I EDO . ? B EDO 104 ? 1_555 79.7  ? 
33 O   ? G MOH . ? B MOH 102 ? 1_555 ZN ? L ZN . ? B ZN 107 ? 1_555 O2  ? I EDO . ? B EDO 104 ? 1_555 129.4 ? 
34 O   ? H MOH . ? B MOH 103 ? 1_555 ZN ? L ZN . ? B ZN 107 ? 1_555 O2  ? I EDO . ? B EDO 104 ? 1_555 113.9 ? 
# 
loop_
_pdbx_modification_feature.ordinal 
_pdbx_modification_feature.label_comp_id 
_pdbx_modification_feature.label_asym_id 
_pdbx_modification_feature.label_seq_id 
_pdbx_modification_feature.label_alt_id 
_pdbx_modification_feature.modified_residue_label_comp_id 
_pdbx_modification_feature.modified_residue_label_asym_id 
_pdbx_modification_feature.modified_residue_label_seq_id 
_pdbx_modification_feature.modified_residue_label_alt_id 
_pdbx_modification_feature.auth_comp_id 
_pdbx_modification_feature.auth_asym_id 
_pdbx_modification_feature.auth_seq_id 
_pdbx_modification_feature.PDB_ins_code 
_pdbx_modification_feature.symmetry 
_pdbx_modification_feature.modified_residue_auth_comp_id 
_pdbx_modification_feature.modified_residue_auth_asym_id 
_pdbx_modification_feature.modified_residue_auth_seq_id 
_pdbx_modification_feature.modified_residue_PDB_ins_code 
_pdbx_modification_feature.modified_residue_symmetry 
_pdbx_modification_feature.comp_id_linking_atom 
_pdbx_modification_feature.modified_residue_id_linking_atom 
_pdbx_modification_feature.modified_residue_id 
_pdbx_modification_feature.ref_pcm_id 
_pdbx_modification_feature.ref_comp_id 
_pdbx_modification_feature.type 
_pdbx_modification_feature.category 
1  XDJ B 1  ? . . . . XDJ B 1  ? 1_555 . . . . . . . ? 1 XDJ None 'Non-standard residue' 
2  XDD B 2  ? . . . . XDD B 2  ? 1_555 . . . . . . . ? 1 XDD None 'Non-standard residue' 
3  XDY B 3  ? . . . . XDY B 3  ? 1_555 . . . . . . . ? 1 XDY None 'Non-standard residue' 
4  XDJ B 4  ? . . . . XDJ B 4  ? 1_555 . . . . . . . ? 1 XDJ None 'Non-standard residue' 
5  XDY B 5  ? . . . . XDY B 5  ? 1_555 . . . . . . . ? 1 XDY None 'Non-standard residue' 
6  XDJ B 6  ? . . . . XDJ B 6  ? 1_555 . . . . . . . ? 1 XDJ None 'Non-standard residue' 
7  XDD B 7  ? . . . . XDD B 7  ? 1_555 . . . . . . . ? 1 XDD None 'Non-standard residue' 
8  XDY B 8  ? . . . . XDY B 8  ? 1_555 . . . . . . . ? 1 XDY None 'Non-standard residue' 
9  XDD B 9  ? . . . . XDD B 9  ? 1_555 . . . . . . . ? 1 XDD None 'Non-standard residue' 
10 XDV B 10 ? . . . . XDV B 10 ? 1_555 . . . . . . . ? 1 XDV None 'Non-standard residue' 
# 
_pdbx_entry_details.entry_id                   7KZL 
_pdbx_entry_details.has_ligand_of_interest     Y 
_pdbx_entry_details.compound_details           ? 
_pdbx_entry_details.source_details             ? 
_pdbx_entry_details.nonpolymer_details         ? 
_pdbx_entry_details.sequence_details           ? 
_pdbx_entry_details.has_protein_modification   Y 
# 
_pdbx_validate_rmsd_bond.id                        1 
_pdbx_validate_rmsd_bond.PDB_model_num             1 
_pdbx_validate_rmsd_bond.auth_atom_id_1            C6 
_pdbx_validate_rmsd_bond.auth_asym_id_1            A 
_pdbx_validate_rmsd_bond.auth_comp_id_1            DT 
_pdbx_validate_rmsd_bond.auth_seq_id_1             1 
_pdbx_validate_rmsd_bond.PDB_ins_code_1            ? 
_pdbx_validate_rmsd_bond.label_alt_id_1            ? 
_pdbx_validate_rmsd_bond.auth_atom_id_2            N1 
_pdbx_validate_rmsd_bond.auth_asym_id_2            A 
_pdbx_validate_rmsd_bond.auth_comp_id_2            DT 
_pdbx_validate_rmsd_bond.auth_seq_id_2             1 
_pdbx_validate_rmsd_bond.PDB_ins_code_2            ? 
_pdbx_validate_rmsd_bond.label_alt_id_2            ? 
_pdbx_validate_rmsd_bond.bond_value                1.311 
_pdbx_validate_rmsd_bond.bond_target_value         1.378 
_pdbx_validate_rmsd_bond.bond_deviation            -0.067 
_pdbx_validate_rmsd_bond.bond_standard_deviation   0.007 
_pdbx_validate_rmsd_bond.linker_flag               N 
# 
loop_
_pdbx_validate_rmsd_angle.id 
_pdbx_validate_rmsd_angle.PDB_model_num 
_pdbx_validate_rmsd_angle.auth_atom_id_1 
_pdbx_validate_rmsd_angle.auth_asym_id_1 
_pdbx_validate_rmsd_angle.auth_comp_id_1 
_pdbx_validate_rmsd_angle.auth_seq_id_1 
_pdbx_validate_rmsd_angle.PDB_ins_code_1 
_pdbx_validate_rmsd_angle.label_alt_id_1 
_pdbx_validate_rmsd_angle.auth_atom_id_2 
_pdbx_validate_rmsd_angle.auth_asym_id_2 
_pdbx_validate_rmsd_angle.auth_comp_id_2 
_pdbx_validate_rmsd_angle.auth_seq_id_2 
_pdbx_validate_rmsd_angle.PDB_ins_code_2 
_pdbx_validate_rmsd_angle.label_alt_id_2 
_pdbx_validate_rmsd_angle.auth_atom_id_3 
_pdbx_validate_rmsd_angle.auth_asym_id_3 
_pdbx_validate_rmsd_angle.auth_comp_id_3 
_pdbx_validate_rmsd_angle.auth_seq_id_3 
_pdbx_validate_rmsd_angle.PDB_ins_code_3 
_pdbx_validate_rmsd_angle.label_alt_id_3 
_pdbx_validate_rmsd_angle.angle_value 
_pdbx_validate_rmsd_angle.angle_target_value 
_pdbx_validate_rmsd_angle.angle_deviation 
_pdbx_validate_rmsd_angle.angle_standard_deviation 
_pdbx_validate_rmsd_angle.linker_flag 
1  1 C4    A DT  1 ? ? C5    A DT  1 ? ? C6 A DT  1 ? ? 124.14 118.00 6.14   0.60 N 
2  1 N3    A DT  1 ? ? C4    A DT  1 ? ? O4 A DT  1 ? ? 124.62 119.90 4.72   0.60 N 
3  1 "O4'" A DC  4 ? ? "C1'" A DC  4 ? ? N1 A DC  4 ? ? 111.02 108.30 2.72   0.30 N 
4  1 CA    B XDJ 1 ? ? C     B XDJ 1 ? ? N  B XDD 2 ? ? 100.15 117.20 -17.05 2.20 Y 
5  1 CA    B XDD 2 ? ? C     B XDD 2 ? ? N  B XDY 3 ? ? 95.99  117.20 -21.21 2.20 Y 
6  1 CA    B XDY 3 ? ? C     B XDY 3 ? ? N  B XDJ 4 ? ? 99.11  117.20 -18.09 2.20 Y 
7  1 CA    B XDJ 4 ? ? C     B XDJ 4 ? ? N  B XDY 5 ? ? 99.28  117.20 -17.92 2.20 Y 
8  1 CA    B XDY 5 ? ? C     B XDY 5 ? ? N  B XDJ 6 ? ? 103.48 117.20 -13.72 2.20 Y 
9  1 CA    B XDJ 6 ? ? C     B XDJ 6 ? ? N  B XDD 7 ? ? 97.95  117.20 -19.25 2.20 Y 
10 1 CA    B XDD 7 ? ? C     B XDD 7 ? ? N  B XDY 8 ? ? 97.13  117.20 -20.07 2.20 Y 
11 1 CA    B XDY 8 ? ? C     B XDY 8 ? ? N  B XDD 9 ? ? 100.59 117.20 -16.61 2.20 Y 
# 
_pdbx_validate_peptide_omega.id               1 
_pdbx_validate_peptide_omega.PDB_model_num    1 
_pdbx_validate_peptide_omega.auth_comp_id_1   XDJ 
_pdbx_validate_peptide_omega.auth_asym_id_1   B 
_pdbx_validate_peptide_omega.auth_seq_id_1    6 
_pdbx_validate_peptide_omega.PDB_ins_code_1   ? 
_pdbx_validate_peptide_omega.label_alt_id_1   ? 
_pdbx_validate_peptide_omega.auth_comp_id_2   XDD 
_pdbx_validate_peptide_omega.auth_asym_id_2   B 
_pdbx_validate_peptide_omega.auth_seq_id_2    7 
_pdbx_validate_peptide_omega.PDB_ins_code_2   ? 
_pdbx_validate_peptide_omega.label_alt_id_2   ? 
_pdbx_validate_peptide_omega.omega            -145.39 
# 
loop_
_pdbx_validate_main_chain_plane.id 
_pdbx_validate_main_chain_plane.PDB_model_num 
_pdbx_validate_main_chain_plane.auth_comp_id 
_pdbx_validate_main_chain_plane.auth_asym_id 
_pdbx_validate_main_chain_plane.auth_seq_id 
_pdbx_validate_main_chain_plane.PDB_ins_code 
_pdbx_validate_main_chain_plane.label_alt_id 
_pdbx_validate_main_chain_plane.improper_torsion_angle 
1 1 XDY B 3 ? ? 11.05 
2 1 XDJ B 4 ? ? 13.74 
3 1 XDJ B 6 ? ? 15.29 
4 1 XDY B 8 ? ? 10.26 
# 
loop_
_space_group_symop.id 
_space_group_symop.operation_xyz 
1 x,y,z               
2 -y+1/2,x+1/2,z+3/4  
3 y+1/2,-x+1/2,z+1/4  
4 x+1/2,-y+1/2,-z+1/4 
5 -x+1/2,y+1/2,-z+3/4 
6 -x,-y,z+1/2         
7 y,x,-z              
8 -y,-x,-z+1/2        
# 
loop_
_chem_comp_atom.comp_id 
_chem_comp_atom.atom_id 
_chem_comp_atom.type_symbol 
_chem_comp_atom.pdbx_aromatic_flag 
_chem_comp_atom.pdbx_stereo_config 
_chem_comp_atom.pdbx_ordinal 
DA  OP3    O  N N 1   
DA  P      P  N N 2   
DA  OP1    O  N N 3   
DA  OP2    O  N N 4   
DA  "O5'"  O  N N 5   
DA  "C5'"  C  N N 6   
DA  "C4'"  C  N R 7   
DA  "O4'"  O  N N 8   
DA  "C3'"  C  N S 9   
DA  "O3'"  O  N N 10  
DA  "C2'"  C  N N 11  
DA  "C1'"  C  N R 12  
DA  N9     N  Y N 13  
DA  C8     C  Y N 14  
DA  N7     N  Y N 15  
DA  C5     C  Y N 16  
DA  C6     C  Y N 17  
DA  N6     N  N N 18  
DA  N1     N  Y N 19  
DA  C2     C  Y N 20  
DA  N3     N  Y N 21  
DA  C4     C  Y N 22  
DA  HOP3   H  N N 23  
DA  HOP2   H  N N 24  
DA  "H5'"  H  N N 25  
DA  "H5''" H  N N 26  
DA  "H4'"  H  N N 27  
DA  "H3'"  H  N N 28  
DA  "HO3'" H  N N 29  
DA  "H2'"  H  N N 30  
DA  "H2''" H  N N 31  
DA  "H1'"  H  N N 32  
DA  H8     H  N N 33  
DA  H61    H  N N 34  
DA  H62    H  N N 35  
DA  H2     H  N N 36  
DC  OP3    O  N N 37  
DC  P      P  N N 38  
DC  OP1    O  N N 39  
DC  OP2    O  N N 40  
DC  "O5'"  O  N N 41  
DC  "C5'"  C  N N 42  
DC  "C4'"  C  N R 43  
DC  "O4'"  O  N N 44  
DC  "C3'"  C  N S 45  
DC  "O3'"  O  N N 46  
DC  "C2'"  C  N N 47  
DC  "C1'"  C  N R 48  
DC  N1     N  N N 49  
DC  C2     C  N N 50  
DC  O2     O  N N 51  
DC  N3     N  N N 52  
DC  C4     C  N N 53  
DC  N4     N  N N 54  
DC  C5     C  N N 55  
DC  C6     C  N N 56  
DC  HOP3   H  N N 57  
DC  HOP2   H  N N 58  
DC  "H5'"  H  N N 59  
DC  "H5''" H  N N 60  
DC  "H4'"  H  N N 61  
DC  "H3'"  H  N N 62  
DC  "HO3'" H  N N 63  
DC  "H2'"  H  N N 64  
DC  "H2''" H  N N 65  
DC  "H1'"  H  N N 66  
DC  H41    H  N N 67  
DC  H42    H  N N 68  
DC  H5     H  N N 69  
DC  H6     H  N N 70  
DT  OP3    O  N N 71  
DT  P      P  N N 72  
DT  OP1    O  N N 73  
DT  OP2    O  N N 74  
DT  "O5'"  O  N N 75  
DT  "C5'"  C  N N 76  
DT  "C4'"  C  N R 77  
DT  "O4'"  O  N N 78  
DT  "C3'"  C  N S 79  
DT  "O3'"  O  N N 80  
DT  "C2'"  C  N N 81  
DT  "C1'"  C  N R 82  
DT  N1     N  N N 83  
DT  C2     C  N N 84  
DT  O2     O  N N 85  
DT  N3     N  N N 86  
DT  C4     C  N N 87  
DT  O4     O  N N 88  
DT  C5     C  N N 89  
DT  C7     C  N N 90  
DT  C6     C  N N 91  
DT  HOP3   H  N N 92  
DT  HOP2   H  N N 93  
DT  "H5'"  H  N N 94  
DT  "H5''" H  N N 95  
DT  "H4'"  H  N N 96  
DT  "H3'"  H  N N 97  
DT  "HO3'" H  N N 98  
DT  "H2'"  H  N N 99  
DT  "H2''" H  N N 100 
DT  "H1'"  H  N N 101 
DT  H3     H  N N 102 
DT  H71    H  N N 103 
DT  H72    H  N N 104 
DT  H73    H  N N 105 
DT  H6     H  N N 106 
EDO C1     C  N N 107 
EDO O1     O  N N 108 
EDO C2     C  N N 109 
EDO O2     O  N N 110 
EDO H11    H  N N 111 
EDO H12    H  N N 112 
EDO HO1    H  N N 113 
EDO H21    H  N N 114 
EDO H22    H  N N 115 
EDO HO2    H  N N 116 
HOH O      O  N N 117 
HOH H1     H  N N 118 
HOH H2     H  N N 119 
IOD I      I  N N 120 
MOH C      C  N N 121 
MOH O      O  N N 122 
MOH H1     H  N N 123 
MOH H2     H  N N 124 
MOH H3     H  N N 125 
MOH HO     H  N N 126 
XDD C12    C  N N 127 
XDD C14    C  Y N 128 
XDD C16    C  Y N 129 
XDD C10    C  N N 130 
XDD C11    C  N N 131 
XDD C      C  N N 132 
XDD C03    C  N N 133 
XDD C05    C  N S 134 
XDD CA     C  N S 135 
XDD C08    C  N N 136 
XDD C09    C  N N 137 
XDD C17    C  Y N 138 
XDD C18    C  Y N 139 
XDD C21    C  Y N 140 
XDD N04    N  N N 141 
XDD N      N  N N 142 
XDD N13    N  Y N 143 
XDD N15    N  Y N 144 
XDD N19    N  N N 145 
XDD N20    N  Y N 146 
XDD N22    N  Y N 147 
XDD O      O  N N 148 
XDD O23    O  N N 149 
XDD H121   H  N N 150 
XDD H122   H  N N 151 
XDD H141   H  N N 152 
XDD H101   H  N N 153 
XDD H102   H  N N 154 
XDD H032   H  N N 155 
XDD H031   H  N N 156 
XDD H051   H  N N 157 
XDD HA     H  N N 158 
XDD H082   H  N N 159 
XDD H081   H  N N 160 
XDD H092   H  N N 161 
XDD H091   H  N N 162 
XDD H211   H  N N 163 
XDD H2     H  N N 164 
XDD H      H  N N 165 
XDD H192   H  N N 166 
XDD H191   H  N N 167 
XDD OXT    O  N N 168 
XDD HXT    H  N N 169 
XDJ C      C  N N 170 
XDJ C03    C  N N 171 
XDJ C05    C  N S 172 
XDJ CA     C  N S 173 
XDJ C08    C  N N 174 
XDJ C09    C  N N 175 
XDJ C10    C  N N 176 
XDJ C11    C  N N 177 
XDJ C12    C  N N 178 
XDJ C14    C  Y N 179 
XDJ C16    C  Y N 180 
XDJ C17    C  Y N 181 
XDJ C18    C  N N 182 
XDJ C20    C  N N 183 
XDJ N04    N  N N 184 
XDJ N      N  N N 185 
XDJ N13    N  Y N 186 
XDJ N15    N  Y N 187 
XDJ N19    N  N N 188 
XDJ N21    N  N N 189 
XDJ N22    N  N N 190 
XDJ O      O  N N 191 
XDJ O23    O  N N 192 
XDJ O24    O  N N 193 
XDJ H031   H  N N 194 
XDJ H032   H  N N 195 
XDJ H051   H  N N 196 
XDJ HA     H  N N 197 
XDJ H081   H  N N 198 
XDJ H082   H  N N 199 
XDJ H092   H  N N 200 
XDJ H091   H  N N 201 
XDJ H102   H  N N 202 
XDJ H101   H  N N 203 
XDJ H122   H  N N 204 
XDJ H121   H  N N 205 
XDJ H141   H  N N 206 
XDJ H      H  N N 207 
XDJ H2     H  N N 208 
XDJ H191   H  N N 209 
XDJ H211   H  N N 210 
XDJ H212   H  N N 211 
XDJ OXT    O  N N 212 
XDJ HXT    H  N N 213 
XDV N10    N  N N 214 
XDV C02    C  N N 215 
XDV C03    C  N N 216 
XDV C05    C  N N 217 
XDV C06    C  N N 218 
XDV C08    C  N N 219 
XDV C09    C  N N 220 
XDV N01    N  N N 221 
XDV O04    O  N N 222 
XDV O07    O  N N 223 
XDV O11    O  N N 224 
XDV H101   H  N N 225 
XDV H102   H  N N 226 
XDV H021   H  N N 227 
XDV H022   H  N N 228 
XDV H032   H  N N 229 
XDV H031   H  N N 230 
XDV H052   H  N N 231 
XDV H051   H  N N 232 
XDV H062   H  N N 233 
XDV H061   H  N N 234 
XDV H082   H  N N 235 
XDV H081   H  N N 236 
XDV H1     H  N N 237 
XDV H2     H  N N 238 
XDY C      C  N N 239 
XDY C03    C  N N 240 
XDY C05    C  N S 241 
XDY CA     C  N S 242 
XDY C08    C  N N 243 
XDY C09    C  N N 244 
XDY C10    C  N N 245 
XDY C11    C  N N 246 
XDY C12    C  N N 247 
XDY C14    C  N N 248 
XDY C16    C  N N 249 
XDY C17    C  N N 250 
XDY C18    C  N N 251 
XDY C19    C  N N 252 
XDY N04    N  N N 253 
XDY N      N  N N 254 
XDY N13    N  N N 255 
XDY N15    N  N N 256 
XDY O      O  N N 257 
XDY O20    O  N N 258 
XDY O21    O  N N 259 
XDY O22    O  N N 260 
XDY H032   H  N N 261 
XDY H031   H  N N 262 
XDY H051   H  N N 263 
XDY HA     H  N N 264 
XDY H081   H  N N 265 
XDY H082   H  N N 266 
XDY H092   H  N N 267 
XDY H091   H  N N 268 
XDY H101   H  N N 269 
XDY H102   H  N N 270 
XDY H121   H  N N 271 
XDY H122   H  N N 272 
XDY H181   H  N N 273 
XDY H191   H  N N 274 
XDY H192   H  N N 275 
XDY H193   H  N N 276 
XDY H      H  N N 277 
XDY H2     H  N N 278 
XDY H151   H  N N 279 
XDY OXT    O  N N 280 
XDY HXT    H  N N 281 
ZN  ZN     ZN N N 282 
# 
loop_
_chem_comp_bond.comp_id 
_chem_comp_bond.atom_id_1 
_chem_comp_bond.atom_id_2 
_chem_comp_bond.value_order 
_chem_comp_bond.pdbx_aromatic_flag 
_chem_comp_bond.pdbx_stereo_config 
_chem_comp_bond.pdbx_ordinal 
DA  OP3   P      sing N N 1   
DA  OP3   HOP3   sing N N 2   
DA  P     OP1    doub N N 3   
DA  P     OP2    sing N N 4   
DA  P     "O5'"  sing N N 5   
DA  OP2   HOP2   sing N N 6   
DA  "O5'" "C5'"  sing N N 7   
DA  "C5'" "C4'"  sing N N 8   
DA  "C5'" "H5'"  sing N N 9   
DA  "C5'" "H5''" sing N N 10  
DA  "C4'" "O4'"  sing N N 11  
DA  "C4'" "C3'"  sing N N 12  
DA  "C4'" "H4'"  sing N N 13  
DA  "O4'" "C1'"  sing N N 14  
DA  "C3'" "O3'"  sing N N 15  
DA  "C3'" "C2'"  sing N N 16  
DA  "C3'" "H3'"  sing N N 17  
DA  "O3'" "HO3'" sing N N 18  
DA  "C2'" "C1'"  sing N N 19  
DA  "C2'" "H2'"  sing N N 20  
DA  "C2'" "H2''" sing N N 21  
DA  "C1'" N9     sing N N 22  
DA  "C1'" "H1'"  sing N N 23  
DA  N9    C8     sing Y N 24  
DA  N9    C4     sing Y N 25  
DA  C8    N7     doub Y N 26  
DA  C8    H8     sing N N 27  
DA  N7    C5     sing Y N 28  
DA  C5    C6     sing Y N 29  
DA  C5    C4     doub Y N 30  
DA  C6    N6     sing N N 31  
DA  C6    N1     doub Y N 32  
DA  N6    H61    sing N N 33  
DA  N6    H62    sing N N 34  
DA  N1    C2     sing Y N 35  
DA  C2    N3     doub Y N 36  
DA  C2    H2     sing N N 37  
DA  N3    C4     sing Y N 38  
DC  OP3   P      sing N N 39  
DC  OP3   HOP3   sing N N 40  
DC  P     OP1    doub N N 41  
DC  P     OP2    sing N N 42  
DC  P     "O5'"  sing N N 43  
DC  OP2   HOP2   sing N N 44  
DC  "O5'" "C5'"  sing N N 45  
DC  "C5'" "C4'"  sing N N 46  
DC  "C5'" "H5'"  sing N N 47  
DC  "C5'" "H5''" sing N N 48  
DC  "C4'" "O4'"  sing N N 49  
DC  "C4'" "C3'"  sing N N 50  
DC  "C4'" "H4'"  sing N N 51  
DC  "O4'" "C1'"  sing N N 52  
DC  "C3'" "O3'"  sing N N 53  
DC  "C3'" "C2'"  sing N N 54  
DC  "C3'" "H3'"  sing N N 55  
DC  "O3'" "HO3'" sing N N 56  
DC  "C2'" "C1'"  sing N N 57  
DC  "C2'" "H2'"  sing N N 58  
DC  "C2'" "H2''" sing N N 59  
DC  "C1'" N1     sing N N 60  
DC  "C1'" "H1'"  sing N N 61  
DC  N1    C2     sing N N 62  
DC  N1    C6     sing N N 63  
DC  C2    O2     doub N N 64  
DC  C2    N3     sing N N 65  
DC  N3    C4     doub N N 66  
DC  C4    N4     sing N N 67  
DC  C4    C5     sing N N 68  
DC  N4    H41    sing N N 69  
DC  N4    H42    sing N N 70  
DC  C5    C6     doub N N 71  
DC  C5    H5     sing N N 72  
DC  C6    H6     sing N N 73  
DT  OP3   P      sing N N 74  
DT  OP3   HOP3   sing N N 75  
DT  P     OP1    doub N N 76  
DT  P     OP2    sing N N 77  
DT  P     "O5'"  sing N N 78  
DT  OP2   HOP2   sing N N 79  
DT  "O5'" "C5'"  sing N N 80  
DT  "C5'" "C4'"  sing N N 81  
DT  "C5'" "H5'"  sing N N 82  
DT  "C5'" "H5''" sing N N 83  
DT  "C4'" "O4'"  sing N N 84  
DT  "C4'" "C3'"  sing N N 85  
DT  "C4'" "H4'"  sing N N 86  
DT  "O4'" "C1'"  sing N N 87  
DT  "C3'" "O3'"  sing N N 88  
DT  "C3'" "C2'"  sing N N 89  
DT  "C3'" "H3'"  sing N N 90  
DT  "O3'" "HO3'" sing N N 91  
DT  "C2'" "C1'"  sing N N 92  
DT  "C2'" "H2'"  sing N N 93  
DT  "C2'" "H2''" sing N N 94  
DT  "C1'" N1     sing N N 95  
DT  "C1'" "H1'"  sing N N 96  
DT  N1    C2     sing N N 97  
DT  N1    C6     sing N N 98  
DT  C2    O2     doub N N 99  
DT  C2    N3     sing N N 100 
DT  N3    C4     sing N N 101 
DT  N3    H3     sing N N 102 
DT  C4    O4     doub N N 103 
DT  C4    C5     sing N N 104 
DT  C5    C7     sing N N 105 
DT  C5    C6     doub N N 106 
DT  C7    H71    sing N N 107 
DT  C7    H72    sing N N 108 
DT  C7    H73    sing N N 109 
DT  C6    H6     sing N N 110 
EDO C1    O1     sing N N 111 
EDO C1    C2     sing N N 112 
EDO C1    H11    sing N N 113 
EDO C1    H12    sing N N 114 
EDO O1    HO1    sing N N 115 
EDO C2    O2     sing N N 116 
EDO C2    H21    sing N N 117 
EDO C2    H22    sing N N 118 
EDO O2    HO2    sing N N 119 
HOH O     H1     sing N N 120 
HOH O     H2     sing N N 121 
MOH C     O      sing N N 122 
MOH C     H1     sing N N 123 
MOH C     H2     sing N N 124 
MOH C     H3     sing N N 125 
MOH O     HO     sing N N 126 
XDD C09   C10    sing N N 127 
XDD C09   C08    sing N N 128 
XDD C10   C05    sing N N 129 
XDD O     C      doub N N 130 
XDD C     C03    sing N N 131 
XDD C08   CA     sing N N 132 
XDD C03   N04    sing N N 133 
XDD C05   CA     sing N N 134 
XDD C05   N04    sing N N 135 
XDD CA    N      sing N N 136 
XDD N04   C11    sing N N 137 
XDD C11   O23    doub N N 138 
XDD C11   C12    sing N N 139 
XDD N22   C21    doub Y N 140 
XDD N22   C16    sing Y N 141 
XDD C12   N13    sing N N 142 
XDD C21   N20    sing Y N 143 
XDD C16   N13    sing Y N 144 
XDD C16   C17    doub Y N 145 
XDD N13   C14    sing Y N 146 
XDD N20   C18    doub Y N 147 
XDD C17   C18    sing Y N 148 
XDD C17   N15    sing Y N 149 
XDD C18   N19    sing N N 150 
XDD C14   N15    doub Y N 151 
XDD C12   H121   sing N N 152 
XDD C12   H122   sing N N 153 
XDD C14   H141   sing N N 154 
XDD C10   H101   sing N N 155 
XDD C10   H102   sing N N 156 
XDD C03   H032   sing N N 157 
XDD C03   H031   sing N N 158 
XDD C05   H051   sing N N 159 
XDD CA    HA     sing N N 160 
XDD C08   H082   sing N N 161 
XDD C08   H081   sing N N 162 
XDD C09   H092   sing N N 163 
XDD C09   H091   sing N N 164 
XDD C21   H211   sing N N 165 
XDD N     H2     sing N N 166 
XDD N     H      sing N N 167 
XDD N19   H192   sing N N 168 
XDD N19   H191   sing N N 169 
XDD C     OXT    sing N N 170 
XDD OXT   HXT    sing N N 171 
XDJ C08   C09    sing N N 172 
XDJ C08   CA     sing N N 173 
XDJ C09   C10    sing N N 174 
XDJ CA    N      sing N N 175 
XDJ CA    C05    sing N N 176 
XDJ C10   C05    sing N N 177 
XDJ O     C      doub N N 178 
XDJ C05   N04    sing N N 179 
XDJ C03   C      sing N N 180 
XDJ C03   N04    sing N N 181 
XDJ N04   C11    sing N N 182 
XDJ C11   C12    sing N N 183 
XDJ C11   O24    doub N N 184 
XDJ C12   N13    sing N N 185 
XDJ N13   C14    sing Y N 186 
XDJ N13   C16    sing Y N 187 
XDJ C14   N15    doub Y N 188 
XDJ N22   C16    sing N N 189 
XDJ N22   C20    doub N N 190 
XDJ C16   C17    doub Y N 191 
XDJ N15   C17    sing Y N 192 
XDJ C17   C18    sing N N 193 
XDJ C20   N21    sing N N 194 
XDJ C20   N19    sing N N 195 
XDJ N19   C18    sing N N 196 
XDJ C18   O23    doub N N 197 
XDJ C03   H031   sing N N 198 
XDJ C03   H032   sing N N 199 
XDJ C05   H051   sing N N 200 
XDJ CA    HA     sing N N 201 
XDJ C08   H081   sing N N 202 
XDJ C08   H082   sing N N 203 
XDJ C09   H092   sing N N 204 
XDJ C09   H091   sing N N 205 
XDJ C10   H102   sing N N 206 
XDJ C10   H101   sing N N 207 
XDJ C12   H122   sing N N 208 
XDJ C12   H121   sing N N 209 
XDJ C14   H141   sing N N 210 
XDJ N     H      sing N N 211 
XDJ N     H2     sing N N 212 
XDJ N19   H191   sing N N 213 
XDJ N21   H211   sing N N 214 
XDJ N21   H212   sing N N 215 
XDJ C     OXT    sing N N 216 
XDJ OXT   HXT    sing N N 217 
XDV N01   C02    sing N N 218 
XDV C02   C03    sing N N 219 
XDV O04   C03    sing N N 220 
XDV O04   C05    sing N N 221 
XDV C05   C06    sing N N 222 
XDV C06   O07    sing N N 223 
XDV O07   C08    sing N N 224 
XDV C08   C09    sing N N 225 
XDV O11   C09    doub N N 226 
XDV C09   N10    sing N N 227 
XDV N10   H101   sing N N 228 
XDV N10   H102   sing N N 229 
XDV C02   H021   sing N N 230 
XDV C02   H022   sing N N 231 
XDV C03   H032   sing N N 232 
XDV C03   H031   sing N N 233 
XDV C05   H052   sing N N 234 
XDV C05   H051   sing N N 235 
XDV C06   H062   sing N N 236 
XDV C06   H061   sing N N 237 
XDV C08   H082   sing N N 238 
XDV C08   H081   sing N N 239 
XDV N01   H1     sing N N 240 
XDV N01   H2     sing N N 241 
XDY C09   C08    sing N N 242 
XDY C09   C10    sing N N 243 
XDY C08   CA     sing N N 244 
XDY C10   C05    sing N N 245 
XDY O     C      doub N N 246 
XDY CA    C05    sing N N 247 
XDY CA    N      sing N N 248 
XDY C     C03    sing N N 249 
XDY C03   N04    sing N N 250 
XDY C05   N04    sing N N 251 
XDY N04   C11    sing N N 252 
XDY C11   O22    doub N N 253 
XDY C11   C12    sing N N 254 
XDY C12   N13    sing N N 255 
XDY O21   C14    doub N N 256 
XDY N13   C14    sing N N 257 
XDY N13   C18    sing N N 258 
XDY C14   N15    sing N N 259 
XDY C18   C17    doub N N 260 
XDY N15   C16    sing N N 261 
XDY C17   C16    sing N N 262 
XDY C17   C19    sing N N 263 
XDY C16   O20    doub N N 264 
XDY C03   H032   sing N N 265 
XDY C03   H031   sing N N 266 
XDY C05   H051   sing N N 267 
XDY CA    HA     sing N N 268 
XDY C08   H081   sing N N 269 
XDY C08   H082   sing N N 270 
XDY C09   H092   sing N N 271 
XDY C09   H091   sing N N 272 
XDY C10   H101   sing N N 273 
XDY C10   H102   sing N N 274 
XDY C12   H121   sing N N 275 
XDY C12   H122   sing N N 276 
XDY C18   H181   sing N N 277 
XDY C19   H191   sing N N 278 
XDY C19   H192   sing N N 279 
XDY C19   H193   sing N N 280 
XDY N     H      sing N N 281 
XDY N     H2     sing N N 282 
XDY N15   H151   sing N N 283 
XDY C     OXT    sing N N 284 
XDY OXT   HXT    sing N N 285 
# 
_pdbx_audit_support.funding_organization   
'National Institutes of Health/National Institute of Diabetes and Digestive and Kidney Disease (NIH/NIDDK)' 
_pdbx_audit_support.country                'United States' 
_pdbx_audit_support.grant_number           ZIA-DK031143 
_pdbx_audit_support.ordinal                1 
# 
_pdbx_initial_refinement_model.accession_code   ? 
_pdbx_initial_refinement_model.id               1 
_pdbx_initial_refinement_model.entity_id_list   ? 
_pdbx_initial_refinement_model.type             'experimental model' 
_pdbx_initial_refinement_model.source_name      Other 
_pdbx_initial_refinement_model.details          I-SAD 
# 
_space_group.name_H-M_alt     'P 43 21 2' 
_space_group.name_Hall        'P 4nw 2abw' 
_space_group.IT_number        96 
_space_group.crystal_system   tetragonal 
_space_group.id               1 
# 
_atom_sites.entry_id                    7KZL 
_atom_sites.Cartn_transf_matrix[1][1]   ? 
_atom_sites.Cartn_transf_matrix[1][2]   ? 
_atom_sites.Cartn_transf_matrix[1][3]   ? 
_atom_sites.Cartn_transf_matrix[2][1]   ? 
_atom_sites.Cartn_transf_matrix[2][2]   ? 
_atom_sites.Cartn_transf_matrix[2][3]   ? 
_atom_sites.Cartn_transf_matrix[3][1]   ? 
_atom_sites.Cartn_transf_matrix[3][2]   ? 
_atom_sites.Cartn_transf_matrix[3][3]   ? 
_atom_sites.Cartn_transf_vector[1]      ? 
_atom_sites.Cartn_transf_vector[2]      ? 
_atom_sites.Cartn_transf_vector[3]      ? 
_atom_sites.fract_transf_matrix[1][1]   -0.00234674 
_atom_sites.fract_transf_matrix[1][2]   0.01330519 
_atom_sites.fract_transf_matrix[1][3]   0.01231353 
_atom_sites.fract_transf_matrix[2][1]   0.00002730 
_atom_sites.fract_transf_matrix[2][2]   0.01241885 
_atom_sites.fract_transf_matrix[2][3]   -0.01341379 
_atom_sites.fract_transf_matrix[3][1]   -0.02502219 
_atom_sites.fract_transf_matrix[3][2]   -0.00235146 
_atom_sites.fract_transf_matrix[3][3]   -0.00222796 
_atom_sites.fract_transf_vector[1]      -0.658058 
_atom_sites.fract_transf_vector[2]      0.079515 
_atom_sites.fract_transf_vector[3]      -0.224553 
_atom_sites.solution_primary            ? 
_atom_sites.solution_secondary          ? 
_atom_sites.solution_hydrogens          ? 
_atom_sites.special_details             ? 
# 
loop_
_atom_type.symbol 
_atom_type.scat_dispersion_real 
_atom_type.scat_dispersion_imag 
_atom_type.scat_Cromer_Mann_a1 
_atom_type.scat_Cromer_Mann_a2 
_atom_type.scat_Cromer_Mann_b1 
_atom_type.scat_Cromer_Mann_b2 
_atom_type.scat_Cromer_Mann_c 
_atom_type.scat_source 
_atom_type.scat_dispersion_source 
C  ? ? 3.54356  2.42580  25.62398 1.50364  0.0 
;2-Gaussian fit: Grosse-Kunstleve RW, Sauter NK, Adams PD: Newsletter of the IUCr Commission on Crystallographic Computing 2004, 3, 22-31.
;
? 
H  ? ? 0.51345  0.48472  24.73122 6.32584  0.0 
;2-Gaussian fit: Grosse-Kunstleve RW, Sauter NK, Adams PD: Newsletter of the IUCr Commission on Crystallographic Computing 2004, 3, 22-31.
;
? 
I  ? ? 40.26819 12.56501 1.42647  27.02115 0.0 
;2-Gaussian fit: Grosse-Kunstleve RW, Sauter NK, Adams PD: Newsletter of the IUCr Commission on Crystallographic Computing 2004, 3, 22-31.
;
? 
N  ? ? 4.01032  2.96436  19.97189 1.75589  0.0 
;2-Gaussian fit: Grosse-Kunstleve RW, Sauter NK, Adams PD: Newsletter of the IUCr Commission on Crystallographic Computing 2004, 3, 22-31.
;
? 
O  ? ? 4.49882  3.47563  15.80542 1.70748  0.0 
;2-Gaussian fit: Grosse-Kunstleve RW, Sauter NK, Adams PD: Newsletter of the IUCr Commission on Crystallographic Computing 2004, 3, 22-31.
;
? 
P  ? ? 9.51135  5.44231  1.42069  35.72801 0.0 
;2-Gaussian fit: Grosse-Kunstleve RW, Sauter NK, Adams PD: Newsletter of the IUCr Commission on Crystallographic Computing 2004, 3, 22-31.
;
? 
ZN ? ? 24.64596 5.25405  2.14387  29.76375 0.0 
;2-Gaussian fit: Grosse-Kunstleve RW, Sauter NK, Adams PD: Newsletter of the IUCr Commission on Crystallographic Computing 2004, 3, 22-31.
;
? 
# 
loop_
_atom_site.group_PDB 
_atom_site.id 
_atom_site.type_symbol 
_atom_site.label_atom_id 
_atom_site.label_alt_id 
_atom_site.label_comp_id 
_atom_site.label_asym_id 
_atom_site.label_entity_id 
_atom_site.label_seq_id 
_atom_site.pdbx_PDB_ins_code 
_atom_site.Cartn_x 
_atom_site.Cartn_y 
_atom_site.Cartn_z 
_atom_site.occupancy 
_atom_site.B_iso_or_equiv 
_atom_site.pdbx_formal_charge 
_atom_site.auth_seq_id 
_atom_site.auth_comp_id 
_atom_site.auth_asym_id 
_atom_site.auth_atom_id 
_atom_site.pdbx_PDB_model_num 
ATOM   1   O  "O5'" . DT  A 1 1  ? -7.34605  -18.16045 -1.96259  1.000 40.59659 ? 1   DT  A "O5'" 1 
ATOM   2   C  "C5'" . DT  A 1 1  ? -8.46204  -19.03100 -2.18002  1.000 27.78409 ? 1   DT  A "C5'" 1 
ATOM   3   C  "C4'" . DT  A 1 1  ? -9.76156  -18.26612 -2.05808  1.000 24.81721 ? 1   DT  A "C4'" 1 
ATOM   4   O  "O4'" . DT  A 1 1  ? -9.94056  -17.80060 -0.69597  1.000 23.58325 ? 1   DT  A "O4'" 1 
ATOM   5   C  "C3'" . DT  A 1 1  ? -9.86200  -17.02971 -2.93615  1.000 26.09872 ? 1   DT  A "C3'" 1 
ATOM   6   O  "O3'" . DT  A 1 1  ? -11.18802 -16.87584 -3.31396  1.000 29.12849 ? 1   DT  A "O3'" 1 
ATOM   7   C  "C2'" . DT  A 1 1  ? -9.42782  -15.91536 -1.98773  1.000 24.31040 ? 1   DT  A "C2'" 1 
ATOM   8   C  "C1'" . DT  A 1 1  ? -10.01669 -16.38544 -0.66270  1.000 24.13560 ? 1   DT  A "C1'" 1 
ATOM   9   N  N1    . DT  A 1 1  ? -9.21287  -15.93641 0.48586   1.000 21.71191 ? 1   DT  A N1    1 
ATOM   10  C  C2    . DT  A 1 1  ? -9.72896  -15.09673 1.45383   1.000 16.64723 ? 1   DT  A C2    1 
ATOM   11  O  O2    . DT  A 1 1  ? -10.85803 -14.69405 1.43839   1.000 21.61961 ? 1   DT  A O2    1 
ATOM   12  N  N3    . DT  A 1 1  ? -8.84090  -14.74047 2.46215   1.000 16.56046 ? 1   DT  A N3    1 
ATOM   13  C  C4    . DT  A 1 1  ? -7.55460  -15.12093 2.56358   1.000 15.18340 ? 1   DT  A C4    1 
ATOM   14  O  O4    . DT  A 1 1  ? -6.77897  -14.77901 3.49392   1.000 16.18915 ? 1   DT  A O4    1 
ATOM   15  C  C5    . DT  A 1 1  ? -7.17539  -15.97529 1.50438   1.000 19.03751 ? 1   DT  A C5    1 
ATOM   16  C  C6    . DT  A 1 1  ? -7.96805  -16.34189 0.54532   1.000 19.50229 ? 1   DT  A C6    1 
ATOM   17  P  P     . DA  A 1 2  ? -11.58338 -15.79415 -4.42578  1.000 31.08456 ? 2   DA  A P     1 
ATOM   18  O  OP1   . DA  A 1 2  ? -12.69675 -16.37127 -5.21532  1.000 37.64960 ? 2   DA  A OP1   1 
ATOM   19  O  OP2   . DA  A 1 2  ? -10.32522 -15.39255 -5.08233  1.000 31.64465 ? 2   DA  A OP2   1 
ATOM   20  O  "O5'" . DA  A 1 2  ? -12.14845 -14.57767 -3.57772  1.000 27.61708 ? 2   DA  A "O5'" 1 
ATOM   21  C  "C5'" . DA  A 1 2  ? -13.40724 -14.66613 -2.99054  1.000 28.02362 ? 2   DA  A "C5'" 1 
ATOM   22  C  "C4'" . DA  A 1 2  ? -13.79947 -13.31017 -2.45725  1.000 32.88014 ? 2   DA  A "C4'" 1 
ATOM   23  O  "O4'" . DA  A 1 2  ? -13.01885 -13.03997 -1.25583  1.000 27.31583 ? 2   DA  A "O4'" 1 
ATOM   24  C  "C3'" . DA  A 1 2  ? -13.51180 -12.15475 -3.42609  1.000 38.92592 ? 2   DA  A "C3'" 1 
ATOM   25  O  "O3'" . DA  A 1 2  ? -14.56729 -11.20000 -3.39564  1.000 36.08059 ? 2   DA  A "O3'" 1 
ATOM   26  C  "C2'" . DA  A 1 2  ? -12.21712 -11.55830 -2.89286  1.000 25.12295 ? 2   DA  A "C2'" 1 
ATOM   27  C  "C1'" . DA  A 1 2  ? -12.37836 -11.79425 -1.40076  1.000 29.75151 ? 2   DA  A "C1'" 1 
ATOM   28  N  N9    . DA  A 1 2  ? -11.10355 -11.83072 -0.71908  1.000 19.08015 ? 2   DA  A N9    1 
ATOM   29  C  C8    . DA  A 1 2  ? -9.99848  -12.54070 -1.05992  1.000 20.39173 ? 2   DA  A C8    1 
ATOM   30  N  N7    . DA  A 1 2  ? -8.97775  -12.34909 -0.25350  1.000 19.09944 ? 2   DA  A N7    1 
ATOM   31  C  C5    . DA  A 1 2  ? -9.45453  -11.43063 0.65643   1.000 17.53636 ? 2   DA  A C5    1 
ATOM   32  C  C6    . DA  A 1 2  ? -8.85773  -10.79268 1.75720   1.000 15.05203 ? 2   DA  A C6    1 
ATOM   33  N  N6    . DA  A 1 2  ? -7.58981  -10.99225 2.14579   1.000 15.62321 ? 2   DA  A N6    1 
ATOM   34  N  N1    . DA  A 1 2  ? -9.61712  -9.92269  2.43136   1.000 14.11553 ? 2   DA  A N1    1 
ATOM   35  C  C2    . DA  A 1 2  ? -10.87679 -9.71112  2.04333   1.000 15.34673 ? 2   DA  A C2    1 
ATOM   36  N  N3    . DA  A 1 2  ? -11.54594 -10.26542 1.03520   1.000 17.03706 ? 2   DA  A N3    1 
ATOM   37  C  C4    . DA  A 1 2  ? -10.76697 -11.11235 0.38686   1.000 14.73173 ? 2   DA  A C4    1 
ATOM   38  P  P     . DT  A 1 3  ? -14.50675 -9.90200  -4.34597  1.000 34.66718 ? 3   DT  A P     1 
ATOM   39  O  OP1   . DT  A 1 3  ? -15.91793 -9.60096  -4.65555  1.000 43.45980 ? 3   DT  A OP1   1 
ATOM   40  O  OP2   . DT  A 1 3  ? -13.50991 -10.06550 -5.42815  1.000 32.15849 ? 3   DT  A OP2   1 
ATOM   41  O  "O5'" . DT  A 1 3  ? -13.86114 -8.74801  -3.40853  1.000 28.03369 ? 3   DT  A "O5'" 1 
ATOM   42  C  "C5'" . DT  A 1 3  ? -14.58918 -8.25506  -2.33593  1.000 24.90928 ? 3   DT  A "C5'" 1 
ATOM   43  C  "C4'" . DT  A 1 3  ? -13.81214 -7.18573  -1.57980  1.000 18.60753 ? 3   DT  A "C4'" 1 
ATOM   44  O  "O4'" . DT  A 1 3  ? -12.66126 -7.75980  -0.97195  1.000 16.17327 ? 3   DT  A "O4'" 1 
ATOM   45  C  "C3'" . DT  A 1 3  ? -13.25920 -6.01604  -2.38334  1.000 17.34976 ? 3   DT  A "C3'" 1 
ATOM   46  O  "O3'" . DT  A 1 3  ? -14.23668 -4.98970  -2.39455  1.000 15.72425 ? 3   DT  A "O3'" 1 
ATOM   47  C  "C2'" . DT  A 1 3  ? -12.04025 -5.57887  -1.56683  1.000 22.65098 ? 3   DT  A "C2'" 1 
ATOM   48  C  "C1'" . DT  A 1 3  ? -11.91679 -6.67005  -0.50169  1.000 17.58146 ? 3   DT  A "C1'" 1 
ATOM   49  N  N1    . DT  A 1 3  ? -10.55135 -7.08575  -0.27210  1.000 14.47183 ? 3   DT  A N1    1 
ATOM   50  C  C2    . DT  A 1 3  ? -9.86267  -6.48149  0.75028   1.000 12.81434 ? 3   DT  A C2    1 
ATOM   51  O  O2    . DT  A 1 3  ? -10.35155 -5.63837  1.46606   1.000 13.92799 ? 3   DT  A O2    1 
ATOM   52  N  N3    . DT  A 1 3  ? -8.59319  -6.88576  0.88709   1.000 11.54485 ? 3   DT  A N3    1 
ATOM   53  C  C4    . DT  A 1 3  ? -7.92372  -7.81507  0.13795   1.000 11.84948 ? 3   DT  A C4    1 
ATOM   54  O  O4    . DT  A 1 3  ? -6.76871  -8.11474  0.36565   1.000 13.11402 ? 3   DT  A O4    1 
ATOM   55  C  C5    . DT  A 1 3  ? -8.69612  -8.40101  -0.95373  1.000 12.78510 ? 3   DT  A C5    1 
ATOM   56  C  C7    . DT  A 1 3  ? -8.07659  -9.41779  -1.86719  1.000 17.22852 ? 3   DT  A C7    1 
ATOM   57  C  C6    . DT  A 1 3  ? -9.95538  -8.00545  -1.09689  1.000 14.10434 ? 3   DT  A C6    1 
ATOM   58  P  P     . DC  A 1 4  ? -14.12236 -3.73191  -3.38340  1.000 15.82752 ? 4   DC  A P     1 
ATOM   59  O  OP1   . DC  A 1 4  ? -15.51909 -3.24293  -3.45082  1.000 17.81648 ? 4   DC  A OP1   1 
ATOM   60  O  OP2   . DC  A 1 4  ? -13.36235 -4.09440  -4.57792  1.000 17.78947 ? 4   DC  A OP2   1 
ATOM   61  O  "O5'" . DC  A 1 4  ? -13.15533 -2.70061  -2.64213  1.000 12.87079 ? 4   DC  A "O5'" 1 
ATOM   62  C  "C5'" . DC  A 1 4  ? -13.62856 -2.03275  -1.49975  1.000 14.72804 ? 4   DC  A "C5'" 1 
ATOM   63  C  "C4'" . DC  A 1 4  ? -12.52375 -1.18638  -0.93090  1.000 13.00254 ? 4   DC  A "C4'" 1 
ATOM   64  O  "O4'" . DC  A 1 4  ? -11.46787 -2.05812  -0.41520  1.000 12.37909 ? 4   DC  A "O4'" 1 
ATOM   65  C  "C3'" . DC  A 1 4  ? -11.83555 -0.24480  -1.94384  1.000 11.66216 ? 4   DC  A "C3'" 1 
ATOM   66  O  "O3'" . DC  A 1 4  ? -11.62071 1.00252   -1.31901  1.000 12.46637 ? 4   DC  A "O3'" 1 
ATOM   67  C  "C2'" . DC  A 1 4  ? -10.48407 -0.89286  -2.14909  1.000 12.27725 ? 4   DC  A "C2'" 1 
ATOM   68  C  "C1'" . DC  A 1 4  ? -10.26024 -1.44788  -0.73607  1.000 12.47691 ? 4   DC  A "C1'" 1 
ATOM   69  N  N1    . DC  A 1 4  ? -9.14415  -2.40718  -0.65157  1.000 11.33635 ? 4   DC  A N1    1 
ATOM   70  C  C2    . DC  A 1 4  ? -8.21578  -2.28756  0.38218   1.000 11.69319 ? 4   DC  A C2    1 
ATOM   71  O  O2    . DC  A 1 4  ? -8.40207  -1.41578  1.25220   1.000 12.71078 ? 4   DC  A O2    1 
ATOM   72  N  N3    . DC  A 1 4  ? -7.16066  -3.12095  0.42890   1.000 11.23140 ? 4   DC  A N3    1 
ATOM   73  C  C4    . DC  A 1 4  ? -7.04214  -4.08965  -0.49039  1.000 11.60800 ? 4   DC  A C4    1 
ATOM   74  N  N4    . DC  A 1 4  ? -5.98704  -4.87859  -0.42635  1.000 11.92317 ? 4   DC  A N4    1 
ATOM   75  C  C5    . DC  A 1 4  ? -8.00319  -4.26159  -1.53703  1.000 13.17701 ? 4   DC  A C5    1 
ATOM   76  C  C6    . DC  A 1 4  ? -9.02059  -3.40277  -1.59531  1.000 11.87516 ? 4   DC  A C6    1 
ATOM   77  P  P     . DA  A 1 5  ? -12.71086 2.18376   -1.45169  1.000 12.83193 ? 5   DA  A P     1 
ATOM   78  O  OP1   . DA  A 1 5  ? -14.01338 1.68627   -0.95666  1.000 14.09164 ? 5   DA  A OP1   1 
ATOM   79  O  OP2   . DA  A 1 5  ? -12.64676 2.68362   -2.82844  1.000 13.66304 ? 5   DA  A OP2   1 
ATOM   80  O  "O5'" . DA  A 1 5  ? -12.13706 3.25134   -0.40350  1.000 12.22908 ? 5   DA  A "O5'" 1 
ATOM   81  C  "C5'" . DA  A 1 5  ? -10.90870 3.90130   -0.63035  1.000 12.14626 ? 5   DA  A "C5'" 1 
ATOM   82  C  "C4'" . DA  A 1 5  ? -10.20912 4.08363   0.70535   1.000 11.25473 ? 5   DA  A "C4'" 1 
ATOM   83  O  "O4'" . DA  A 1 5  ? -9.72881  2.80084   1.19019   1.000 11.93630 ? 5   DA  A "O4'" 1 
ATOM   84  C  "C3'" . DA  A 1 5  ? -8.98253  4.95676   0.62714   1.000 10.76245 ? 5   DA  A "C3'" 1 
ATOM   85  O  "O3'" . DA  A 1 5  ? -9.39850  6.29109   0.87770   1.000 11.27492 ? 5   DA  A "O3'" 1 
ATOM   86  C  "C2'" . DA  A 1 5  ? -8.09454  4.40551   1.74105   1.000 12.55874 ? 5   DA  A "C2'" 1 
ATOM   87  C  "C1'" . DA  A 1 5  ? -8.38000  2.93281   1.64012   1.000 12.54316 ? 5   DA  A "C1'" 1 
ATOM   88  N  N9    . DA  A 1 5  ? -7.52584  2.16564   0.76587   1.000 11.08817 ? 5   DA  A N9    1 
ATOM   89  C  C8    . DA  A 1 5  ? -7.92538  1.43587   -0.33110  1.000 13.41168 ? 5   DA  A C8    1 
ATOM   90  N  N7    . DA  A 1 5  ? -6.96250  0.73685   -0.88508  1.000 13.50521 ? 5   DA  A N7    1 
ATOM   91  C  C5    . DA  A 1 5  ? -5.85019  1.00148   -0.06096  1.000 11.01609 ? 5   DA  A C5    1 
ATOM   92  C  C6    . DA  A 1 5  ? -4.51372  0.53654   -0.07959  1.000 11.04078 ? 5   DA  A C6    1 
ATOM   93  N  N6    . DA  A 1 5  ? -4.04852  -0.34585  -0.96966  1.000 12.16015 ? 5   DA  A N6    1 
ATOM   94  N  N1    . DA  A 1 5  ? -3.70014  0.96830   0.87161   1.000 10.90309 ? 5   DA  A N1    1 
ATOM   95  C  C2    . DA  A 1 5  ? -4.16754  1.82118   1.77695   1.000 10.98100 ? 5   DA  A C2    1 
ATOM   96  N  N3    . DA  A 1 5  ? -5.38353  2.32324   1.90930   1.000 10.37112 ? 5   DA  A N3    1 
ATOM   97  C  C4    . DA  A 1 5  ? -6.19256  1.86069   0.95904   1.000 10.43196 ? 5   DA  A C4    1 
ATOM   98  P  P     . DC  A 1 6  ? -8.85827  7.52003   0.00357   1.000 11.82746 ? 6   DC  A P     1 
ATOM   99  O  OP1   . DC  A 1 6  ? -9.77060  8.65537   0.32465   1.000 11.45834 ? 6   DC  A OP1   1 
ATOM   100 O  OP2   . DC  A 1 6  ? -8.60094  7.08364   -1.38608  1.000 12.83855 ? 6   DC  A OP2   1 
ATOM   101 O  "O5'" . DC  A 1 6  ? -7.43198  7.85611   0.60493   1.000 12.17743 ? 6   DC  A "O5'" 1 
ATOM   102 C  "C5'" . DC  A 1 6  ? -7.35555  8.37535   1.92826   1.000 12.94321 ? 6   DC  A "C5'" 1 
ATOM   103 C  "C4'" . DC  A 1 6  ? -5.96076  8.21590   2.47153   1.000 12.82725 ? 6   DC  A "C4'" 1 
ATOM   104 O  "O4'" . DC  A 1 6  ? -5.66271  6.81027   2.55609   1.000 12.86136 ? 6   DC  A "O4'" 1 
ATOM   105 C  "C3'" . DC  A 1 6  ? -4.84813  8.76417   1.61426   1.000 13.41707 ? 6   DC  A "C3'" 1 
ATOM   106 O  "O3'" . DC  A 1 6  ? -4.73266  10.16034  1.82647   1.000 12.74962 ? 6   DC  A "O3'" 1 
ATOM   107 C  "C2'" . DC  A 1 6  ? -3.64583  7.98218   2.13498   1.000 13.33904 ? 6   DC  A "C2'" 1 
ATOM   108 C  "C1'" . DC  A 1 6  ? -4.27574  6.61447   2.30530   1.000 13.59585 ? 6   DC  A "C1'" 1 
ATOM   109 N  N1    . DC  A 1 6  ? -4.13081  5.70449   1.13062   1.000 10.60114 ? 6   DC  A N1    1 
ATOM   110 C  C2    . DC  A 1 6  ? -2.93562  5.01703   0.98595   1.000 12.24523 ? 6   DC  A C2    1 
ATOM   111 O  O2    . DC  A 1 6  ? -2.04392  5.20316   1.83038   1.000 13.43702 ? 6   DC  A O2    1 
ATOM   112 N  N3    . DC  A 1 6  ? -2.79607  4.17388   -0.05258  1.000 10.90809 ? 6   DC  A N3    1 
ATOM   113 C  C4    . DC  A 1 6  ? -3.76755  4.01203   -0.94623  1.000 10.65846 ? 6   DC  A C4    1 
ATOM   114 N  N4    . DC  A 1 6  ? -3.56865  3.13360   -1.94076  1.000 10.75667 ? 6   DC  A N4    1 
ATOM   115 C  C5    . DC  A 1 6  ? -4.99281  4.73215   -0.84675  1.000 11.19595 ? 6   DC  A C5    1 
ATOM   116 C  C6    . DC  A 1 6  ? -5.13338  5.56806   0.19737   1.000 10.69394 ? 6   DC  A C6    1 
ATOM   117 P  P     . DA  A 1 7  ? -4.19815  11.10350  0.64950   1.000 15.81364 ? 7   DA  A P     1 
ATOM   118 O  OP1   . DA  A 1 7  ? -4.43953  12.51166  1.10575   1.000 17.67019 ? 7   DA  A OP1   1 
ATOM   119 O  OP2   . DA  A 1 7  ? -4.76963  10.66259  -0.64529  1.000 17.38325 ? 7   DA  A OP2   1 
ATOM   120 O  "O5'" . DA  A 1 7  ? -2.65710  10.81311  0.54133   1.000 14.81172 ? 7   DA  A "O5'" 1 
ATOM   121 C  "C5'" . DA  A 1 7  ? -1.79704  11.21503  1.58424   1.000 16.62811 ? 7   DA  A "C5'" 1 
ATOM   122 C  "C4'" . DA  A 1 7  ? -0.38320  10.73800  1.32531   1.000 15.87271 ? 7   DA  A "C4'" 1 
ATOM   123 O  "O4'" . DA  A 1 7  ? -0.36695  9.31145   1.33752   1.000 16.26038 ? 7   DA  A "O4'" 1 
ATOM   124 C  "C3'" . DA  A 1 7  ? 0.18004   11.09820  -0.03846  1.000 17.27554 ? 7   DA  A "C3'" 1 
ATOM   125 O  "O3'" . DA  A 1 7  ? 0.67607   12.42715  -0.01723  1.000 16.85849 ? 7   DA  A "O3'" 1 
ATOM   126 C  "C2'" . DA  A 1 7  ? 1.28092   10.06773  -0.19792  1.000 16.57583 ? 7   DA  A "C2'" 1 
ATOM   127 C  "C1'" . DA  A 1 7  ? 0.60878   8.84292   0.40881   1.000 14.18722 ? 7   DA  A "C1'" 1 
ATOM   128 N  N9    . DA  A 1 7  ? -0.06791  7.99088   -0.55132  1.000 12.93278 ? 7   DA  A N9    1 
ATOM   129 C  C8    . DA  A 1 7  ? -1.40011  7.96036   -0.85284  1.000 13.37723 ? 7   DA  A C8    1 
ATOM   130 N  N7    . DA  A 1 7  ? -1.72343  7.03216   -1.71007  1.000 14.05724 ? 7   DA  A N7    1 
ATOM   131 C  C5    . DA  A 1 7  ? -0.50739  6.44663   -2.04561  1.000 12.25651 ? 7   DA  A C5    1 
ATOM   132 C  C6    . DA  A 1 7  ? -0.15762  5.39381   -2.90924  1.000 11.24784 ? 7   DA  A C6    1 
ATOM   133 N  N6    . DA  A 1 7  ? -1.04089  4.70939   -3.64567  1.000 12.85472 ? 7   DA  A N6    1 
ATOM   134 N  N1    . DA  A 1 7  ? 1.15935   5.05552   -2.96956  1.000 11.59702 ? 7   DA  A N1    1 
ATOM   135 C  C2    . DA  A 1 7  ? 2.03740   5.73010   -2.22983  1.000 11.95284 ? 7   DA  A C2    1 
ATOM   136 N  N3    . DA  A 1 7  ? 1.81465   6.69718   -1.38348  1.000 11.81744 ? 7   DA  A N3    1 
ATOM   137 C  C4    . DA  A 1 7  ? 0.50733   7.02419   -1.33384  1.000 11.68243 ? 7   DA  A C4    1 
ATOM   138 P  P     . DT  A 1 8  ? 0.90886   13.23242  -1.38443  1.000 19.22379 ? 8   DT  A P     1 
ATOM   139 O  OP1   . DT  A 1 8  ? 1.22654   14.62596  -0.92531  1.000 21.22359 ? 8   DT  A OP1   1 
ATOM   140 O  OP2   . DT  A 1 8  ? -0.16618  12.96060  -2.35268  1.000 20.85349 ? 8   DT  A OP2   1 
ATOM   141 O  "O5'" . DT  A 1 8  ? 2.22328   12.59047  -2.03719  1.000 18.21330 ? 8   DT  A "O5'" 1 
ATOM   142 C  "C5'" . DT  A 1 8  ? 3.50951   12.78308  -1.45668  1.000 17.72234 ? 8   DT  A "C5'" 1 
ATOM   143 C  "C4'" . DT  A 1 8  ? 4.53083   11.98611  -2.23951  1.000 19.46647 ? 8   DT  A "C4'" 1 
ATOM   144 O  "O4'" . DT  A 1 8  ? 4.22229   10.58160  -2.12622  1.000 18.10338 ? 8   DT  A "O4'" 1 
ATOM   145 C  "C3'" . DT  A 1 8  ? 4.51587   12.22264  -3.74445  1.000 18.48506 ? 8   DT  A "C3'" 1 
ATOM   146 O  "O3'" . DT  A 1 8  ? 5.26300   13.38654  -4.09304  1.000 20.26227 ? 8   DT  A "O3'" 1 
ATOM   147 C  "C2'" . DT  A 1 8  ? 5.18891   10.97495  -4.25518  1.000 18.65182 ? 8   DT  A "C2'" 1 
ATOM   148 C  "C1'" . DT  A 1 8  ? 4.58144   9.93047   -3.33866  1.000 15.75328 ? 8   DT  A "C1'" 1 
ATOM   149 N  N1    . DT  A 1 8  ? 3.38032   9.25323   -3.91002  1.000 14.81658 ? 8   DT  A N1    1 
ATOM   150 C  C2    . DT  A 1 8  ? 3.57947   8.16242   -4.67606  1.000 15.22860 ? 8   DT  A C2    1 
ATOM   151 O  O2    . DT  A 1 8  ? 4.68787   7.73303   -4.92537  1.000 17.06019 ? 8   DT  A O2    1 
ATOM   152 N  N3    . DT  A 1 8  ? 2.44443   7.57808   -5.16907  1.000 13.85841 ? 8   DT  A N3    1 
ATOM   153 C  C4    . DT  A 1 8  ? 1.15265   7.99607   -4.96272  1.000 13.51058 ? 8   DT  A C4    1 
ATOM   154 O  O4    . DT  A 1 8  ? 0.20548   7.36583   -5.39019  1.000 12.99440 ? 8   DT  A O4    1 
ATOM   155 C  C5    . DT  A 1 8  ? 1.00160   9.19715   -4.16230  1.000 13.27578 ? 8   DT  A C5    1 
ATOM   156 C  C7    . DT  A 1 8  ? -0.35634  9.74913   -3.86347  1.000 14.53627 ? 8   DT  A C7    1 
ATOM   157 C  C6    . DT  A 1 8  ? 2.11824   9.76622   -3.68854  1.000 14.41380 ? 8   DT  A C6    1 
ATOM   158 P  P     . DC  A 1 9  ? 4.88463   14.20039  -5.41747  1.000 21.26568 ? 9   DC  A P     1 
ATOM   159 O  OP1   . DC  A 1 9  ? 5.70261   15.45448  -5.27002  1.000 22.37841 ? 9   DC  A OP1   1 
ATOM   160 O  OP2   . DC  A 1 9  ? 3.43968   14.28574  -5.63230  1.000 23.44371 ? 9   DC  A OP2   1 
ATOM   161 O  "O5'" . DC  A 1 9  ? 5.49855   13.33590  -6.61743  1.000 18.63536 ? 9   DC  A "O5'" 1 
ATOM   162 C  "C5'" . DC  A 1 9  ? 6.88607   13.08276  -6.62286  1.000 21.20531 ? 9   DC  A "C5'" 1 
ATOM   163 C  "C4'" . DC  A 1 9  ? 7.24553   12.08871  -7.71000  1.000 22.60910 ? 9   DC  A "C4'" 1 
ATOM   164 O  "O4'" . DC  A 1 9  ? 6.68756   10.79755  -7.36548  1.000 19.89252 ? 9   DC  A "O4'" 1 
ATOM   165 C  "C3'" . DC  A 1 9  ? 6.67613   12.40935  -9.08541  1.000 22.13737 ? 9   DC  A "C3'" 1 
ATOM   166 O  "O3'" . DC  A 1 9  ? 7.56197   13.28248  -9.79407  1.000 23.34775 ? 9   DC  A "O3'" 1 
ATOM   167 C  "C2'" . DC  A 1 9  ? 6.63110   11.03576  -9.73945  1.000 18.08954 ? 9   DC  A "C2'" 1 
ATOM   168 C  "C1'" . DC  A 1 9  ? 6.33719   10.10761  -8.55196  1.000 19.22733 ? 9   DC  A "C1'" 1 
ATOM   169 N  N1    . DC  A 1 9  ? 4.91428   9.71478   -8.47752  1.000 16.30121 ? 9   DC  A N1    1 
ATOM   170 C  C2    . DC  A 1 9  ? 4.50153   8.57991   -9.18141  1.000 15.03314 ? 9   DC  A C2    1 
ATOM   171 O  O2    . DC  A 1 9  ? 5.34607   7.93293   -9.81439  1.000 16.59690 ? 9   DC  A O2    1 
ATOM   172 N  N3    . DC  A 1 9  ? 3.20034   8.21892   -9.13461  1.000 14.08112 ? 9   DC  A N3    1 
ATOM   173 C  C4    . DC  A 1 9  ? 2.32552   8.94998   -8.42624  1.000 14.52756 ? 9   DC  A C4    1 
ATOM   174 N  N4    . DC  A 1 9  ? 1.05256   8.54705   -8.38954  1.000 14.30250 ? 9   DC  A N4    1 
ATOM   175 C  C5    . DC  A 1 9  ? 2.72904   10.12311  -7.70937  1.000 16.39590 ? 9   DC  A C5    1 
ATOM   176 C  C6    . DC  A 1 9  ? 4.02463   10.46624  -7.77007  1.000 17.75601 ? 9   DC  A C6    1 
HETATM 177 C  C     . XDJ B 2 1  ? 5.16555   -1.00621  -13.31002 1.000 14.84266 ? 1   XDJ B C     1 
HETATM 178 C  C03   . XDJ B 2 1  ? 3.84344   -1.09123  -13.99104 1.000 13.90822 ? 1   XDJ B C03   1 
HETATM 179 C  C05   . XDJ B 2 1  ? 3.23530   0.40811   -15.99934 1.000 13.80219 ? 1   XDJ B C05   1 
HETATM 180 C  CA    . XDJ B 2 1  ? 2.61977   -0.48993  -16.79347 1.000 14.50480 ? 1   XDJ B CA    1 
HETATM 181 C  C08   . XDJ B 2 1  ? 3.22815   -0.15646  -18.26527 1.000 17.48969 ? 1   XDJ B C08   1 
HETATM 182 C  C09   . XDJ B 2 1  ? 4.52526   0.23496   -18.09679 1.000 15.02480 ? 1   XDJ B C09   1 
HETATM 183 C  C10   . XDJ B 2 1  ? 4.75167   0.41131   -16.54873 1.000 15.36837 ? 1   XDJ B C10   1 
HETATM 184 C  C11   . XDJ B 2 1  ? 2.60370   0.98825   -13.59529 1.000 13.80308 ? 1   XDJ B C11   1 
HETATM 185 C  C12   . XDJ B 2 1  ? 1.91292   2.23059   -14.14350 1.000 14.24541 ? 1   XDJ B C12   1 
HETATM 186 C  C14   . XDJ B 2 1  ? -0.04199  2.92815   -12.77287 1.000 12.66899 ? 1   XDJ B C14   1 
HETATM 187 C  C16   . XDJ B 2 1  ? 1.80107   3.99153   -12.43869 1.000 12.47255 ? 1   XDJ B C16   1 
HETATM 188 C  C17   . XDJ B 2 1  ? 0.82723   4.51950   -11.61127 1.000 11.78473 ? 1   XDJ B C17   1 
HETATM 189 C  C18   . XDJ B 2 1  ? 1.17954   5.65728   -10.71008 1.000 12.37812 ? 1   XDJ B C18   1 
HETATM 190 C  C20   . XDJ B 2 1  ? 3.44504   5.46954   -11.64142 1.000 14.19937 ? 1   XDJ B C20   1 
HETATM 191 N  N04   . XDJ B 2 1  ? 3.27726   0.12156   -14.51861 1.000 12.71952 ? 1   XDJ B N04   1 
HETATM 192 N  N     . XDJ B 2 1  ? 1.16098   -0.37302  -16.82226 1.000 15.22158 ? 1   XDJ B N     1 
HETATM 193 N  N13   . XDJ B 2 1  ? 1.25174   3.01235   -13.13002 1.000 12.36577 ? 1   XDJ B N13   1 
HETATM 194 N  N15   . XDJ B 2 1  ? -0.32150  3.84558   -11.83743 1.000 13.89877 ? 1   XDJ B N15   1 
HETATM 195 N  N19   . XDJ B 2 1  ? 2.49695   6.06371   -10.80647 1.000 12.58050 ? 1   XDJ B N19   1 
HETATM 196 N  N21   . XDJ B 2 1  ? 4.75060   5.96367   -11.61473 1.000 13.16245 ? 1   XDJ B N21   1 
HETATM 197 N  N22   . XDJ B 2 1  ? 3.17513   4.40052   -12.52120 1.000 12.37421 ? 1   XDJ B N22   1 
HETATM 198 O  O     . XDJ B 2 1  ? 5.59949   -1.96949  -12.75999 1.000 18.24470 ? 1   XDJ B O     1 
HETATM 199 O  O23   . XDJ B 2 1  ? 0.43456   6.19817   -9.95759  1.000 12.54907 ? 1   XDJ B O23   1 
HETATM 200 O  O24   . XDJ B 2 1  ? 2.59161   0.76211   -12.41599 1.000 13.32082 ? 1   XDJ B O24   1 
HETATM 201 H  H031  . XDJ B 2 1  ? 3.93874   -1.71190  -14.73036 1.000 16.69593 ? 1   XDJ B H031  1 
HETATM 202 H  H032  . XDJ B 2 1  ? 3.21085   -1.45114  -13.34979 1.000 16.69593 ? 1   XDJ B H032  1 
HETATM 203 H  H051  . XDJ B 2 1  ? 2.74423   1.23748   -16.10835 1.000 16.56869 ? 1   XDJ B H051  1 
HETATM 204 H  HA    . XDJ B 2 1  ? 2.83000   -1.38344  -16.47988 1.000 17.41182 ? 1   XDJ B HA    1 
HETATM 205 H  H081  . XDJ B 2 1  ? 2.72026   0.56252   -18.67272 1.000 20.99370 ? 1   XDJ B H081  1 
HETATM 206 H  H082  . XDJ B 2 1  ? 3.19634   -0.95216  -18.81912 1.000 20.99370 ? 1   XDJ B H082  1 
HETATM 207 H  H092  . XDJ B 2 1  ? 4.67570   1.07948   -18.54960 1.000 18.03582 ? 1   XDJ B H092  1 
HETATM 208 H  H091  . XDJ B 2 1  ? 5.12239   -0.44759  -18.44097 1.000 18.03582 ? 1   XDJ B H091  1 
HETATM 209 H  H102  . XDJ B 2 1  ? 5.25751   -0.33099  -16.18264 1.000 18.44811 ? 1   XDJ B H102  1 
HETATM 210 H  H101  . XDJ B 2 1  ? 5.19224   1.25315   -16.35356 1.000 18.44811 ? 1   XDJ B H101  1 
HETATM 211 H  H122  . XDJ B 2 1  ? 1.25268   1.95295   -14.79763 1.000 17.10056 ? 1   XDJ B H122  1 
HETATM 212 H  H121  . XDJ B 2 1  ? 2.57849   2.78768   -14.57657 1.000 17.10056 ? 1   XDJ B H121  1 
HETATM 213 H  H141  . XDJ B 2 1  ? -0.65332  2.32161   -13.12400 1.000 15.20885 ? 1   XDJ B H141  1 
HETATM 214 H  H     . XDJ B 2 1  ? 0.80466   -0.94558  -16.24147 1.000 18.27197 ? 1   XDJ B H     1 
HETATM 215 H  H191  . XDJ B 2 1  ? 2.74939   6.72642   -10.31997 1.000 15.10267 ? 1   XDJ B H191  1 
HETATM 216 H  H211  . XDJ B 2 1  ? 5.34668   5.63756   -12.14454 1.000 15.80101 ? 1   XDJ B H211  1 
HETATM 217 H  H212  . XDJ B 2 1  ? 4.93795   6.62562   -11.09923 1.000 15.80101 ? 1   XDJ B H212  1 
HETATM 218 C  C12   . XDD B 2 2  ? 4.70024   2.22574   -10.39545 1.000 12.73727 ? 2   XDD B C12   1 
HETATM 219 C  C14   . XDD B 2 2  ? 2.26491   2.06348   -9.76844  1.000 12.01163 ? 2   XDD B C14   1 
HETATM 220 C  C16   . XDD B 2 2  ? 3.47168   3.59381   -8.76445  1.000 11.23798 ? 2   XDD B C16   1 
HETATM 221 C  C10   . XDD B 2 2  ? 8.75608   1.64517   -11.48612 1.000 14.01724 ? 2   XDD B C10   1 
HETATM 222 C  C11   . XDD B 2 2  ? 5.42072   1.06159   -9.74600  1.000 13.28501 ? 2   XDD B C11   1 
HETATM 223 C  C     . XDD B 2 2  ? 8.06172   -0.32512  -8.45273  1.000 14.66603 ? 2   XDD B C     1 
HETATM 224 C  C03   . XDD B 2 2  ? 7.30449   -0.50261  -9.76075  1.000 12.79245 ? 2   XDD B C03   1 
HETATM 225 C  C05   . XDD B 2 2  ? 7.14238   1.25233   -11.60646 1.000 12.82237 ? 2   XDD B C05   1 
HETATM 226 C  CA    . XDD B 2 2  ? 7.12286   0.40525   -12.67146 1.000 14.54388 ? 2   XDD B CA    1 
HETATM 227 C  C08   . XDD B 2 2  ? 8.15000   1.12551   -13.73318 1.000 17.08880 ? 2   XDD B C08   1 
HETATM 228 C  C09   . XDD B 2 2  ? 9.20834   1.77236   -12.81224 1.000 15.77557 ? 2   XDD B C09   1 
HETATM 229 C  C17   . XDD B 2 2  ? 2.15470   3.66628   -8.33392  1.000 11.05942 ? 2   XDD B C17   1 
HETATM 230 C  C18   . XDD B 2 2  ? 1.88289   4.67217   -7.39958  1.000 12.13816 ? 2   XDD B C18   1 
HETATM 231 C  C21   . XDD B 2 2  ? 4.07391   5.36816   -7.44339  1.000 11.63284 ? 2   XDD B C21   1 
HETATM 232 N  N04   . XDD B 2 2  ? 6.64586   0.63485   -10.34419 1.000 12.84463 ? 2   XDD B N04   1 
HETATM 233 N  N     . XDD B 2 2  ? 5.76190   0.26357   -13.24891 1.000 13.34193 ? 2   XDD B N     1 
HETATM 234 N  N13   . XDD B 2 2  ? 3.49428   2.60596   -9.65769  1.000 12.48345 ? 2   XDD B N13   1 
HETATM 235 N  N15   . XDD B 2 2  ? 1.44427   2.71226   -8.94567  1.000 12.48785 ? 2   XDD B N15   1 
HETATM 236 N  N19   . XDD B 2 2  ? 0.56666   4.85291   -6.88046  1.000 12.62535 ? 2   XDD B N19   1 
HETATM 237 N  N20   . XDD B 2 2  ? 2.83376   5.48350   -6.97246  1.000 11.70663 ? 2   XDD B N20   1 
HETATM 238 N  N22   . XDD B 2 2  ? 4.44086   4.43825   -8.32532  1.000 11.90562 ? 2   XDD B N22   1 
HETATM 239 O  O     . XDD B 2 2  ? 8.53854   -1.29227  -7.93477  1.000 17.50039 ? 2   XDD B O     1 
HETATM 240 O  O23   . XDD B 2 2  ? 5.00779   0.53384   -8.75141  1.000 12.52544 ? 2   XDD B O23   1 
HETATM 241 H  H2    . XDD B 2 2  ? 5.76467   0.55678   -14.08922 1.000 16.01639 ? 2   XDD B H2    1 
HETATM 242 H  H121  . XDD B 2 2  ? 4.44979   1.97507   -11.29842 1.000 15.29079 ? 2   XDD B H121  1 
HETATM 243 H  H122  . XDD B 2 2  ? 5.30072   2.98679   -10.42888 1.000 15.29079 ? 2   XDD B H122  1 
HETATM 244 H  H141  . XDD B 2 2  ? 2.03024   1.35633   -10.32500 1.000 14.42003 ? 2   XDD B H141  1 
HETATM 245 H  H101  . XDD B 2 2  ? 8.86202   2.48589   -11.01402 1.000 16.82676 ? 2   XDD B H101  1 
HETATM 246 H  H102  . XDD B 2 2  ? 9.24050   0.93710   -11.03349 1.000 16.82676 ? 2   XDD B H102  1 
HETATM 247 H  H032  . XDD B 2 2  ? 6.62504   -1.17768  -9.60737  1.000 15.35701 ? 2   XDD B H032  1 
HETATM 248 H  H031  . XDD B 2 2  ? 7.94018   -0.83081  -10.41578 1.000 15.35701 ? 2   XDD B H031  1 
HETATM 249 H  H051  . XDD B 2 2  ? 6.58042   2.02349   -11.78090 1.000 15.39291 ? 2   XDD B H051  1 
HETATM 250 H  HA    . XDD B 2 2  ? 7.43130   -0.47829  -12.41629 1.000 17.45872 ? 2   XDD B HA    1 
HETATM 251 H  H082  . XDD B 2 2  ? 8.55856   0.46681   -14.31636 1.000 20.51262 ? 2   XDD B H082  1 
HETATM 252 H  H081  . XDD B 2 2  ? 7.68790   1.80146   -14.25325 1.000 20.51262 ? 2   XDD B H081  1 
HETATM 253 H  H092  . XDD B 2 2  ? 10.05491  1.30979   -12.91348 1.000 18.93675 ? 2   XDD B H092  1 
HETATM 254 H  H091  . XDD B 2 2  ? 9.30401   2.71156   -13.03512 1.000 18.93675 ? 2   XDD B H091  1 
HETATM 255 H  H211  . XDD B 2 2  ? 4.71745   5.96766   -7.14116  1.000 13.96547 ? 2   XDD B H211  1 
HETATM 256 H  H192  . XDD B 2 2  ? 0.44683   5.31109   -6.16261  1.000 15.15649 ? 2   XDD B H192  1 
HETATM 257 H  H191  . XDD B 2 2  ? -0.10687  4.50366   -7.28544  1.000 15.15649 ? 2   XDD B H191  1 
HETATM 258 C  C     . XDY B 2 3  ? 8.41036   0.80880   -2.55075  1.000 16.05861 ? 3   XDY B C     1 
HETATM 259 C  C03   . XDY B 2 3  ? 8.51171   0.59983   -3.87226  1.000 16.29947 ? 3   XDY B C03   1 
HETATM 260 C  C05   . XDY B 2 3  ? 8.44637   2.18845   -5.87957  1.000 13.42491 ? 3   XDY B C05   1 
HETATM 261 C  CA    . XDY B 2 3  ? 9.11732   1.35538   -6.97471  1.000 14.78479 ? 3   XDY B CA    1 
HETATM 262 C  C08   . XDY B 2 3  ? 10.33720  2.14989   -7.46835  1.000 17.51934 ? 3   XDY B C08   1 
HETATM 263 C  C09   . XDY B 2 3  ? 10.56010  3.28110   -6.40319  1.000 19.97774 ? 3   XDY B C09   1 
HETATM 264 C  C10   . XDY B 2 3  ? 9.56202   3.00713   -5.22260  1.000 16.73319 ? 3   XDY B C10   1 
HETATM 265 C  C11   . XDY B 2 3  ? 6.33507   1.38117   -4.80912  1.000 13.13224 ? 3   XDY B C11   1 
HETATM 266 C  C12   . XDY B 2 3  ? 5.56171   2.17814   -5.80910  1.000 12.39556 ? 3   XDY B C12   1 
HETATM 267 C  C14   . XDY B 2 3  ? 3.59200   3.09911   -4.69012  1.000 12.08223 ? 3   XDY B C14   1 
HETATM 268 C  C16   . XDY B 2 3  ? 1.36091   2.14666   -5.15398  1.000 12.69685 ? 3   XDY B C16   1 
HETATM 269 C  C17   . XDY B 2 3  ? 1.98345   1.13040   -6.03416  1.000 12.28225 ? 3   XDY B C17   1 
HETATM 270 C  C18   . XDY B 2 3  ? 3.31672   1.13876   -6.20637  1.000 11.49138 ? 3   XDY B C18   1 
HETATM 271 C  C19   . XDY B 2 3  ? 1.10267   0.12350   -6.72289  1.000 12.98160 ? 3   XDY B C19   1 
HETATM 272 N  N04   . XDY B 2 3  ? 7.74887   1.39286   -4.85861  1.000 14.43869 ? 3   XDY B N04   1 
HETATM 273 N  N     . XDY B 2 3  ? 8.19399   1.04819   -8.08965  1.000 12.79905 ? 3   XDY B N     1 
HETATM 274 N  N13   . XDY B 2 3  ? 4.13451   2.15033   -5.57719  1.000 11.19167 ? 3   XDY B N13   1 
HETATM 275 N  N15   . XDY B 2 3  ? 2.20811   3.06454   -4.53392  1.000 11.36175 ? 3   XDY B N15   1 
HETATM 276 O  O     . XDY B 2 3  ? 8.81852   -0.04000  -1.79334  1.000 16.68408 ? 3   XDY B O     1 
HETATM 277 O  O20   . XDY B 2 3  ? 0.17170   2.20146   -4.96149  1.000 12.15668 ? 3   XDY B O20   1 
HETATM 278 O  O21   . XDY B 2 3  ? 4.25017   3.91143   -4.12349  1.000 12.28005 ? 3   XDY B O21   1 
HETATM 279 O  O22   . XDY B 2 3  ? 5.74487   0.74515   -4.00121  1.000 13.43767 ? 3   XDY B O22   1 
HETATM 280 H  H032  . XDY B 2 3  ? 8.37721   -0.35119  -4.00777  1.000 19.56543 ? 3   XDY B H032  1 
HETATM 281 H  H031  . XDY B 2 3  ? 9.46005   0.60554   -4.07602  1.000 19.56543 ? 3   XDY B H031  1 
HETATM 282 H  H051  . XDY B 2 3  ? 7.75809   2.73755   -6.28659  1.000 16.11595 ? 3   XDY B H051  1 
HETATM 283 H  HA    . XDY B 2 3  ? 9.38857   0.49750   -6.61225  1.000 17.74781 ? 3   XDY B HA    1 
HETATM 284 H  H081  . XDY B 2 3  ? 11.11611  1.57339   -7.51116  1.000 21.02927 ? 3   XDY B H081  1 
HETATM 285 H  H082  . XDY B 2 3  ? 10.15209  2.54065   -8.33664  1.000 21.02927 ? 3   XDY B H082  1 
HETATM 286 H  H092  . XDY B 2 3  ? 10.37399  4.14729   -6.79811  1.000 23.97935 ? 3   XDY B H092  1 
HETATM 287 H  H091  . XDY B 2 3  ? 11.47306  3.25153   -6.07681  1.000 23.97935 ? 3   XDY B H091  1 
HETATM 288 H  H101  . XDY B 2 3  ? 9.21165   3.84095   -4.87206  1.000 20.08589 ? 3   XDY B H101  1 
HETATM 289 H  H102  . XDY B 2 3  ? 9.99474   2.49348   -4.52273  1.000 20.08589 ? 3   XDY B H102  1 
HETATM 290 H  H121  . XDY B 2 3  ? 5.73773   1.81873   -6.69269  1.000 14.88073 ? 3   XDY B H121  1 
HETATM 291 H  H122  . XDY B 2 3  ? 5.86289   3.09932   -5.76887  1.000 14.88073 ? 3   XDY B H122  1 
HETATM 292 H  H181  . XDY B 2 3  ? 3.71666   0.48702   -6.73569  1.000 13.79572 ? 3   XDY B H181  1 
HETATM 293 H  H191  . XDY B 2 3  ? 1.64422   -0.44117  -7.29629  1.000 15.58399 ? 3   XDY B H191  1 
HETATM 294 H  H192  . XDY B 2 3  ? 0.43954   0.58664   -7.25830  1.000 15.58399 ? 3   XDY B H192  1 
HETATM 295 H  H193  . XDY B 2 3  ? 0.65646   -0.42407  -6.05809  1.000 15.58399 ? 3   XDY B H193  1 
HETATM 296 H  H     . XDY B 2 3  ? 8.13278   1.75475   -8.62737  1.000 15.36492 ? 3   XDY B H     1 
HETATM 297 H  H151  . XDY B 2 3  ? 1.85029   3.65191   -4.01761  1.000 13.64017 ? 3   XDY B H151  1 
HETATM 298 C  C     . XDJ B 2 4  ? 6.54975   1.18365   2.99200   1.000 14.91248 ? 4   XDJ B C     1 
HETATM 299 C  C03   . XDJ B 2 4  ? 7.06046   0.94511   1.61298   1.000 14.83045 ? 4   XDJ B C03   1 
HETATM 300 C  C05   . XDJ B 2 4  ? 7.25430   2.87175   -0.08088  1.000 14.20045 ? 4   XDJ B C05   1 
HETATM 301 C  CA    . XDJ B 2 4  ? 8.38004   2.55904   -0.76000  1.000 15.88754 ? 4   XDJ B CA    1 
HETATM 302 C  C08   . XDJ B 2 4  ? 9.25687   3.92369   -0.72533  1.000 20.50906 ? 4   XDJ B C08   1 
HETATM 303 C  C09   . XDJ B 2 4  ? 9.05072   4.53382   0.48227   1.000 17.59338 ? 4   XDJ B C09   1 
HETATM 304 C  C10   . XDJ B 2 4  ? 7.77754   3.83662   1.12589   1.000 14.89685 ? 4   XDJ B C10   1 
HETATM 305 C  C11   . XDJ B 2 4  ? 5.21328   1.32106   0.03033   1.000 12.54892 ? 4   XDJ B C11   1 
HETATM 306 C  C12   . XDJ B 2 4  ? 4.67479   2.10781   -1.15833  1.000 13.01711 ? 4   XDJ B C12   1 
HETATM 307 C  C14   . XDJ B 2 4  ? 3.04599   0.64476   -2.37742  1.000 11.77199 ? 4   XDJ B C14   1 
HETATM 308 C  C16   . XDJ B 2 4  ? 2.24222   2.19326   -1.11036  1.000 11.06226 ? 4   XDJ B C16   1 
HETATM 309 C  C17   . XDJ B 2 4  ? 1.22219   1.52126   -1.69698  1.000 9.86007  ? 4   XDJ B C17   1 
HETATM 310 C  C18   . XDJ B 2 4  ? -0.16426  1.95183   -1.38470  1.000 10.38039 ? 4   XDJ B C18   1 
HETATM 311 C  C20   . XDJ B 2 4  ? 0.82476   3.63927   0.09107   1.000 11.27953 ? 4   XDJ B C20   1 
HETATM 312 N  N04   . XDJ B 2 4  ? 6.48573   1.73459   0.55460   1.000 12.95158 ? 4   XDJ B N04   1 
HETATM 313 N  N     . XDJ B 2 4  ? 8.21286   2.17880   -2.18167  1.000 15.26900 ? 4   XDJ B N     1 
HETATM 314 N  N13   . XDJ B 2 4  ? 3.35614   1.64241   -1.55778  1.000 10.37048 ? 4   XDJ B N13   1 
HETATM 315 N  N15   . XDJ B 2 4  ? 1.71696   0.55737   -2.47177  1.000 11.57980 ? 4   XDJ B N15   1 
HETATM 316 N  N19   . XDJ B 2 4  ? -0.25473  3.00545   -0.49699  1.000 10.39945 ? 4   XDJ B N19   1 
HETATM 317 N  N21   . XDJ B 2 4  ? 0.58886   4.64687   0.96785   1.000 11.38475 ? 4   XDJ B N21   1 
HETATM 318 N  N22   . XDJ B 2 4  ? 2.13301   3.27790   -0.20777  1.000 11.04494 ? 4   XDJ B N22   1 
HETATM 319 O  O     . XDJ B 2 4  ? 7.16199   0.61520   3.85311   1.000 17.83325 ? 4   XDJ B O     1 
HETATM 320 O  O23   . XDJ B 2 4  ? -1.17224  1.46162   -1.83487  1.000 10.96644 ? 4   XDJ B O23   1 
HETATM 321 O  O24   . XDJ B 2 4  ? 4.62865   0.41085   0.51251   1.000 12.16221 ? 4   XDJ B O24   1 
HETATM 322 H  H031  . XDJ B 2 4  ? 6.90390   0.01169   1.40059   1.000 17.80261 ? 4   XDJ B H031  1 
HETATM 323 H  H032  . XDJ B 2 4  ? 8.01520   1.11629   1.62109   1.000 17.80261 ? 4   XDJ B H032  1 
HETATM 324 H  H051  . XDJ B 2 4  ? 6.67019   3.29040   -0.73239  1.000 17.04660 ? 4   XDJ B H051  1 
HETATM 325 H  HA    . XDJ B 2 4  ? 8.76997   1.80269   -0.29441  1.000 19.07111 ? 4   XDJ B HA    1 
HETATM 326 H  H081  . XDJ B 2 4  ? 10.19725  3.70671   -0.82272  1.000 24.61694 ? 4   XDJ B H081  1 
HETATM 327 H  H082  . XDJ B 2 4  ? 8.96752   4.51253   -1.43978  1.000 24.61694 ? 4   XDJ B H082  1 
HETATM 328 H  H092  . XDJ B 2 4  ? 8.87866   5.47926   0.35020   1.000 21.11812 ? 4   XDJ B H092  1 
HETATM 329 H  H091  . XDJ B 2 4  ? 9.82323   4.40450   1.05447   1.000 21.11812 ? 4   XDJ B H091  1 
HETATM 330 H  H102  . XDJ B 2 4  ? 7.10397   4.49453   1.35904   1.000 17.88229 ? 4   XDJ B H102  1 
HETATM 331 H  H101  . XDJ B 2 4  ? 8.02626   3.31313   1.90371   1.000 17.88229 ? 4   XDJ B H101  1 
HETATM 332 H  H122  . XDJ B 2 4  ? 5.28439   2.00634   -1.90598  1.000 15.62660 ? 4   XDJ B H122  1 
HETATM 333 H  H121  . XDJ B 2 4  ? 4.61785   3.04540   -0.91628  1.000 15.62660 ? 4   XDJ B H121  1 
HETATM 334 H  H141  . XDJ B 2 4  ? 3.65591   0.09573   -2.81496  1.000 14.13245 ? 4   XDJ B H141  1 
HETATM 335 H  H     . XDJ B 2 4  ? 8.40564   2.87533   -2.70106  1.000 18.32887 ? 4   XDJ B H     1 
HETATM 336 H  H191  . XDJ B 2 4  ? -1.04109  3.28879   -0.29460  1.000 12.48541 ? 4   XDJ B H191  1 
HETATM 337 H  H211  . XDJ B 2 4  ? 1.25500   5.07692   1.30619   1.000 13.66777 ? 4   XDJ B H211  1 
HETATM 338 H  H212  . XDJ B 2 4  ? -0.21743  4.90142   1.12163   1.000 13.66777 ? 4   XDJ B H212  1 
HETATM 339 C  C     . XDY B 2 5  ? 1.90855   1.21345   7.16572   1.000 11.84776 ? 5   XDY B C     1 
HETATM 340 C  C03   . XDY B 2 5  ? 2.96580   1.01915   6.34813   1.000 11.41317 ? 5   XDY B C03   1 
HETATM 341 C  C05   . XDY B 2 5  ? 3.73792   2.85206   4.65567   1.000 11.68639 ? 5   XDY B C05   1 
HETATM 342 C  CA    . XDY B 2 5  ? 5.21832   2.52459   4.53486   1.000 13.12406 ? 5   XDY B CA    1 
HETATM 343 C  C08   . XDY B 2 5  ? 5.99510   3.71265   5.05631   1.000 16.87602 ? 5   XDY B C08   1 
HETATM 344 C  C09   . XDY B 2 5  ? 5.07091   4.16019   6.23309   1.000 18.91055 ? 5   XDY B C09   1 
HETATM 345 C  C10   . XDY B 2 5  ? 3.59950   3.92185   5.74607   1.000 13.73951 ? 5   XDY B C10   1 
HETATM 346 C  C11   . XDY B 2 5  ? 2.13059   0.96048   4.07937   1.000 11.08684 ? 5   XDY B C11   1 
HETATM 347 C  C12   . XDY B 2 5  ? 2.03533   1.48988   2.66954   1.000 11.19462 ? 5   XDY B C12   1 
HETATM 348 C  C14   . XDY B 2 5  ? -0.20797  0.95465   1.88209   1.000 11.03605 ? 5   XDY B C14   1 
HETATM 349 C  C16   . XDY B 2 5  ? -0.59593  -0.99228  0.40966   1.000 11.71437 ? 5   XDY B C16   1 
HETATM 350 C  C17   . XDY B 2 5  ? 0.85942   -1.29202  0.46004   1.000 10.95393 ? 5   XDY B C17   1 
HETATM 351 C  C18   . XDY B 2 5  ? 1.66422   -0.48235  1.16446   1.000 10.68903 ? 5   XDY B C18   1 
HETATM 352 C  C19   . XDY B 2 5  ? 1.43139   -2.47002  -0.29169  1.000 11.44060 ? 5   XDY B C19   1 
HETATM 353 N  N04   . XDY B 2 5  ? 2.94583   1.64985   5.01567   1.000 11.48662 ? 5   XDY B N04   1 
HETATM 354 N  N     . XDY B 2 5  ? 5.58637   2.21835   3.17039   1.000 12.75109 ? 5   XDY B N     1 
HETATM 355 N  N13   . XDY B 2 5  ? 1.16624   0.65241   1.88545   1.000 10.93005 ? 5   XDY B N13   1 
HETATM 356 N  N15   . XDY B 2 5  ? -1.01199  0.12248   1.12233   1.000 10.96392 ? 5   XDY B N15   1 
HETATM 357 O  O     . XDY B 2 5  ? 1.77767   0.58853   8.20409   1.000 11.64295 ? 5   XDY B O     1 
HETATM 358 O  O20   . XDY B 2 5  ? -1.36674  -1.65476  -0.23842  1.000 11.92445 ? 5   XDY B O20   1 
HETATM 359 O  O21   . XDY B 2 5  ? -0.65317  1.85636   2.52910   1.000 11.04829 ? 5   XDY B O21   1 
HETATM 360 O  O22   . XDY B 2 5  ? 1.53871   -0.04028  4.41516   1.000 10.75724 ? 5   XDY B O22   1 
HETATM 361 H  H032  . XDY B 2 5  ? 3.76813   1.24066   6.84621   1.000 13.70186 ? 5   XDY B H032  1 
HETATM 362 H  H031  . XDY B 2 5  ? 3.12867   0.06419   6.29890   1.000 13.70186 ? 5   XDY B H031  1 
HETATM 363 H  H051  . XDY B 2 5  ? 3.39890   3.17222   3.80511   1.000 14.02974 ? 5   XDY B H051  1 
HETATM 364 H  HA    . XDY B 2 5  ? 5.42358   1.73351   5.05733   1.000 15.75494 ? 5   XDY B HA    1 
HETATM 365 H  H081  . XDY B 2 5  ? 6.87163   3.44825   5.37675   1.000 20.25729 ? 5   XDY B H081  1 
HETATM 366 H  H082  . XDY B 2 5  ? 6.07148   4.40730   4.38361   1.000 20.25729 ? 5   XDY B H082  1 
HETATM 367 H  H092  . XDY B 2 5  ? 5.20986   5.10029   6.42750   1.000 22.69873 ? 5   XDY B H092  1 
HETATM 368 H  H091  . XDY B 2 5  ? 5.25212   3.62522   7.02168   1.000 22.69873 ? 5   XDY B H091  1 
HETATM 369 H  H101  . XDY B 2 5  ? 3.22886   4.73790   5.37515   1.000 16.49348 ? 5   XDY B H101  1 
HETATM 370 H  H102  . XDY B 2 5  ? 3.05015   3.59370   6.47506   1.000 16.49348 ? 5   XDY B H102  1 
HETATM 371 H  H121  . XDY B 2 5  ? 1.67998   2.39224   2.68883   1.000 13.43961 ? 5   XDY B H121  1 
HETATM 372 H  H122  . XDY B 2 5  ? 2.91902   1.49887   2.26965   1.000 13.43961 ? 5   XDY B H122  1 
HETATM 373 H  H181  . XDY B 2 5  ? 2.57620   -0.66326  1.18586   1.000 12.83290 ? 5   XDY B H181  1 
HETATM 374 H  H191  . XDY B 2 5  ? 2.35842   -2.59738  -0.03616  1.000 13.73479 ? 5   XDY B H191  1 
HETATM 375 H  H192  . XDY B 2 5  ? 1.37914   -2.30118  -1.24545  1.000 13.73479 ? 5   XDY B H192  1 
HETATM 376 H  H193  . XDY B 2 5  ? 0.92403   -3.26821  -0.07634  1.000 13.73479 ? 5   XDY B H193  1 
HETATM 377 H  H151  . XDY B 2 5  ? -1.84948  0.31509   1.08902   1.000 13.16277 ? 5   XDY B H151  1 
HETATM 378 C  C     . XDJ B 2 6  ? -3.29145  -0.08679  9.46181   1.000 11.90561 ? 6   XDJ B C     1 
HETATM 379 C  C03   . XDJ B 2 6  ? -1.91726  0.08073   8.89752   1.000 11.17308 ? 6   XDJ B C03   1 
HETATM 380 C  C05   . XDJ B 2 6  ? -1.46055  2.03643   7.26376   1.000 11.16328 ? 6   XDJ B C05   1 
HETATM 381 C  CA    . XDJ B 2 6  ? -0.24994  2.46921   7.73523   1.000 10.38215 ? 6   XDJ B CA    1 
HETATM 382 C  C08   . XDJ B 2 6  ? -0.45762  4.05764   7.86832   1.000 13.20592 ? 6   XDJ B C08   1 
HETATM 383 C  C09   . XDJ B 2 6  ? -1.82938  4.32062   7.90676   1.000 12.78087 ? 6   XDJ B C09   1 
HETATM 384 C  C10   . XDJ B 2 6  ? -2.59898  2.93730   7.99619   1.000 11.45654 ? 6   XDJ B C10   1 
HETATM 385 C  C11   . XDJ B 2 6  ? -1.91902  -0.39270  6.48417   1.000 9.37595  ? 6   XDJ B C11   1 
HETATM 386 C  C12   . XDJ B 2 6  ? -1.66156  0.07823   5.06932   1.000 9.99751  ? 6   XDJ B C12   1 
HETATM 387 C  C14   . XDJ B 2 6  ? -0.87616  -1.94105  3.78058   1.000 10.59535 ? 6   XDJ B C14   1 
HETATM 388 C  C16   . XDJ B 2 6  ? -2.93636  -1.32493  3.56474   1.000 9.78924  ? 6   XDJ B C16   1 
HETATM 389 C  C17   . XDJ B 2 6  ? -2.71835  -2.42322  2.76686   1.000 10.73703 ? 6   XDJ B C17   1 
HETATM 390 C  C18   . XDJ B 2 6  ? -3.79077  -2.95858  1.91536   1.000 10.12556 ? 6   XDJ B C18   1 
HETATM 391 C  C20   . XDJ B 2 6  ? -5.14976  -1.17881  2.91168   1.000 11.24461 ? 6   XDJ B C20   1 
HETATM 392 N  N04   . XDJ B 2 6  ? -1.76880  0.55771   7.51675   1.000 10.41721 ? 6   XDJ B N04   1 
HETATM 393 N  N     . XDJ B 2 6  ? 0.85459   2.13167   6.85888   1.000 10.89158 ? 6   XDJ B N     1 
HETATM 394 N  N13   . XDJ B 2 6  ? -1.79453  -1.04457  4.15230   1.000 10.56084 ? 6   XDJ B N13   1 
HETATM 395 N  N15   . XDJ B 2 6  ? -1.44020  -2.77922  2.90453   1.000 10.75768 ? 6   XDJ B N15   1 
HETATM 396 N  N19   . XDJ B 2 6  ? -4.98095  -2.25913  2.05787   1.000 10.28743 ? 6   XDJ B N19   1 
HETATM 397 N  N21   . XDJ B 2 6  ? -6.38358  -0.58926  2.94973   1.000 10.90857 ? 6   XDJ B N21   1 
HETATM 398 N  N22   . XDJ B 2 6  ? -4.15847  -0.63190  3.70109   1.000 10.17657 ? 6   XDJ B N22   1 
HETATM 399 O  O     . XDJ B 2 6  ? -3.46399  -0.32601  10.62829  1.000 13.85888 ? 6   XDJ B O     1 
HETATM 400 O  O23   . XDJ B 2 6  ? -3.69466  -3.89502  1.19203   1.000 11.34971 ? 6   XDJ B O23   1 
HETATM 401 O  O24   . XDJ B 2 6  ? -2.17047  -1.51463  6.74798   1.000 9.86853  ? 6   XDJ B O24   1 
HETATM 402 H  H031  . XDJ B 2 6  ? -1.48104  -0.78411  8.94914   1.000 13.41376 ? 6   XDJ B H031  1 
HETATM 403 H  H032  . XDJ B 2 6  ? -1.44985  0.71016   9.46869   1.000 13.41376 ? 6   XDJ B H032  1 
HETATM 404 H  H051  . XDJ B 2 6  ? -1.43083  2.19112   6.30664   1.000 13.40200 ? 6   XDJ B H051  1 
HETATM 405 H  HA    . XDJ B 2 6  ? -0.05319  2.06429   8.59444   1.000 12.46464 ? 6   XDJ B HA    1 
HETATM 406 H  H081  . XDJ B 2 6  ? -0.04510  4.36970   8.68889   1.000 15.85317 ? 6   XDJ B H081  1 
HETATM 407 H  H082  . XDJ B 2 6  ? -0.06459  4.50029   7.09989   1.000 15.85317 ? 6   XDJ B H082  1 
HETATM 408 H  H092  . XDJ B 2 6  ? -2.09257  4.78540   7.09707   1.000 15.34311 ? 6   XDJ B H092  1 
HETATM 409 H  H091  . XDJ B 2 6  ? -2.03443  4.85599   8.68920   1.000 15.34311 ? 6   XDJ B H091  1 
HETATM 410 H  H102  . XDJ B 2 6  ? -3.43273  2.94862   7.50058   1.000 13.75392 ? 6   XDJ B H102  1 
HETATM 411 H  H101  . XDJ B 2 6  ? -2.75144  2.66092   8.91339   1.000 13.75392 ? 6   XDJ B H101  1 
HETATM 412 H  H122  . XDJ B 2 6  ? -2.30405  0.76594   4.83449   1.000 12.00308 ? 6   XDJ B H122  1 
HETATM 413 H  H121  . XDJ B 2 6  ? -0.76482  0.44275   5.00700   1.000 12.00308 ? 6   XDJ B H121  1 
HETATM 414 H  H141  . XDJ B 2 6  ? 0.00375   -1.97600  4.07966   1.000 12.72049 ? 6   XDJ B H141  1 
HETATM 415 H  H     . XDJ B 2 6  ? 1.15673   2.86914   6.46270   1.000 13.07596 ? 6   XDJ B H     1 
HETATM 416 H  H191  . XDJ B 2 6  ? -5.65561  -2.51099  1.58777   1.000 12.35098 ? 6   XDJ B H191  1 
HETATM 417 H  H211  . XDJ B 2 6  ? -6.51483  0.09742   3.44804   1.000 13.09635 ? 6   XDJ B H211  1 
HETATM 418 H  H212  . XDJ B 2 6  ? -7.00368  -0.91762  2.45913   1.000 13.09635 ? 6   XDJ B H212  1 
HETATM 419 C  C12   . XDD B 2 7  ? -5.69581  -2.14414  6.35705   1.000 10.75704 ? 7   XDD B C12   1 
HETATM 420 C  C14   . XDD B 2 7  ? -4.03417  -3.88173  5.61311   1.000 10.89807 ? 7   XDD B C14   1 
HETATM 421 C  C16   . XDD B 2 7  ? -6.01724  -3.89388  4.69021   1.000 9.59090  ? 7   XDD B C16   1 
HETATM 422 C  C10   . XDD B 2 7  ? -7.93613  0.94871   8.27133   1.000 11.97871 ? 7   XDD B C10   1 
HETATM 423 C  C11   . XDD B 2 7  ? -6.59555  -2.56728  7.50377   1.000 11.99516 ? 7   XDD B C11   1 
HETATM 424 C  C     . XDD B 2 7  ? -9.17595  -2.44852  9.40968   1.000 14.27656 ? 7   XDD B C     1 
HETATM 425 C  C03   . XDD B 2 7  ? -7.78076  -1.94136  9.55829   1.000 12.31244 ? 7   XDD B C03   1 
HETATM 426 C  C05   . XDD B 2 7  ? -6.65338  -0.11680  8.18331   1.000 10.33764 ? 7   XDD B C05   1 
HETATM 427 C  CA    . XDD B 2 7  ? -5.74751  0.32703   9.12731   1.000 11.77218 ? 7   XDD B CA    1 
HETATM 428 C  C08   . XDD B 2 7  ? -6.13854  1.87578   9.44771   1.000 12.80628 ? 7   XDD B C08   1 
HETATM 429 C  C09   . XDD B 2 7  ? -7.25834  2.15672   8.42702   1.000 11.85952 ? 7   XDD B C09   1 
HETATM 430 C  C17   . XDD B 2 7  ? -5.24244  -4.89803  4.18071   1.000 9.93541  ? 7   XDD B C17   1 
HETATM 431 C  C18   . XDD B 2 7  ? -5.85980  -5.69704  3.18317   1.000 10.56454 ? 7   XDD B C18   1 
HETATM 432 C  C21   . XDD B 2 7  ? -7.79077  -4.47899  3.36678   1.000 11.36414 ? 7   XDD B C21   1 
HETATM 433 N  N04   . XDD B 2 7  ? -7.05763  -1.54030  8.37781   1.000 11.36919 ? 7   XDD B N04   1 
HETATM 434 N  N     . XDD B 2 7  ? -4.35380  0.26971   8.60717   1.000 11.34630 ? 7   XDD B N     1 
HETATM 435 N  N13   . XDD B 2 7  ? -5.23396  -3.27913  5.59901   1.000 9.82884  ? 7   XDD B N13   1 
HETATM 436 N  N15   . XDD B 2 7  ? -4.00899  -4.88641  4.75127   1.000 10.63827 ? 7   XDD B N15   1 
HETATM 437 N  N19   . XDD B 2 7  ? -5.19862  -6.76465  2.56075   1.000 12.44264 ? 7   XDD B N19   1 
HETATM 438 N  N20   . XDD B 2 7  ? -7.10238  -5.48270  2.82110   1.000 10.20292 ? 7   XDD B N20   1 
HETATM 439 N  N22   . XDD B 2 7  ? -7.30146  -3.66972  4.31196   1.000 9.80458  ? 7   XDD B N22   1 
HETATM 440 O  O     . XDD B 2 7  ? -9.70999  -2.99787  10.35074  1.000 16.35920 ? 7   XDD B O     1 
HETATM 441 O  O23   . XDD B 2 7  ? -6.89384  -3.71726  7.64543   1.000 12.33445 ? 7   XDD B O23   1 
HETATM 442 H  H2    . XDD B 2 7  ? -4.19797  0.98307   8.09832   1.000 13.62162 ? 7   XDD B H2    1 
HETATM 443 H  H121  . XDD B 2 7  ? -6.19118  -1.55245  5.76933   1.000 12.91452 ? 7   XDD B H121  1 
HETATM 444 H  H122  . XDD B 2 7  ? -4.92886  -1.67105  6.71603   1.000 12.91452 ? 7   XDD B H122  1 
HETATM 445 H  H141  . XDD B 2 7  ? -3.32038  -3.62875  6.15292   1.000 13.08375 ? 7   XDD B H141  1 
HETATM 446 H  H101  . XDD B 2 7  ? -8.49992  0.75946   9.03762   1.000 14.38052 ? 7   XDD B H101  1 
HETATM 447 H  H102  . XDD B 2 7  ? -8.45840  0.94026   7.45397   1.000 14.38052 ? 7   XDD B H102  1 
HETATM 448 H  H032  . XDD B 2 7  ? -7.26523  -2.64414  9.98401   1.000 14.78099 ? 7   XDD B H032  1 
HETATM 449 H  H031  . XDD B 2 7  ? -7.81816  -1.17054  10.14596  1.000 14.78099 ? 7   XDD B H031  1 
HETATM 450 H  H051  . XDD B 2 7  ? -6.25110  -0.06532  7.30216   1.000 12.41123 ? 7   XDD B H051  1 
HETATM 451 H  HA    . XDD B 2 7  ? -5.84001  -0.21923  9.92352   1.000 14.13268 ? 7   XDD B HA    1 
HETATM 452 H  H082  . XDD B 2 7  ? -5.37994  2.46155   9.29841   1.000 15.37360 ? 7   XDD B H082  1 
HETATM 453 H  H081  . XDD B 2 7  ? -6.46731  1.96831   10.35559  1.000 15.37360 ? 7   XDD B H081  1 
HETATM 454 H  H092  . XDD B 2 7  ? -6.87606  2.43640   7.58052   1.000 14.23749 ? 7   XDD B H092  1 
HETATM 455 H  H091  . XDD B 2 7  ? -7.86042  2.83538   8.77026   1.000 14.23749 ? 7   XDD B H091  1 
HETATM 456 H  H211  . XDD B 2 7  ? -8.66106  -4.33389  3.07276   1.000 13.64303 ? 7   XDD B H211  1 
HETATM 457 H  H192  . XDD B 2 7  ? -5.60997  -7.24303  1.97633   1.000 14.93723 ? 7   XDD B H192  1 
HETATM 458 H  H191  . XDD B 2 7  ? -4.38168  -6.94117  2.76338   1.000 14.93723 ? 7   XDD B H191  1 
HETATM 459 C  C     . XDY B 2 8  ? -13.42742 -5.87657  9.07834   1.000 17.82124 ? 8   XDY B C     1 
HETATM 460 C  C03   . XDY B 2 8  ? -12.42652 -4.99876  9.18534   1.000 16.67497 ? 8   XDY B C03   1 
HETATM 461 C  C05   . XDY B 2 8  ? -11.78920 -3.31058  7.39678   1.000 14.27240 ? 8   XDY B C05   1 
HETATM 462 C  CA    . XDY B 2 8  ? -11.27671 -2.17777  8.24442   1.000 13.42492 ? 8   XDY B CA    1 
HETATM 463 C  C08   . XDY B 2 8  ? -11.91216 -0.91076  7.67312   1.000 13.38547 ? 8   XDY B C08   1 
HETATM 464 C  C09   . XDY B 2 8  ? -13.36952 -1.39058  7.37730   1.000 15.15982 ? 8   XDY B C09   1 
HETATM 465 C  C10   . XDY B 2 8  ? -13.27129 -2.95719  7.15266   1.000 17.15099 ? 8   XDY B C10   1 
HETATM 466 C  C11   . XDY B 2 8  ? -10.69872 -5.56344  7.44278   1.000 14.79539 ? 8   XDY B C11   1 
HETATM 467 C  C12   . XDY B 2 8  ? -9.88774  -5.17496  6.23422   1.000 13.26260 ? 8   XDY B C12   1 
HETATM 468 C  C14   . XDY B 2 8  ? -9.57532  -7.18578  4.80715   1.000 13.85287 ? 8   XDY B C14   1 
HETATM 469 C  C16   . XDY B 2 8  ? -7.42718  -8.37314  4.80055   1.000 12.12602 ? 8   XDY B C16   1 
HETATM 470 C  C17   . XDY B 2 8  ? -6.90615  -7.40964  5.78841   1.000 11.90725 ? 8   XDY B C17   1 
HETATM 471 C  C18   . XDY B 2 8  ? -7.69101  -6.43078  6.23353   1.000 13.34247 ? 8   XDY B C18   1 
HETATM 472 C  C19   . XDY B 2 8  ? -5.48414  -7.58683  6.28290   1.000 13.30635 ? 8   XDY B C19   1 
HETATM 473 N  N04   . XDY B 2 8  ? -11.63036 -4.64370  8.00998   1.000 14.92169 ? 8   XDY B N04   1 
HETATM 474 N  N     . XDY B 2 8  ? -9.82702  -2.04112  8.23573   1.000 12.40558 ? 8   XDY B N     1 
HETATM 475 N  N13   . XDY B 2 8  ? -9.05982  -6.26555  5.75847   1.000 11.96204 ? 8   XDY B N13   1 
HETATM 476 N  N15   . XDY B 2 8  ? -8.74160  -8.20512  4.39020   1.000 12.52318 ? 8   XDY B N15   1 
HETATM 477 O  O     . XDY B 2 8  ? -13.96033 -6.28927  10.07296  1.000 20.52469 ? 8   XDY B O     1 
HETATM 478 O  O20   . XDY B 2 8  ? -6.76384  -9.26397  4.37000   1.000 12.45506 ? 8   XDY B O20   1 
HETATM 479 O  O21   . XDY B 2 8  ? -10.71574 -7.08653  4.43273   1.000 14.32995 ? 8   XDY B O21   1 
HETATM 480 O  O22   . XDY B 2 8  ? -10.58296 -6.63606  7.94262   1.000 13.59746 ? 8   XDY B O22   1 
HETATM 481 H  H032  . XDY B 2 8  ? -11.86795 -5.29320  9.92170   1.000 20.01603 ? 8   XDY B H032  1 
HETATM 482 H  H031  . XDY B 2 8  ? -12.78394 -4.21291  9.62759   1.000 20.01603 ? 8   XDY B H031  1 
HETATM 483 H  H051  . XDY B 2 8  ? -11.27752 -3.38777  6.57634   1.000 17.13295 ? 8   XDY B H051  1 
HETATM 484 H  HA    . XDY B 2 8  ? -11.51319 -2.34492  9.17018   1.000 16.11597 ? 8   XDY B HA    1 
HETATM 485 H  H081  . XDY B 2 8  ? -11.90767 -0.19404  8.32671   1.000 16.06863 ? 8   XDY B H081  1 
HETATM 486 H  H082  . XDY B 2 8  ? -11.46471 -0.63403  6.85820   1.000 16.06863 ? 8   XDY B H082  1 
HETATM 487 H  H092  . XDY B 2 8  ? -13.70863 -0.95829  6.57791   1.000 18.19785 ? 8   XDY B H092  1 
HETATM 488 H  H091  . XDY B 2 8  ? -13.94595 -1.19613  8.13282   1.000 18.19785 ? 8   XDY B H091  1 
HETATM 489 H  H101  . XDY B 2 8  ? -13.83513 -3.42222  7.79042   1.000 20.58726 ? 8   XDY B H101  1 
HETATM 490 H  H102  . XDY B 2 8  ? -13.52264 -3.18072  6.24284   1.000 20.58726 ? 8   XDY B H102  1 
HETATM 491 H  H121  . XDY B 2 8  ? -9.31573  -4.42747  6.46866   1.000 15.92119 ? 8   XDY B H121  1 
HETATM 492 H  H122  . XDY B 2 8  ? -10.49265 -4.90889  5.52416   1.000 15.92119 ? 8   XDY B H122  1 
HETATM 493 H  H181  . XDY B 2 8  ? -7.35694  -5.83558  6.86524   1.000 16.01703 ? 8   XDY B H181  1 
HETATM 494 H  H191  . XDY B 2 8  ? -4.90749  -7.81044  5.53566   1.000 15.97368 ? 8   XDY B H191  1 
HETATM 495 H  H192  . XDY B 2 8  ? -5.45635  -8.30166  6.93801   1.000 15.97368 ? 8   XDY B H192  1 
HETATM 496 H  H193  . XDY B 2 8  ? -5.17874  -6.76177  6.69143   1.000 15.97368 ? 8   XDY B H193  1 
HETATM 497 H  H     . XDY B 2 8  ? -9.49456  -2.45260  7.52002   1.000 14.89276 ? 8   XDY B H     1 
HETATM 498 H  H151  . XDY B 2 8  ? -9.06131  -8.77848  3.83465   1.000 15.03389 ? 8   XDY B H151  1 
HETATM 499 C  C12   . XDD B 2 9  ? -12.37897 -9.16709  6.39441   1.000 15.51301 ? 9   XDD B C12   1 
HETATM 500 C  C14   . XDD B 2 9  ? -10.01602 -9.46052  7.18879   1.000 11.83866 ? 9   XDD B C14   1 
HETATM 501 C  C16   . XDD B 2 9  ? -10.75080 -10.82463 5.64751   1.000 12.73186 ? 9   XDD B C16   1 
HETATM 502 C  C10   . XDD B 2 9  ? -16.47274 -8.06467  5.86992   1.000 17.39454 ? 9   XDD B C10   1 
HETATM 503 C  C11   . XDD B 2 9  ? -13.42030 -9.89163  7.22890   1.000 16.89737 ? 9   XDD B C11   1 
HETATM 504 C  C     . XDD B 2 9  ? -16.48907 -11.02996 7.53282   1.000 17.04615 ? 9   XDD B C     1 
HETATM 505 C  C03   . XDD B 2 9  ? -15.68762 -9.93657  8.21489   1.000 16.30016 ? 9   XDD B C03   1 
HETATM 506 C  C05   . XDD B 2 9  ? -15.01147 -7.97215  6.70191   1.000 16.98348 ? 9   XDD B C05   1 
HETATM 507 C  CA    . XDD B 2 9  ? -15.18415 -6.97279  7.55782   1.000 18.02523 ? 9   XDD B CA    1 
HETATM 508 C  C08   . XDD B 2 9  ? -16.32378 -5.96975  6.89729   1.000 20.92015 ? 9   XDD B C08   1 
HETATM 509 C  C09   . XDD B 2 9  ? -16.73960 -6.72815  5.61038   1.000 22.94134 ? 9   XDD B C09   1 
HETATM 510 C  C17   . XDD B 2 9  ? -9.42478  -11.10596 5.91674   1.000 11.95355 ? 9   XDD B C17   1 
HETATM 511 C  C18   . XDD B 2 9  ? -8.85098  -12.17219 5.20096   1.000 12.90854 ? 9   XDD B C18   1 
HETATM 512 C  C21   . XDD B 2 9  ? -10.82908 -12.49795 4.06079   1.000 12.85083 ? 9   XDD B C21   1 
HETATM 513 N  N04   . XDD B 2 9  ? -14.71694 -9.26924  7.36999   1.000 15.96386 ? 9   XDD B N04   1 
HETATM 514 N  N     . XDD B 2 9  ? -13.91648 -6.19544  7.77500   1.000 15.54819 ? 9   XDD B N     1 
HETATM 515 N  N13   . XDD B 2 9  ? -11.07505 -9.81562  6.43505   1.000 13.15494 ? 9   XDD B N13   1 
HETATM 516 N  N15   . XDD B 2 9  ? -8.99836  -10.27267 6.86932   1.000 12.85390 ? 9   XDD B N15   1 
HETATM 517 N  N19   . XDD B 2 9  ? -7.49229  -12.54039 5.40235   1.000 13.66256 ? 9   XDD B N19   1 
HETATM 518 N  N20   . XDD B 2 9  ? -9.55958  -12.80590 4.30146   1.000 13.14826 ? 9   XDD B N20   1 
HETATM 519 N  N22   . XDD B 2 9  ? -11.44440 -11.52387 4.70332   1.000 13.25488 ? 9   XDD B N22   1 
HETATM 520 O  O     . XDD B 2 9  ? -17.38207 -11.50875 8.18825   1.000 20.66396 ? 9   XDD B O     1 
HETATM 521 O  O23   . XDD B 2 9  ? -13.18033 -10.90181 7.77881   1.000 13.78447 ? 9   XDD B O23   1 
HETATM 522 H  H121  . XDD B 2 9  ? -12.68354 -9.13825  5.47391   1.000 18.62168 ? 9   XDD B H121  1 
HETATM 523 H  H122  . XDD B 2 9  ? -12.28673 -8.26172  6.73010   1.000 18.62168 ? 9   XDD B H122  1 
HETATM 524 H  H141  . XDD B 2 9  ? -9.99479  -8.77547  7.81740   1.000 14.21246 ? 9   XDD B H141  1 
HETATM 525 H  H101  . XDD B 2 9  ? -16.37286 -8.56605  5.04557   1.000 20.87951 ? 9   XDD B H101  1 
HETATM 526 H  H102  . XDD B 2 9  ? -17.16515 -8.45638  6.42493   1.000 20.87951 ? 9   XDD B H102  1 
HETATM 527 H  H032  . XDD B 2 9  ? -15.21422 -10.33220 8.96340   1.000 19.56626 ? 9   XDD B H032  1 
HETATM 528 H  H031  . XDD B 2 9  ? -16.30895 -9.26903  8.54542   1.000 19.56626 ? 9   XDD B H031  1 
HETATM 529 H  H051  . XDD B 2 9  ? -14.27049 -7.76073  6.11271   1.000 20.38624 ? 9   XDD B H051  1 
HETATM 530 H  HA    . XDD B 2 9  ? -15.50165 -7.35073  8.39284   1.000 21.63634 ? 9   XDD B HA    1 
HETATM 531 H  H082  . XDD B 2 9  ? -15.93902 -5.10626  6.67995   1.000 25.11025 ? 9   XDD B H082  1 
HETATM 532 H  H081  . XDD B 2 9  ? -17.07989 -5.86520  7.49584   1.000 25.11025 ? 9   XDD B H081  1 
HETATM 533 H  H092  . XDD B 2 9  ? -16.21253 -6.42181  4.85589   1.000 27.53567 ? 9   XDD B H092  1 
HETATM 534 H  H091  . XDD B 2 9  ? -17.68603 -6.60284  5.43868   1.000 27.53567 ? 9   XDD B H091  1 
HETATM 535 H  H211  . XDD B 2 9  ? -11.29760 -12.98332 3.42063   1.000 15.42706 ? 9   XDD B H211  1 
HETATM 536 H  H192  . XDD B 2 9  ? -7.04434  -12.19370 6.04946   1.000 16.40114 ? 9   XDD B H192  1 
HETATM 537 H  H191  . XDD B 2 9  ? -7.11878  -13.10968 4.87699   1.000 16.40114 ? 9   XDD B H191  1 
HETATM 538 N  N10   . XDV B 2 10 ? -24.48065 -8.74889  3.04419   1.000 23.58997 ? 10  XDV B N10   1 
HETATM 539 C  C02   . XDV B 2 10 ? -16.99771 -12.53466 5.66869   1.000 21.10101 ? 10  XDV B C02   1 
HETATM 540 C  C03   . XDV B 2 10 ? -18.28450 -11.91063 5.12282   1.000 33.61444 ? 10  XDV B C03   1 
HETATM 541 C  C05   . XDV B 2 10 ? -18.94453 -10.78832 3.15079   1.000 55.04999 ? 10  XDV B C05   1 
HETATM 542 C  C06   . XDV B 2 10 ? -19.66922 -9.53168  3.63158   1.000 58.89513 ? 10  XDV B C06   1 
HETATM 543 C  C08   . XDV B 2 10 ? -21.94744 -9.23817  3.02622   1.000 53.06863 ? 10  XDV B C08   1 
HETATM 544 C  C09   . XDV B 2 10 ? -23.29226 -9.18057  3.75922   1.000 47.54647 ? 10  XDV B C09   1 
HETATM 545 N  N01   . XDV B 2 10 ? -16.15997 -11.48591 6.22073   1.000 17.69844 ? 10  XDV B N01   1 
HETATM 546 O  O04   . XDV B 2 10 ? -17.92249 -11.06553 4.06523   1.000 41.31176 ? 10  XDV B O04   1 
HETATM 547 O  O07   . XDV B 2 10 ? -21.01449 -9.86155  3.86772   1.000 58.67947 ? 10  XDV B O07   1 
HETATM 548 O  O11   . XDV B 2 10 ? -23.36413 -9.48118  4.91118   1.000 36.25451 ? 10  XDV B O11   1 
HETATM 549 H  H101  . XDV B 2 10 ? -24.42787 -8.53262  2.21350   1.000 28.31403 ? 10  XDV B H101  1 
HETATM 550 H  H102  . XDV B 2 10 ? -25.23705 -8.70959  3.45154   1.000 28.31403 ? 10  XDV B H102  1 
HETATM 551 H  H021  . XDV B 2 10 ? -17.21580 -13.17645 6.36254   1.000 25.32728 ? 10  XDV B H021  1 
HETATM 552 H  H022  . XDV B 2 10 ? -16.52490 -12.98577 4.95185   1.000 25.32728 ? 10  XDV B H022  1 
HETATM 553 H  H032  . XDV B 2 10 ? -18.72543 -11.39909 5.81910   1.000 40.34340 ? 10  XDV B H032  1 
HETATM 554 H  H031  . XDV B 2 10 ? -18.87931 -12.60633 4.80175   1.000 40.34340 ? 10  XDV B H031  1 
HETATM 555 H  H052  . XDV B 2 10 ? -19.56507 -11.53298 3.11443   1.000 66.06606 ? 10  XDV B H052  1 
HETATM 556 H  H051  . XDV B 2 10 ? -18.56656 -10.63439 2.27082   1.000 66.06606 ? 10  XDV B H051  1 
HETATM 557 H  H062  . XDV B 2 10 ? -19.61600 -8.84274  2.95083   1.000 70.68023 ? 10  XDV B H062  1 
HETATM 558 H  H061  . XDV B 2 10 ? -19.26174 -9.21281  4.45205   1.000 70.68023 ? 10  XDV B H061  1 
HETATM 559 H  H082  . XDV B 2 10 ? -22.04267 -9.74965  2.20754   1.000 63.68842 ? 10  XDV B H082  1 
HETATM 560 H  H081  . XDV B 2 10 ? -21.64994 -8.33890  2.81721   1.000 63.68842 ? 10  XDV B H081  1 
HETATM 561 H  H1    . XDV B 2 10 ? -15.32935 -11.79027 6.31839   1.000 21.24419 ? 10  XDV B H1    1 
HETATM 562 I  I     . IOD C 3 .  ? -4.87052  -16.76711 1.89444   0.510 21.45558 ? 101 IOD A I     1 
HETATM 563 ZN ZN    . ZN  D 4 .  ? -6.85443  0.40072   -3.17573  0.270 16.30466 ? 102 ZN  A ZN    1 
HETATM 564 ZN ZN    . ZN  E 4 .  ? 4.45537   8.94599   3.28710   0.693 53.15907 ? 103 ZN  A ZN    1 
HETATM 565 C  C     . MOH F 5 .  ? -17.82209 -2.30646  8.84344   1.000 32.41379 ? 101 MOH B C     1 
HETATM 566 O  O     . MOH F 5 .  ? -18.93759 -2.94020  8.29711   1.000 40.59433 ? 101 MOH B O     1 
HETATM 567 C  C     . MOH G 5 .  ? -16.40747 -2.38615  4.57862   1.000 13.55694 ? 102 MOH B C     1 
HETATM 568 O  O     . MOH G 5 .  ? -16.90175 -2.21486  5.64755   1.000 18.16632 ? 102 MOH B O     1 
HETATM 569 C  C     . MOH H 5 .  ? -21.42831 -1.69798  4.93440   1.000 22.41617 ? 103 MOH B C     1 
HETATM 570 O  O     . MOH H 5 .  ? -20.21231 -1.22254  5.24307   1.000 12.58741 ? 103 MOH B O     1 
HETATM 571 C  C1    . EDO I 6 .  ? -19.94070 -5.41810  3.82662   1.000 36.91610 ? 104 EDO B C1    1 
HETATM 572 O  O1    . EDO I 6 .  ? -18.80492 -4.61257  3.67489   1.000 42.42107 ? 104 EDO B O1    1 
HETATM 573 C  C2    . EDO I 6 .  ? -20.71022 -4.84608  5.02847   1.000 31.42817 ? 104 EDO B C2    1 
HETATM 574 O  O2    . EDO I 6 .  ? -19.79623 -4.66510  6.08229   1.000 24.72532 ? 104 EDO B O2    1 
HETATM 575 ZN ZN    . ZN  J 4 .  ? -0.66862  -4.64137  2.48599   1.000 12.13267 ? 105 ZN  B ZN    1 
HETATM 576 ZN ZN    . ZN  K 4 .  ? -2.16456  3.57475   -10.81235 0.687 17.48600 ? 106 ZN  B ZN    1 
HETATM 577 ZN ZN    . ZN  L 4 .  ? -18.88967 -2.71841  5.89202   0.806 24.91401 ? 107 ZN  B ZN    1 
HETATM 578 ZN ZN    . ZN  M 4 .  ? -2.44382  4.51695   -11.42246 0.433 16.33669 ? 108 ZN  B ZN    1 
HETATM 579 O  O     . HOH N 7 .  ? 7.54349   15.94210  -9.48673  1.000 32.02413 ? 201 HOH A O     1 
HETATM 580 O  O     . HOH N 7 .  ? -16.34774 0.65794   -1.79826  1.000 17.77333 ? 202 HOH A O     1 
HETATM 581 O  O     . HOH N 7 .  ? -3.37414  14.83770  1.93572   1.000 22.33516 ? 203 HOH A O     1 
HETATM 582 O  O     . HOH N 7 .  ? 1.86240   16.43119  -5.23139  1.000 35.09173 ? 204 HOH A O     1 
HETATM 583 O  O     . HOH N 7 .  ? -9.82641  6.17928   -3.61345  1.000 29.01063 ? 205 HOH A O     1 
HETATM 584 O  O     . HOH N 7 .  ? -6.51533  7.31975   -3.13587  1.000 24.43897 ? 206 HOH A O     1 
HETATM 585 O  O     . HOH N 7 .  ? -17.13143 -3.80993  -1.31562  1.000 24.81585 ? 207 HOH A O     1 
HETATM 586 O  O     . HOH N 7 .  ? -14.10078 1.07297   1.71174   1.000 17.84986 ? 208 HOH A O     1 
HETATM 587 O  O     . HOH N 7 .  ? -2.49978  7.49814   -5.81572  1.000 17.88939 ? 209 HOH A O     1 
HETATM 588 O  O     . HOH N 7 .  ? -4.82088  -9.87293  -0.43534  1.000 22.66505 ? 210 HOH A O     1 
HETATM 589 O  O     . HOH N 7 .  ? -6.67351  13.00822  2.62228   1.000 18.28435 ? 211 HOH A O     1 
HETATM 590 O  O     . HOH N 7 .  ? -11.73533 -3.33547  2.05818   1.000 19.98575 ? 212 HOH A O     1 
HETATM 591 O  O     . HOH N 7 .  ? -12.46123 5.14075   -4.06420  1.000 18.96714 ? 213 HOH A O     1 
HETATM 592 O  O     . HOH N 7 .  ? 5.53234   17.04981  -7.52605  1.000 36.55855 ? 214 HOH A O     1 
HETATM 593 O  O     . HOH N 7 .  ? -14.16234 1.72158   -4.93967  1.000 18.40467 ? 215 HOH A O     1 
HETATM 594 O  O     . HOH N 7 .  ? 1.10870   12.81034  -5.14681  1.000 27.89380 ? 216 HOH A O     1 
HETATM 595 O  O     . HOH N 7 .  ? -11.29402 0.56752   1.83663   1.000 19.78997 ? 217 HOH A O     1 
HETATM 596 O  O     . HOH N 7 .  ? -5.49874  3.46096   4.49537   1.000 13.33324 ? 218 HOH A O     1 
HETATM 597 O  O     . HOH N 7 .  ? -10.28423 2.26139   -4.32445  1.000 27.32786 ? 219 HOH A O     1 
HETATM 598 O  O     . HOH N 7 .  ? -10.52732 -4.02265  -4.59418  1.000 26.44379 ? 220 HOH A O     1 
HETATM 599 O  O     . HOH N 7 .  ? -2.41347  4.13121   4.43173   1.000 25.39390 ? 221 HOH A O     1 
HETATM 600 O  O     . HOH N 7 .  ? -3.94638  6.65352   -3.54090  1.000 24.05069 ? 222 HOH A O     1 
HETATM 601 O  O     . HOH N 7 .  ? -4.23885  -14.99439 4.97524   1.000 30.60089 ? 223 HOH A O     1 
HETATM 602 O  O     . HOH N 7 .  ? -3.07591  12.02045  -2.68908  1.000 32.35443 ? 224 HOH A O     1 
HETATM 603 O  O     . HOH N 7 .  ? -9.16198  -12.88645 -3.95209  1.000 34.58447 ? 225 HOH A O     1 
HETATM 604 O  O     . HOH N 7 .  ? -10.84480 -8.88547  -4.61602  1.000 31.45131 ? 226 HOH A O     1 
HETATM 605 O  O     . HOH N 7 .  ? -5.17825  -12.33370 0.77371   1.000 32.78457 ? 227 HOH A O     1 
HETATM 606 O  O     . HOH N 7 .  ? -6.42174  -1.46544  -3.03046  1.000 24.16445 ? 228 HOH A O     1 
HETATM 607 O  O     . HOH N 7 .  ? -3.47911  -3.03652  -2.53856  1.000 29.20945 ? 229 HOH A O     1 
HETATM 608 O  O     . HOH N 7 .  ? -16.45740 -4.71144  -6.09733  1.000 37.94608 ? 230 HOH A O     1 
HETATM 609 O  O     . HOH N 7 .  ? -8.15732  11.17080  -0.74029  1.000 30.68657 ? 231 HOH A O     1 
HETATM 610 O  O     . HOH N 7 .  ? -5.22365  1.43699   -4.11222  1.000 22.61730 ? 232 HOH A O     1 
HETATM 611 O  O     . HOH N 7 .  ? -5.81041  -6.54367  -3.17326  1.000 18.65773 ? 233 HOH A O     1 
HETATM 612 O  O     . HOH N 7 .  ? -12.04287 10.73422  -0.80492  1.000 10.76758 ? 234 HOH A O     1 
HETATM 613 O  O     . HOH N 7 .  ? 7.31386   5.88964   -5.70841  1.000 32.05859 ? 235 HOH A O     1 
HETATM 614 O  O     . HOH N 7 .  ? -13.92310 -14.76526 2.79558   1.000 34.62481 ? 236 HOH A O     1 
HETATM 615 O  O     . HOH N 7 .  ? -3.13922  -6.12225  -1.75929  1.000 26.62584 ? 237 HOH A O     1 
HETATM 616 O  O     . HOH N 7 .  ? 2.44688   9.82428   3.56137   1.000 29.05113 ? 238 HOH A O     1 
HETATM 617 O  O     . HOH N 7 .  ? -8.09300  3.59482   -2.97041  1.000 21.03776 ? 239 HOH A O     1 
HETATM 618 O  O     . HOH N 7 .  ? -16.81920 -13.21432 0.09148   1.000 24.82529 ? 240 HOH A O     1 
HETATM 619 O  O     . HOH N 7 .  ? -8.11037  13.60055  -0.31846  1.000 34.38364 ? 241 HOH A O     1 
HETATM 620 O  O     . HOH N 7 .  ? -6.18883  4.97826   -4.53796  1.000 32.83204 ? 242 HOH A O     1 
HETATM 621 O  O     . HOH N 7 .  ? -10.93708 4.03083   -6.51143  1.000 36.70932 ? 243 HOH A O     1 
HETATM 622 O  O     . HOH N 7 .  ? -14.18353 -4.29692  2.82503   1.000 35.40495 ? 244 HOH A O     1 
HETATM 623 O  O     . HOH N 7 .  ? -12.70612 -0.19270  -6.26201  1.000 34.51060 ? 245 HOH A O     1 
HETATM 624 O  O     . HOH N 7 .  ? -9.18871  -6.32260  -4.44085  1.000 35.93829 ? 246 HOH A O     1 
HETATM 625 O  O     . HOH N 7 .  ? 1.74084   19.12532  -0.87639  1.000 40.83871 ? 247 HOH A O     1 
HETATM 626 O  O     . HOH O 7 .  ? -2.09317  -3.94911  -1.01686  1.000 15.65576 ? 201 HOH B O     1 
HETATM 627 O  O     . HOH O 7 .  ? -1.98841  5.34341   -9.75056  1.000 20.83156 ? 202 HOH B O     1 
HETATM 628 O  O     . HOH O 7 .  ? -18.08626 -11.04736 10.65545  1.000 25.36002 ? 203 HOH B O     1 
HETATM 629 O  O     . HOH O 7 .  ? -1.23849  2.83650   -9.08561  1.000 25.31054 ? 204 HOH B O     1 
HETATM 630 O  O     . HOH O 7 .  ? 8.51900   0.91248   6.16723   1.000 28.93786 ? 205 HOH B O     1 
HETATM 631 O  O     . HOH O 7 .  ? 6.82125   4.38392   -3.44254  1.000 17.71722 ? 206 HOH B O     1 
HETATM 632 O  O     . HOH O 7 .  ? -4.23778  -10.24597 4.53878   1.000 22.99981 ? 207 HOH B O     1 
HETATM 633 O  O     . HOH O 7 .  ? -11.51460 -12.86264 8.65213   1.000 14.62385 ? 208 HOH B O     1 
HETATM 634 O  O     . HOH O 7 .  ? -2.12137  -0.74080  12.95511  1.000 19.13768 ? 209 HOH B O     1 
HETATM 635 O  O     . HOH O 7 .  ? 7.78568   -3.55321  -12.39616 1.000 36.75981 ? 210 HOH B O     1 
HETATM 636 O  O     . HOH O 7 .  ? -1.57889  -5.82960  3.89862   1.000 12.92114 ? 211 HOH B O     1 
HETATM 637 O  O     . HOH O 7 .  ? -13.06937 -5.78662  5.07081   1.000 18.64093 ? 212 HOH B O     1 
HETATM 638 O  O     . HOH O 7 .  ? 0.56751   -1.67065  -3.69946  1.000 20.12358 ? 213 HOH B O     1 
HETATM 639 O  O     . HOH O 7 .  ? -1.87243  -0.48745  -3.71504  1.000 21.74750 ? 214 HOH B O     1 
HETATM 640 O  O     . HOH O 7 .  ? 4.31765   4.03942   1.46260   1.000 13.48875 ? 215 HOH B O     1 
HETATM 641 O  O     . HOH O 7 .  ? -7.99440  1.00106   4.62118   1.000 12.94018 ? 216 HOH B O     1 
HETATM 642 O  O     . HOH O 7 .  ? -2.09670  1.43946   -6.45132  1.000 26.82439 ? 217 HOH B O     1 
HETATM 643 O  O     . HOH O 7 .  ? -8.01518  -4.94700  11.50599  1.000 20.91976 ? 218 HOH B O     1 
HETATM 644 O  O     . HOH O 7 .  ? 0.42224   3.64232   4.49906   1.000 16.25635 ? 219 HOH B O     1 
HETATM 645 O  O     . HOH O 7 .  ? -4.58705  1.14780   5.87022   1.000 10.14591 ? 220 HOH B O     1 
HETATM 646 O  O     . HOH O 7 .  ? 7.18402   3.62684   -8.77056  1.000 14.38590 ? 221 HOH B O     1 
HETATM 647 O  O     . HOH O 7 .  ? -14.17159 -10.78878 4.29210   1.000 24.05059 ? 222 HOH B O     1 
HETATM 648 O  O     . HOH O 7 .  ? 0.54290   2.35274   -17.47459 1.000 15.89739 ? 223 HOH B O     1 
HETATM 649 O  O     . HOH O 7 .  ? 7.09528   5.08910   -13.05429 1.000 23.05340 ? 224 HOH B O     1 
HETATM 650 O  O     . HOH O 7 .  ? -8.94047  -1.54426  5.47445   1.000 12.28518 ? 225 HOH B O     1 
HETATM 651 O  O     . HOH O 7 .  ? 5.27243   -2.14685  -3.50612  1.000 29.26115 ? 226 HOH B O     1 
HETATM 652 O  O     . HOH O 7 .  ? 9.75942   -2.46906  -5.42927  1.000 33.89300 ? 227 HOH B O     1 
HETATM 653 O  O     . HOH O 7 .  ? -5.05535  -11.71845 7.03693   1.000 20.41062 ? 228 HOH B O     1 
HETATM 654 O  O     . HOH O 7 .  ? -2.54449  1.77336   -11.49433 1.000 30.08266 ? 229 HOH B O     1 
HETATM 655 O  O     . HOH O 7 .  ? 11.36030  -0.99739  -0.32172  1.000 32.65878 ? 230 HOH B O     1 
HETATM 656 O  O     . HOH O 7 .  ? 3.96642   -4.57366  -13.26607 1.000 38.58022 ? 231 HOH B O     1 
HETATM 657 O  O     . HOH O 7 .  ? 2.37230   6.34504   2.89650   1.000 20.55107 ? 232 HOH B O     1 
HETATM 658 O  O     . HOH O 7 .  ? -2.49003  -8.29621  2.91343   1.000 18.38134 ? 233 HOH B O     1 
HETATM 659 O  O     . HOH O 7 .  ? -2.52140  4.24551   -7.00287  1.000 32.74958 ? 234 HOH B O     1 
HETATM 660 O  O     . HOH O 7 .  ? -23.07051 -7.17138  0.69146   1.000 29.04221 ? 235 HOH B O     1 
HETATM 661 O  O     . HOH O 7 .  ? -0.25686  -0.48604  -13.99355 1.000 14.16887 ? 236 HOH B O     1 
HETATM 662 O  O     . HOH O 7 .  ? -12.64660 -5.07759  13.04915  1.000 38.63580 ? 237 HOH B O     1 
HETATM 663 O  O     . HOH O 7 .  ? -23.73900 -5.42143  4.08732   1.000 23.71159 ? 238 HOH B O     1 
HETATM 664 O  O     . HOH O 7 .  ? 10.50807  0.57360   2.55155   1.000 31.45412 ? 239 HOH B O     1 
HETATM 665 O  O     . HOH O 7 .  ? -0.45072  -4.17423  -2.73992  1.000 29.16141 ? 240 HOH B O     1 
HETATM 666 O  O     . HOH O 7 .  ? -14.21697 -8.15501  3.09046   1.000 29.67445 ? 241 HOH B O     1 
HETATM 667 O  O     . HOH O 7 .  ? 10.05454  -1.83619  -11.54078 1.000 23.65363 ? 242 HOH B O     1 
HETATM 668 O  O     . HOH O 7 .  ? 9.23360   -2.79423  -14.29917 1.000 39.93143 ? 243 HOH B O     1 
HETATM 669 O  O     . HOH O 7 .  ? -5.82647  -3.20890  12.19022  1.000 28.55031 ? 244 HOH B O     1 
HETATM 670 O  O     . HOH O 7 .  ? -17.80067 -7.75253  9.95433   1.000 27.27092 ? 245 HOH B O     1 
HETATM 671 O  O     . HOH O 7 .  ? 11.75557  -0.64570  -4.68831  1.000 23.34417 ? 246 HOH B O     1 
HETATM 672 O  O     . HOH O 7 .  ? -4.04749  3.50607   -9.95048  1.000 27.49211 ? 247 HOH B O     1 
HETATM 673 O  O     . HOH O 7 .  ? -14.43157 -2.25117  11.30277  1.000 38.29081 ? 248 HOH B O     1 
HETATM 674 O  O     . HOH O 7 .  ? 7.76878   -3.53461  -4.06496  1.000 32.48218 ? 249 HOH B O     1 
HETATM 675 O  O     . HOH O 7 .  ? 9.07358   5.40633   -10.73829 1.000 25.42926 ? 250 HOH B O     1 
# 
